data_8GJS
# 
_entry.id   8GJS 
# 
_audit_conform.dict_name       mmcif_pdbx.dic 
_audit_conform.dict_version    5.397 
_audit_conform.dict_location   http://mmcif.pdb.org/dictionaries/ascii/mmcif_pdbx.dic 
# 
loop_
_database_2.database_id 
_database_2.database_code 
_database_2.pdbx_database_accession 
_database_2.pdbx_DOI 
PDB   8GJS         pdb_00008gjs 10.2210/pdb8gjs/pdb 
WWPDB D_1000273029 ?            ?                   
# 
loop_
_pdbx_audit_revision_history.ordinal 
_pdbx_audit_revision_history.data_content_type 
_pdbx_audit_revision_history.major_revision 
_pdbx_audit_revision_history.minor_revision 
_pdbx_audit_revision_history.revision_date 
1 'Structure model' 1 0 2023-07-26 
2 'Structure model' 1 1 2023-08-09 
3 'Structure model' 2 0 2023-11-15 
4 'Structure model' 2 1 2024-10-09 
# 
_pdbx_audit_revision_details.ordinal             1 
_pdbx_audit_revision_details.revision_ordinal    1 
_pdbx_audit_revision_details.data_content_type   'Structure model' 
_pdbx_audit_revision_details.provider            repository 
_pdbx_audit_revision_details.type                'Initial release' 
_pdbx_audit_revision_details.description         ? 
_pdbx_audit_revision_details.details             ? 
# 
loop_
_pdbx_audit_revision_group.ordinal 
_pdbx_audit_revision_group.revision_ordinal 
_pdbx_audit_revision_group.data_content_type 
_pdbx_audit_revision_group.group 
1 2 'Structure model' 'Database references'  
2 3 'Structure model' 'Atomic model'         
3 3 'Structure model' 'Data collection'      
4 3 'Structure model' 'Derived calculations' 
5 4 'Structure model' 'Structure summary'    
# 
loop_
_pdbx_audit_revision_category.ordinal 
_pdbx_audit_revision_category.revision_ordinal 
_pdbx_audit_revision_category.data_content_type 
_pdbx_audit_revision_category.category 
1 2 'Structure model' citation                  
2 3 'Structure model' atom_site                 
3 3 'Structure model' chem_comp_atom            
4 3 'Structure model' chem_comp_bond            
5 3 'Structure model' struct_conn               
6 4 'Structure model' pdbx_entry_details        
7 4 'Structure model' pdbx_modification_feature 
# 
loop_
_pdbx_audit_revision_item.ordinal 
_pdbx_audit_revision_item.revision_ordinal 
_pdbx_audit_revision_item.data_content_type 
_pdbx_audit_revision_item.item 
1 2 'Structure model' '_citation.journal_volume'                     
2 2 'Structure model' '_citation.page_first'                         
3 2 'Structure model' '_citation.page_last'                          
4 3 'Structure model' '_atom_site.auth_atom_id'                      
5 3 'Structure model' '_atom_site.label_atom_id'                     
6 3 'Structure model' '_struct_conn.pdbx_leaving_atom_flag'          
7 3 'Structure model' '_struct_conn.ptnr1_label_atom_id'             
8 3 'Structure model' '_struct_conn.ptnr2_label_atom_id'             
9 4 'Structure model' '_pdbx_entry_details.has_protein_modification' 
# 
_pdbx_database_status.status_code                     REL 
_pdbx_database_status.status_code_sf                  REL 
_pdbx_database_status.status_code_mr                  ? 
_pdbx_database_status.entry_id                        8GJS 
_pdbx_database_status.recvd_initial_deposition_date   2023-03-16 
_pdbx_database_status.SG_entry                        N 
_pdbx_database_status.deposit_site                    RCSB 
_pdbx_database_status.process_site                    RCSB 
_pdbx_database_status.status_code_cs                  ? 
_pdbx_database_status.status_code_nmr_data            ? 
_pdbx_database_status.methods_development_category    ? 
_pdbx_database_status.pdb_format_compatible           Y 
# 
_pdbx_contact_author.id                 2 
_pdbx_contact_author.email              bjgraves101@gmail.com 
_pdbx_contact_author.name_first         Bradford 
_pdbx_contact_author.name_last          Graves 
_pdbx_contact_author.name_mi            ? 
_pdbx_contact_author.role               'principal investigator/group leader' 
_pdbx_contact_author.identifier_ORCID   0009-0002-3389-6168 
# 
loop_
_audit_author.name 
_audit_author.pdbx_ordinal 
_audit_author.identifier_ORCID 
'Graves, B.J.' 1 ? 
'Janson, C.'   2 ? 
'Lukacs, C.'   3 ? 
# 
_citation.abstract                  ? 
_citation.abstract_id_CAS           ? 
_citation.book_id_ISBN              ? 
_citation.book_publisher            ? 
_citation.book_publisher_city       ? 
_citation.book_title                ? 
_citation.coordinate_linkage        ? 
_citation.country                   US 
_citation.database_id_Medline       ? 
_citation.details                   ? 
_citation.id                        primary 
_citation.journal_abbrev            J.Med.Chem. 
_citation.journal_id_ASTM           JMCMAR 
_citation.journal_id_CSD            0151 
_citation.journal_id_ISSN           0022-2623 
_citation.journal_full              ? 
_citation.journal_issue             ? 
_citation.journal_volume            66 
_citation.language                  ? 
_citation.page_first                9401 
_citation.page_last                 9417 
_citation.title                     
'Discovery of Sulanemadlin (ALRN-6924), the First Cell-Permeating, Stabilized alpha-Helical Peptide in Clinical Development.' 
_citation.year                      2023 
_citation.database_id_CSD           ? 
_citation.pdbx_database_id_DOI      10.1021/acs.jmedchem.3c00623 
_citation.pdbx_database_id_PubMed   37439511 
_citation.pdbx_database_id_patent   ? 
_citation.unpublished_flag          ? 
# 
loop_
_citation_author.citation_id 
_citation_author.name 
_citation_author.ordinal 
_citation_author.identifier_ORCID 
primary 'Guerlavais, V.' 1  ?                   
primary 'Sawyer, T.K.'   2  ?                   
primary 'Carvajal, L.'   3  ?                   
primary 'Chang, Y.S.'    4  ?                   
primary 'Graves, B.'     5  ?                   
primary 'Ren, J.G.'      6  ?                   
primary 'Sutton, D.'     7  ?                   
primary 'Olson, K.A.'    8  ?                   
primary 'Packman, K.'    9  ?                   
primary 'Darlak, K.'     10 ?                   
primary 'Elkin, C.'      11 ?                   
primary 'Feyfant, E.'    12 ?                   
primary 'Kesavan, K.'    13 ?                   
primary 'Gangurde, P.'   14 ?                   
primary 'Vassilev, L.T.' 15 ?                   
primary 'Nash, H.M.'     16 ?                   
primary 'Vukovic, V.'    17 ?                   
primary 'Aivado, M.'     18 ?                   
primary 'Annis, D.A.'    19 0000-0002-3953-4590 
# 
loop_
_entity.id 
_entity.type 
_entity.src_method 
_entity.pdbx_description 
_entity.formula_weight 
_entity.pdbx_number_of_molecules 
_entity.pdbx_ec 
_entity.pdbx_mutation 
_entity.pdbx_fragment 
_entity.details 
1 polymer man 'Protein Mdm4'                                                          10322.081 1   ? ? ? 
'The sequence is a humanized form of zebra fish MDM4 employing L46V and V95L mutations' 
2 polymer syn ACE-LEU-THR-PHE-ALA-GLU-TYR-TRP-ALA-GLN-LEU-DAL-ALA-ALA-ALA-ALA-ALA-DAL 1919.265  1   ? ? ? ? 
3 water   nat water                                                                   18.015    126 ? ? ? ? 
# 
_entity_name_com.entity_id   1 
_entity_name_com.name        'Double minute 4 protein,Mdm2-like p53-binding protein,Protein Mdmx,p53-binding protein Mdm4' 
# 
loop_
_entity_poly.entity_id 
_entity_poly.type 
_entity_poly.nstd_linkage 
_entity_poly.nstd_monomer 
_entity_poly.pdbx_seq_one_letter_code 
_entity_poly.pdbx_seq_one_letter_code_can 
_entity_poly.pdbx_strand_id 
_entity_poly.pdbx_target_identifier 
1 'polypeptide(L)' no no  
;LPGEGTQVHPRAPLLQILKVAGAQEEVFTVKEVMHYLGQYIMMKQLYDKQRQHIVHCHDDPLGELLEVGSFSVKNPSPLY
EMLKRNLVIL
;
;LPGEGTQVHPRAPLLQILKVAGAQEEVFTVKEVMHYLGQYIMMKQLYDKQRQHIVHCHDDPLGELLEVGSFSVKNPSPLY
EMLKRNLVIL
;
A ? 
2 'polypeptide(L)' no yes '(ACE)LTF(0EH)EYWAQL(MK8)AAAAA(DAL)'                                                          
XLTFXEYWAQLLAAAAAA                                                                            B ? 
# 
_pdbx_entity_nonpoly.entity_id   3 
_pdbx_entity_nonpoly.name        water 
_pdbx_entity_nonpoly.comp_id     HOH 
# 
loop_
_entity_poly_seq.entity_id 
_entity_poly_seq.num 
_entity_poly_seq.mon_id 
_entity_poly_seq.hetero 
1 1  LEU n 
1 2  PRO n 
1 3  GLY n 
1 4  GLU n 
1 5  GLY n 
1 6  THR n 
1 7  GLN n 
1 8  VAL n 
1 9  HIS n 
1 10 PRO n 
1 11 ARG n 
1 12 ALA n 
1 13 PRO n 
1 14 LEU n 
1 15 LEU n 
1 16 GLN n 
1 17 ILE n 
1 18 LEU n 
1 19 LYS n 
1 20 VAL n 
1 21 ALA n 
1 22 GLY n 
1 23 ALA n 
1 24 GLN n 
1 25 GLU n 
1 26 GLU n 
1 27 VAL n 
1 28 PHE n 
1 29 THR n 
1 30 VAL n 
1 31 LYS n 
1 32 GLU n 
1 33 VAL n 
1 34 MET n 
1 35 HIS n 
1 36 TYR n 
1 37 LEU n 
1 38 GLY n 
1 39 GLN n 
1 40 TYR n 
1 41 ILE n 
1 42 MET n 
1 43 MET n 
1 44 LYS n 
1 45 GLN n 
1 46 LEU n 
1 47 TYR n 
1 48 ASP n 
1 49 LYS n 
1 50 GLN n 
1 51 ARG n 
1 52 GLN n 
1 53 HIS n 
1 54 ILE n 
1 55 VAL n 
1 56 HIS n 
1 57 CYS n 
1 58 HIS n 
1 59 ASP n 
1 60 ASP n 
1 61 PRO n 
1 62 LEU n 
1 63 GLY n 
1 64 GLU n 
1 65 LEU n 
1 66 LEU n 
1 67 GLU n 
1 68 VAL n 
1 69 GLY n 
1 70 SER n 
1 71 PHE n 
1 72 SER n 
1 73 VAL n 
1 74 LYS n 
1 75 ASN n 
1 76 PRO n 
1 77 SER n 
1 78 PRO n 
1 79 LEU n 
1 80 TYR n 
1 81 GLU n 
1 82 MET n 
1 83 LEU n 
1 84 LYS n 
1 85 ARG n 
1 86 ASN n 
1 87 LEU n 
1 88 VAL n 
1 89 ILE n 
1 90 LEU n 
2 1  ACE n 
2 2  LEU n 
2 3  THR n 
2 4  PHE n 
2 5  0EH n 
2 6  GLU n 
2 7  TYR n 
2 8  TRP n 
2 9  ALA n 
2 10 GLN n 
2 11 LEU n 
2 12 MK8 n 
2 13 ALA n 
2 14 ALA n 
2 15 ALA n 
2 16 ALA n 
2 17 ALA n 
2 18 DAL n 
# 
_entity_src_gen.entity_id                          1 
_entity_src_gen.pdbx_src_id                        1 
_entity_src_gen.pdbx_alt_source_flag               sample 
_entity_src_gen.pdbx_seq_type                      'Biological sequence' 
_entity_src_gen.pdbx_beg_seq_num                   1 
_entity_src_gen.pdbx_end_seq_num                   90 
_entity_src_gen.gene_src_common_name               zebrafish 
_entity_src_gen.gene_src_genus                     ? 
_entity_src_gen.pdbx_gene_src_gene                 'mdm4, mdmx' 
_entity_src_gen.gene_src_species                   ? 
_entity_src_gen.gene_src_strain                    ? 
_entity_src_gen.gene_src_tissue                    ? 
_entity_src_gen.gene_src_tissue_fraction           ? 
_entity_src_gen.gene_src_details                   ? 
_entity_src_gen.pdbx_gene_src_fragment             ? 
_entity_src_gen.pdbx_gene_src_scientific_name      'Danio rerio' 
_entity_src_gen.pdbx_gene_src_ncbi_taxonomy_id     7955 
_entity_src_gen.pdbx_gene_src_variant              ? 
_entity_src_gen.pdbx_gene_src_cell_line            ? 
_entity_src_gen.pdbx_gene_src_atcc                 ? 
_entity_src_gen.pdbx_gene_src_organ                ? 
_entity_src_gen.pdbx_gene_src_organelle            ? 
_entity_src_gen.pdbx_gene_src_cell                 ? 
_entity_src_gen.pdbx_gene_src_cellular_location    ? 
_entity_src_gen.host_org_common_name               ? 
_entity_src_gen.pdbx_host_org_scientific_name      'Escherichia coli BL21(DE3)' 
_entity_src_gen.pdbx_host_org_ncbi_taxonomy_id     469008 
_entity_src_gen.host_org_genus                     ? 
_entity_src_gen.pdbx_host_org_gene                 ? 
_entity_src_gen.pdbx_host_org_organ                ? 
_entity_src_gen.host_org_species                   ? 
_entity_src_gen.pdbx_host_org_tissue               ? 
_entity_src_gen.pdbx_host_org_tissue_fraction      ? 
_entity_src_gen.pdbx_host_org_strain               ? 
_entity_src_gen.pdbx_host_org_variant              ? 
_entity_src_gen.pdbx_host_org_cell_line            ? 
_entity_src_gen.pdbx_host_org_atcc                 ? 
_entity_src_gen.pdbx_host_org_culture_collection   ? 
_entity_src_gen.pdbx_host_org_cell                 ? 
_entity_src_gen.pdbx_host_org_organelle            ? 
_entity_src_gen.pdbx_host_org_cellular_location    ? 
_entity_src_gen.pdbx_host_org_vector_type          ? 
_entity_src_gen.pdbx_host_org_vector               ? 
_entity_src_gen.host_org_details                   ? 
_entity_src_gen.expression_system_id               ? 
_entity_src_gen.plasmid_name                       pET15B 
_entity_src_gen.plasmid_details                    ? 
_entity_src_gen.pdbx_description                   ? 
# 
_pdbx_entity_src_syn.entity_id              2 
_pdbx_entity_src_syn.pdbx_src_id            1 
_pdbx_entity_src_syn.pdbx_alt_source_flag   sample 
_pdbx_entity_src_syn.pdbx_beg_seq_num       1 
_pdbx_entity_src_syn.pdbx_end_seq_num       18 
_pdbx_entity_src_syn.organism_scientific    'Danio rerio' 
_pdbx_entity_src_syn.organism_common_name   ? 
_pdbx_entity_src_syn.ncbi_taxonomy_id       7955 
_pdbx_entity_src_syn.details                ? 
# 
loop_
_chem_comp.id 
_chem_comp.type 
_chem_comp.mon_nstd_flag 
_chem_comp.name 
_chem_comp.pdbx_synonyms 
_chem_comp.formula 
_chem_comp.formula_weight 
0EH 'D-peptide linking' . '(2R)-2-amino-2-methylnonanoic acid' ? 'C10 H21 N O2'   187.279 
ACE non-polymer         . 'ACETYL GROUP'                       ? 'C2 H4 O'        44.053  
ALA 'L-peptide linking' y ALANINE                              ? 'C3 H7 N O2'     89.093  
ARG 'L-peptide linking' y ARGININE                             ? 'C6 H15 N4 O2 1' 175.209 
ASN 'L-peptide linking' y ASPARAGINE                           ? 'C4 H8 N2 O3'    132.118 
ASP 'L-peptide linking' y 'ASPARTIC ACID'                      ? 'C4 H7 N O4'     133.103 
CYS 'L-peptide linking' y CYSTEINE                             ? 'C3 H7 N O2 S'   121.158 
DAL 'D-peptide linking' . D-ALANINE                            ? 'C3 H7 N O2'     89.093  
GLN 'L-peptide linking' y GLUTAMINE                            ? 'C5 H10 N2 O3'   146.144 
GLU 'L-peptide linking' y 'GLUTAMIC ACID'                      ? 'C5 H9 N O4'     147.129 
GLY 'peptide linking'   y GLYCINE                              ? 'C2 H5 N O2'     75.067  
HIS 'L-peptide linking' y HISTIDINE                            ? 'C6 H10 N3 O2 1' 156.162 
HOH non-polymer         . WATER                                ? 'H2 O'           18.015  
ILE 'L-peptide linking' y ISOLEUCINE                           ? 'C6 H13 N O2'    131.173 
LEU 'L-peptide linking' y LEUCINE                              ? 'C6 H13 N O2'    131.173 
LYS 'L-peptide linking' y LYSINE                               ? 'C6 H15 N2 O2 1' 147.195 
MET 'L-peptide linking' y METHIONINE                           ? 'C5 H11 N O2 S'  149.211 
MK8 'L-peptide linking' n 2-methyl-L-norleucine                ? 'C7 H15 N O2'    145.199 
PHE 'L-peptide linking' y PHENYLALANINE                        ? 'C9 H11 N O2'    165.189 
PRO 'L-peptide linking' y PROLINE                              ? 'C5 H9 N O2'     115.130 
SER 'L-peptide linking' y SERINE                               ? 'C3 H7 N O3'     105.093 
THR 'L-peptide linking' y THREONINE                            ? 'C4 H9 N O3'     119.119 
TRP 'L-peptide linking' y TRYPTOPHAN                           ? 'C11 H12 N2 O2'  204.225 
TYR 'L-peptide linking' y TYROSINE                             ? 'C9 H11 N O3'    181.189 
VAL 'L-peptide linking' y VALINE                               ? 'C5 H11 N O2'    117.146 
# 
loop_
_pdbx_poly_seq_scheme.asym_id 
_pdbx_poly_seq_scheme.entity_id 
_pdbx_poly_seq_scheme.seq_id 
_pdbx_poly_seq_scheme.mon_id 
_pdbx_poly_seq_scheme.ndb_seq_num 
_pdbx_poly_seq_scheme.pdb_seq_num 
_pdbx_poly_seq_scheme.auth_seq_num 
_pdbx_poly_seq_scheme.pdb_mon_id 
_pdbx_poly_seq_scheme.auth_mon_id 
_pdbx_poly_seq_scheme.pdb_strand_id 
_pdbx_poly_seq_scheme.pdb_ins_code 
_pdbx_poly_seq_scheme.hetero 
A 1 1  LEU 1  17  17  LEU LEU A . n 
A 1 2  PRO 2  18  18  PRO PRO A . n 
A 1 3  GLY 3  19  19  GLY GLY A . n 
A 1 4  GLU 4  20  20  GLU GLU A . n 
A 1 5  GLY 5  21  21  GLY GLY A . n 
A 1 6  THR 6  22  22  THR THR A . n 
A 1 7  GLN 7  23  23  GLN GLN A . n 
A 1 8  VAL 8  24  24  VAL VAL A . n 
A 1 9  HIS 9  25  25  HIS HIS A . n 
A 1 10 PRO 10 26  26  PRO PRO A . n 
A 1 11 ARG 11 27  27  ARG ARG A . n 
A 1 12 ALA 12 28  28  ALA ALA A . n 
A 1 13 PRO 13 29  29  PRO PRO A . n 
A 1 14 LEU 14 30  30  LEU LEU A . n 
A 1 15 LEU 15 31  31  LEU LEU A . n 
A 1 16 GLN 16 32  32  GLN GLN A . n 
A 1 17 ILE 17 33  33  ILE ILE A . n 
A 1 18 LEU 18 34  34  LEU LEU A . n 
A 1 19 LYS 19 35  35  LYS LYS A . n 
A 1 20 VAL 20 36  36  VAL VAL A . n 
A 1 21 ALA 21 37  37  ALA ALA A . n 
A 1 22 GLY 22 38  38  GLY GLY A . n 
A 1 23 ALA 23 39  39  ALA ALA A . n 
A 1 24 GLN 24 40  40  GLN GLN A . n 
A 1 25 GLU 25 41  41  GLU GLU A . n 
A 1 26 GLU 26 42  42  GLU GLU A . n 
A 1 27 VAL 27 43  43  VAL VAL A . n 
A 1 28 PHE 28 44  44  PHE PHE A . n 
A 1 29 THR 29 45  45  THR THR A . n 
A 1 30 VAL 30 46  46  VAL VAL A . n 
A 1 31 LYS 31 47  47  LYS LYS A . n 
A 1 32 GLU 32 48  48  GLU GLU A . n 
A 1 33 VAL 33 49  49  VAL VAL A . n 
A 1 34 MET 34 50  50  MET MET A . n 
A 1 35 HIS 35 51  51  HIS HIS A . n 
A 1 36 TYR 36 52  52  TYR TYR A . n 
A 1 37 LEU 37 53  53  LEU LEU A . n 
A 1 38 GLY 38 54  54  GLY GLY A . n 
A 1 39 GLN 39 55  55  GLN GLN A . n 
A 1 40 TYR 40 56  56  TYR TYR A . n 
A 1 41 ILE 41 57  57  ILE ILE A . n 
A 1 42 MET 42 58  58  MET MET A . n 
A 1 43 MET 43 59  59  MET MET A . n 
A 1 44 LYS 44 60  60  LYS LYS A . n 
A 1 45 GLN 45 61  61  GLN GLN A . n 
A 1 46 LEU 46 62  62  LEU LEU A . n 
A 1 47 TYR 47 63  63  TYR TYR A . n 
A 1 48 ASP 48 64  64  ASP ASP A . n 
A 1 49 LYS 49 65  65  LYS LYS A . n 
A 1 50 GLN 50 66  66  GLN GLN A . n 
A 1 51 ARG 51 67  67  ARG ARG A . n 
A 1 52 GLN 52 68  68  GLN GLN A . n 
A 1 53 HIS 53 69  69  HIS HIS A . n 
A 1 54 ILE 54 70  70  ILE ILE A . n 
A 1 55 VAL 55 71  71  VAL VAL A . n 
A 1 56 HIS 56 72  72  HIS HIS A . n 
A 1 57 CYS 57 73  73  CYS CYS A . n 
A 1 58 HIS 58 74  74  HIS HIS A . n 
A 1 59 ASP 59 75  75  ASP ASP A . n 
A 1 60 ASP 60 76  76  ASP ASP A . n 
A 1 61 PRO 61 77  77  PRO PRO A . n 
A 1 62 LEU 62 78  78  LEU LEU A . n 
A 1 63 GLY 63 79  79  GLY GLY A . n 
A 1 64 GLU 64 80  80  GLU GLU A . n 
A 1 65 LEU 65 81  81  LEU LEU A . n 
A 1 66 LEU 66 82  82  LEU LEU A . n 
A 1 67 GLU 67 83  83  GLU GLU A . n 
A 1 68 VAL 68 84  84  VAL VAL A . n 
A 1 69 GLY 69 85  85  GLY GLY A . n 
A 1 70 SER 70 86  86  SER SER A . n 
A 1 71 PHE 71 87  87  PHE PHE A . n 
A 1 72 SER 72 88  88  SER SER A . n 
A 1 73 VAL 73 89  89  VAL VAL A . n 
A 1 74 LYS 74 90  90  LYS LYS A . n 
A 1 75 ASN 75 91  91  ASN ASN A . n 
A 1 76 PRO 76 92  92  PRO PRO A . n 
A 1 77 SER 77 93  93  SER SER A . n 
A 1 78 PRO 78 94  94  PRO PRO A . n 
A 1 79 LEU 79 95  95  LEU LEU A . n 
A 1 80 TYR 80 96  96  TYR TYR A . n 
A 1 81 GLU 81 97  97  GLU GLU A . n 
A 1 82 MET 82 98  98  MET MET A . n 
A 1 83 LEU 83 99  99  LEU LEU A . n 
A 1 84 LYS 84 100 100 LYS LYS A . n 
A 1 85 ARG 85 101 101 ARG ARG A . n 
A 1 86 ASN 86 102 102 ASN ASN A . n 
A 1 87 LEU 87 103 103 LEU LEU A . n 
A 1 88 VAL 88 104 104 VAL VAL A . n 
A 1 89 ILE 89 105 105 ILE ILE A . n 
A 1 90 LEU 90 106 106 LEU LEU A . n 
B 2 1  ACE 1  1   16  ACE ACE B . n 
B 2 2  LEU 2  2   17  LEU LEU B . n 
B 2 3  THR 3  3   18  THR THR B . n 
B 2 4  PHE 4  4   19  PHE PHE B . n 
B 2 5  0EH 5  5   20  0EH ALA B . n 
B 2 6  GLU 6  6   21  GLU GLU B . n 
B 2 7  TYR 7  7   22  TYR TYR B . n 
B 2 8  TRP 8  8   23  TRP TRP B . n 
B 2 9  ALA 9  9   24  ALA ALA B . n 
B 2 10 GLN 10 10  25  GLN GLN B . n 
B 2 11 LEU 11 11  26  LEU LEU B . n 
B 2 12 MK8 12 12  27  MK8 DAL B . n 
B 2 13 ALA 13 13  28  ALA ALA B . n 
B 2 14 ALA 14 14  29  ALA ALA B . n 
B 2 15 ALA 15 15  30  ALA ALA B . n 
B 2 16 ALA 16 16  31  ALA ALA B . n 
B 2 17 ALA 17 17  32  ALA ALA B . n 
B 2 18 DAL 18 18  33  DAL DAL B . n 
# 
loop_
_pdbx_nonpoly_scheme.asym_id 
_pdbx_nonpoly_scheme.entity_id 
_pdbx_nonpoly_scheme.mon_id 
_pdbx_nonpoly_scheme.ndb_seq_num 
_pdbx_nonpoly_scheme.pdb_seq_num 
_pdbx_nonpoly_scheme.auth_seq_num 
_pdbx_nonpoly_scheme.pdb_mon_id 
_pdbx_nonpoly_scheme.auth_mon_id 
_pdbx_nonpoly_scheme.pdb_strand_id 
_pdbx_nonpoly_scheme.pdb_ins_code 
C 3 HOH 1   201 55  HOH HOH A . 
C 3 HOH 2   202 88  HOH HOH A . 
C 3 HOH 3   203 11  HOH HOH A . 
C 3 HOH 4   204 131 HOH HOH A . 
C 3 HOH 5   205 146 HOH HOH A . 
C 3 HOH 6   206 42  HOH HOH A . 
C 3 HOH 7   207 27  HOH HOH A . 
C 3 HOH 8   208 68  HOH HOH A . 
C 3 HOH 9   209 5   HOH HOH A . 
C 3 HOH 10  210 49  HOH HOH A . 
C 3 HOH 11  211 61  HOH HOH A . 
C 3 HOH 12  212 54  HOH HOH A . 
C 3 HOH 13  213 83  HOH HOH A . 
C 3 HOH 14  214 6   HOH HOH A . 
C 3 HOH 15  215 12  HOH HOH A . 
C 3 HOH 16  216 112 HOH HOH A . 
C 3 HOH 17  217 15  HOH HOH A . 
C 3 HOH 18  218 136 HOH HOH A . 
C 3 HOH 19  219 38  HOH HOH A . 
C 3 HOH 20  220 107 HOH HOH A . 
C 3 HOH 21  221 82  HOH HOH A . 
C 3 HOH 22  222 103 HOH HOH A . 
C 3 HOH 23  223 29  HOH HOH A . 
C 3 HOH 24  224 52  HOH HOH A . 
C 3 HOH 25  225 105 HOH HOH A . 
C 3 HOH 26  226 26  HOH HOH A . 
C 3 HOH 27  227 84  HOH HOH A . 
C 3 HOH 28  228 23  HOH HOH A . 
C 3 HOH 29  229 1   HOH HOH A . 
C 3 HOH 30  230 110 HOH HOH A . 
C 3 HOH 31  231 125 HOH HOH A . 
C 3 HOH 32  232 8   HOH HOH A . 
C 3 HOH 33  233 53  HOH HOH A . 
C 3 HOH 34  234 7   HOH HOH A . 
C 3 HOH 35  235 145 HOH HOH A . 
C 3 HOH 36  236 50  HOH HOH A . 
C 3 HOH 37  237 44  HOH HOH A . 
C 3 HOH 38  238 39  HOH HOH A . 
C 3 HOH 39  239 138 HOH HOH A . 
C 3 HOH 40  240 149 HOH HOH A . 
C 3 HOH 41  241 142 HOH HOH A . 
C 3 HOH 42  242 137 HOH HOH A . 
C 3 HOH 43  243 108 HOH HOH A . 
C 3 HOH 44  244 143 HOH HOH A . 
C 3 HOH 45  245 21  HOH HOH A . 
C 3 HOH 46  246 81  HOH HOH A . 
C 3 HOH 47  247 3   HOH HOH A . 
C 3 HOH 48  248 16  HOH HOH A . 
C 3 HOH 49  249 60  HOH HOH A . 
C 3 HOH 50  250 87  HOH HOH A . 
C 3 HOH 51  251 134 HOH HOH A . 
C 3 HOH 52  252 59  HOH HOH A . 
C 3 HOH 53  253 34  HOH HOH A . 
C 3 HOH 54  254 24  HOH HOH A . 
C 3 HOH 55  255 35  HOH HOH A . 
C 3 HOH 56  256 20  HOH HOH A . 
C 3 HOH 57  257 18  HOH HOH A . 
C 3 HOH 58  258 135 HOH HOH A . 
C 3 HOH 59  259 33  HOH HOH A . 
C 3 HOH 60  260 19  HOH HOH A . 
C 3 HOH 61  261 41  HOH HOH A . 
C 3 HOH 62  262 114 HOH HOH A . 
C 3 HOH 63  263 48  HOH HOH A . 
C 3 HOH 64  264 17  HOH HOH A . 
C 3 HOH 65  265 14  HOH HOH A . 
C 3 HOH 66  266 28  HOH HOH A . 
C 3 HOH 67  267 36  HOH HOH A . 
C 3 HOH 68  268 30  HOH HOH A . 
C 3 HOH 69  269 132 HOH HOH A . 
C 3 HOH 70  270 43  HOH HOH A . 
C 3 HOH 71  271 123 HOH HOH A . 
C 3 HOH 72  272 102 HOH HOH A . 
C 3 HOH 73  273 129 HOH HOH A . 
C 3 HOH 74  274 133 HOH HOH A . 
C 3 HOH 75  275 97  HOH HOH A . 
C 3 HOH 76  276 124 HOH HOH A . 
C 3 HOH 77  277 100 HOH HOH A . 
C 3 HOH 78  278 74  HOH HOH A . 
C 3 HOH 79  279 144 HOH HOH A . 
C 3 HOH 80  280 73  HOH HOH A . 
C 3 HOH 81  281 72  HOH HOH A . 
C 3 HOH 82  282 94  HOH HOH A . 
C 3 HOH 83  283 141 HOH HOH A . 
C 3 HOH 84  284 66  HOH HOH A . 
C 3 HOH 85  285 150 HOH HOH A . 
C 3 HOH 86  286 76  HOH HOH A . 
C 3 HOH 87  287 116 HOH HOH A . 
C 3 HOH 88  288 139 HOH HOH A . 
C 3 HOH 89  289 140 HOH HOH A . 
C 3 HOH 90  290 96  HOH HOH A . 
C 3 HOH 91  291 80  HOH HOH A . 
C 3 HOH 92  292 147 HOH HOH A . 
C 3 HOH 93  293 148 HOH HOH A . 
C 3 HOH 94  294 25  HOH HOH A . 
C 3 HOH 95  295 119 HOH HOH A . 
C 3 HOH 96  296 128 HOH HOH A . 
C 3 HOH 97  297 126 HOH HOH A . 
C 3 HOH 98  298 56  HOH HOH A . 
C 3 HOH 99  299 127 HOH HOH A . 
C 3 HOH 100 300 40  HOH HOH A . 
C 3 HOH 101 301 63  HOH HOH A . 
D 3 HOH 1   101 79  HOH HOH B . 
D 3 HOH 2   102 71  HOH HOH B . 
D 3 HOH 3   103 22  HOH HOH B . 
D 3 HOH 4   104 45  HOH HOH B . 
D 3 HOH 5   105 2   HOH HOH B . 
D 3 HOH 6   106 9   HOH HOH B . 
D 3 HOH 7   107 13  HOH HOH B . 
D 3 HOH 8   108 10  HOH HOH B . 
D 3 HOH 9   109 85  HOH HOH B . 
D 3 HOH 10  110 37  HOH HOH B . 
D 3 HOH 11  111 4   HOH HOH B . 
D 3 HOH 12  112 130 HOH HOH B . 
D 3 HOH 13  113 113 HOH HOH B . 
D 3 HOH 14  114 32  HOH HOH B . 
D 3 HOH 15  115 31  HOH HOH B . 
D 3 HOH 16  116 78  HOH HOH B . 
D 3 HOH 17  117 64  HOH HOH B . 
D 3 HOH 18  118 58  HOH HOH B . 
D 3 HOH 19  119 75  HOH HOH B . 
D 3 HOH 20  120 92  HOH HOH B . 
D 3 HOH 21  121 65  HOH HOH B . 
D 3 HOH 22  122 122 HOH HOH B . 
D 3 HOH 23  123 120 HOH HOH B . 
D 3 HOH 24  124 67  HOH HOH B . 
D 3 HOH 25  125 121 HOH HOH B . 
# 
loop_
_software.citation_id 
_software.classification 
_software.compiler_name 
_software.compiler_version 
_software.contact_author 
_software.contact_author_email 
_software.date 
_software.description 
_software.dependencies 
_software.hardware 
_software.language 
_software.location 
_software.mods 
_software.name 
_software.os 
_software.os_version 
_software.type 
_software.version 
_software.pdbx_ordinal 
? 'data scaling'   ? ? ? ? ? ? ? ? ? ? ? SCALA    ? ? ? . 1 
? refinement       ? ? ? ? ? ? ? ? ? ? ? CNX      ? ? ? . 2 
? 'data reduction' ? ? ? ? ? ? ? ? ? ? ? HKL-2000 ? ? ? . 3 
? phasing          ? ? ? ? ? ? ? ? ? ? ? CNX      ? ? ? . 4 
# 
_cell.angle_alpha                  90.00 
_cell.angle_alpha_esd              ? 
_cell.angle_beta                   90.00 
_cell.angle_beta_esd               ? 
_cell.angle_gamma                  90.00 
_cell.angle_gamma_esd              ? 
_cell.entry_id                     8GJS 
_cell.details                      ? 
_cell.formula_units_Z              ? 
_cell.length_a                     81.513 
_cell.length_a_esd                 ? 
_cell.length_b                     108.942 
_cell.length_b_esd                 ? 
_cell.length_c                     31.434 
_cell.length_c_esd                 ? 
_cell.volume                       ? 
_cell.volume_esd                   ? 
_cell.Z_PDB                        8 
_cell.reciprocal_angle_alpha       ? 
_cell.reciprocal_angle_beta        ? 
_cell.reciprocal_angle_gamma       ? 
_cell.reciprocal_angle_alpha_esd   ? 
_cell.reciprocal_angle_beta_esd    ? 
_cell.reciprocal_angle_gamma_esd   ? 
_cell.reciprocal_length_a          ? 
_cell.reciprocal_length_b          ? 
_cell.reciprocal_length_c          ? 
_cell.reciprocal_length_a_esd      ? 
_cell.reciprocal_length_b_esd      ? 
_cell.reciprocal_length_c_esd      ? 
_cell.pdbx_unique_axis             ? 
_cell.pdbx_esd_method              ? 
# 
_symmetry.entry_id                         8GJS 
_symmetry.cell_setting                     ? 
_symmetry.Int_Tables_number                20 
_symmetry.space_group_name_Hall            ? 
_symmetry.space_group_name_H-M             'C 2 2 21' 
_symmetry.pdbx_full_space_group_name_H-M   ? 
# 
_exptl.absorpt_coefficient_mu     ? 
_exptl.absorpt_correction_T_max   ? 
_exptl.absorpt_correction_T_min   ? 
_exptl.absorpt_correction_type    ? 
_exptl.absorpt_process_details    ? 
_exptl.entry_id                   8GJS 
_exptl.crystals_number            1 
_exptl.details                    ? 
_exptl.method                     'X-RAY DIFFRACTION' 
_exptl.method_details             ? 
# 
_exptl_crystal.colour                       ? 
_exptl_crystal.density_diffrn               ? 
_exptl_crystal.density_Matthews             2.85 
_exptl_crystal.density_method               ? 
_exptl_crystal.density_percent_sol          56.85 
_exptl_crystal.description                  ? 
_exptl_crystal.F_000                        ? 
_exptl_crystal.id                           1 
_exptl_crystal.preparation                  ? 
_exptl_crystal.size_max                     ? 
_exptl_crystal.size_mid                     ? 
_exptl_crystal.size_min                     ? 
_exptl_crystal.size_rad                     ? 
_exptl_crystal.colour_lustre                ? 
_exptl_crystal.colour_modifier              ? 
_exptl_crystal.colour_primary               ? 
_exptl_crystal.density_meas                 ? 
_exptl_crystal.density_meas_esd             ? 
_exptl_crystal.density_meas_gt              ? 
_exptl_crystal.density_meas_lt              ? 
_exptl_crystal.density_meas_temp            ? 
_exptl_crystal.density_meas_temp_esd        ? 
_exptl_crystal.density_meas_temp_gt         ? 
_exptl_crystal.density_meas_temp_lt         ? 
_exptl_crystal.pdbx_crystal_image_url       ? 
_exptl_crystal.pdbx_crystal_image_format    ? 
_exptl_crystal.pdbx_mosaicity               ? 
_exptl_crystal.pdbx_mosaicity_esd           ? 
_exptl_crystal.pdbx_mosaic_method           ? 
_exptl_crystal.pdbx_mosaic_block_size       ? 
_exptl_crystal.pdbx_mosaic_block_size_esd   ? 
# 
_exptl_crystal_grow.apparatus       ? 
_exptl_crystal_grow.atmosphere      ? 
_exptl_crystal_grow.crystal_id      1 
_exptl_crystal_grow.details         ? 
_exptl_crystal_grow.method          'VAPOR DIFFUSION' 
_exptl_crystal_grow.method_ref      ? 
_exptl_crystal_grow.pH              ? 
_exptl_crystal_grow.pressure        ? 
_exptl_crystal_grow.pressure_esd    ? 
_exptl_crystal_grow.seeding         ? 
_exptl_crystal_grow.seeding_ref     ? 
_exptl_crystal_grow.temp_details    ? 
_exptl_crystal_grow.temp_esd        ? 
_exptl_crystal_grow.time            ? 
_exptl_crystal_grow.pdbx_details    'PEG 4000,sodium chloride' 
_exptl_crystal_grow.pdbx_pH_range   ? 
_exptl_crystal_grow.temp            277 
# 
_diffrn.ambient_environment              ? 
_diffrn.ambient_temp                     80 
_diffrn.ambient_temp_details             ? 
_diffrn.ambient_temp_esd                 ? 
_diffrn.crystal_id                       1 
_diffrn.crystal_support                  ? 
_diffrn.crystal_treatment                ? 
_diffrn.details                          ? 
_diffrn.id                               1 
_diffrn.ambient_pressure                 ? 
_diffrn.ambient_pressure_esd             ? 
_diffrn.ambient_pressure_gt              ? 
_diffrn.ambient_pressure_lt              ? 
_diffrn.ambient_temp_gt                  ? 
_diffrn.ambient_temp_lt                  ? 
_diffrn.pdbx_serial_crystal_experiment   N 
# 
_diffrn_detector.details                      ? 
_diffrn_detector.detector                     PIXEL 
_diffrn_detector.diffrn_id                    1 
_diffrn_detector.type                         'DECTRIS PILATUS 6M' 
_diffrn_detector.area_resol_mean              ? 
_diffrn_detector.dtime                        ? 
_diffrn_detector.pdbx_frames_total            ? 
_diffrn_detector.pdbx_collection_time_total   ? 
_diffrn_detector.pdbx_collection_date         2012-04-30 
_diffrn_detector.pdbx_frequency               ? 
_diffrn_detector.id                           ? 
_diffrn_detector.number_of_axes               ? 
# 
_diffrn_radiation.collimation                      ? 
_diffrn_radiation.diffrn_id                        1 
_diffrn_radiation.filter_edge                      ? 
_diffrn_radiation.inhomogeneity                    ? 
_diffrn_radiation.monochromator                    ? 
_diffrn_radiation.polarisn_norm                    ? 
_diffrn_radiation.polarisn_ratio                   ? 
_diffrn_radiation.probe                            ? 
_diffrn_radiation.type                             ? 
_diffrn_radiation.xray_symbol                      ? 
_diffrn_radiation.wavelength_id                    1 
_diffrn_radiation.pdbx_monochromatic_or_laue_m_l   M 
_diffrn_radiation.pdbx_wavelength_list             ? 
_diffrn_radiation.pdbx_wavelength                  ? 
_diffrn_radiation.pdbx_diffrn_protocol             'SINGLE WAVELENGTH' 
_diffrn_radiation.pdbx_analyzer                    ? 
_diffrn_radiation.pdbx_scattering_type             x-ray 
# 
_diffrn_radiation_wavelength.id           1 
_diffrn_radiation_wavelength.wavelength   0.99997 
_diffrn_radiation_wavelength.wt           1.0 
# 
_diffrn_source.current                     ? 
_diffrn_source.details                     ? 
_diffrn_source.diffrn_id                   1 
_diffrn_source.power                       ? 
_diffrn_source.size                        ? 
_diffrn_source.source                      SYNCHROTRON 
_diffrn_source.target                      ? 
_diffrn_source.type                        'SLS BEAMLINE X10SA' 
_diffrn_source.voltage                     ? 
_diffrn_source.take-off_angle              ? 
_diffrn_source.pdbx_wavelength_list        0.99997 
_diffrn_source.pdbx_wavelength             ? 
_diffrn_source.pdbx_synchrotron_beamline   X10SA 
_diffrn_source.pdbx_synchrotron_site       SLS 
# 
_reflns.B_iso_Wilson_estimate                          ? 
_reflns.entry_id                                       8GJS 
_reflns.data_reduction_details                         ? 
_reflns.data_reduction_method                          ? 
_reflns.d_resolution_high                              1.56 
_reflns.d_resolution_low                               33.17 
_reflns.details                                        ? 
_reflns.limit_h_max                                    ? 
_reflns.limit_h_min                                    ? 
_reflns.limit_k_max                                    ? 
_reflns.limit_k_min                                    ? 
_reflns.limit_l_max                                    ? 
_reflns.limit_l_min                                    ? 
_reflns.number_all                                     ? 
_reflns.number_obs                                     20439 
_reflns.observed_criterion                             ? 
_reflns.observed_criterion_F_max                       ? 
_reflns.observed_criterion_F_min                       ? 
_reflns.observed_criterion_I_max                       ? 
_reflns.observed_criterion_I_min                       ? 
_reflns.observed_criterion_sigma_F                     ? 
_reflns.observed_criterion_sigma_I                     ? 
_reflns.percent_possible_obs                           99.9 
_reflns.R_free_details                                 ? 
_reflns.Rmerge_F_all                                   ? 
_reflns.Rmerge_F_obs                                   ? 
_reflns.Friedel_coverage                               ? 
_reflns.number_gt                                      ? 
_reflns.threshold_expression                           ? 
_reflns.pdbx_redundancy                                6.3 
_reflns.pdbx_netI_over_av_sigmaI                       ? 
_reflns.pdbx_netI_over_sigmaI                          14.4 
_reflns.pdbx_res_netI_over_av_sigmaI_2                 ? 
_reflns.pdbx_res_netI_over_sigmaI_2                    ? 
_reflns.pdbx_chi_squared                               ? 
_reflns.pdbx_scaling_rejects                           ? 
_reflns.pdbx_d_res_high_opt                            ? 
_reflns.pdbx_d_res_low_opt                             ? 
_reflns.pdbx_d_res_opt_method                          ? 
_reflns.phase_calculation_details                      ? 
_reflns.pdbx_Rrim_I_all                                0.061 
_reflns.pdbx_Rpim_I_all                                0.024 
_reflns.pdbx_d_opt                                     ? 
_reflns.pdbx_number_measured_all                       128319 
_reflns.pdbx_diffrn_id                                 1 
_reflns.pdbx_ordinal                                   1 
_reflns.pdbx_CC_half                                   ? 
_reflns.pdbx_CC_star                                   ? 
_reflns.pdbx_R_split                                   ? 
_reflns.pdbx_Rmerge_I_obs                              ? 
_reflns.pdbx_Rmerge_I_all                              ? 
_reflns.pdbx_Rsym_value                                ? 
_reflns.pdbx_CC_split_method                           ? 
_reflns.pdbx_aniso_diffraction_limit_axis_1_ortho[1]   ? 
_reflns.pdbx_aniso_diffraction_limit_axis_1_ortho[2]   ? 
_reflns.pdbx_aniso_diffraction_limit_axis_1_ortho[3]   ? 
_reflns.pdbx_aniso_diffraction_limit_axis_2_ortho[1]   ? 
_reflns.pdbx_aniso_diffraction_limit_axis_2_ortho[2]   ? 
_reflns.pdbx_aniso_diffraction_limit_axis_2_ortho[3]   ? 
_reflns.pdbx_aniso_diffraction_limit_axis_3_ortho[1]   ? 
_reflns.pdbx_aniso_diffraction_limit_axis_3_ortho[2]   ? 
_reflns.pdbx_aniso_diffraction_limit_axis_3_ortho[3]   ? 
_reflns.pdbx_aniso_diffraction_limit_1                 ? 
_reflns.pdbx_aniso_diffraction_limit_2                 ? 
_reflns.pdbx_aniso_diffraction_limit_3                 ? 
_reflns.pdbx_aniso_B_tensor_eigenvector_1_ortho[1]     ? 
_reflns.pdbx_aniso_B_tensor_eigenvector_1_ortho[2]     ? 
_reflns.pdbx_aniso_B_tensor_eigenvector_1_ortho[3]     ? 
_reflns.pdbx_aniso_B_tensor_eigenvector_2_ortho[1]     ? 
_reflns.pdbx_aniso_B_tensor_eigenvector_2_ortho[2]     ? 
_reflns.pdbx_aniso_B_tensor_eigenvector_2_ortho[3]     ? 
_reflns.pdbx_aniso_B_tensor_eigenvector_3_ortho[1]     ? 
_reflns.pdbx_aniso_B_tensor_eigenvector_3_ortho[2]     ? 
_reflns.pdbx_aniso_B_tensor_eigenvector_3_ortho[3]     ? 
_reflns.pdbx_aniso_B_tensor_eigenvalue_1               ? 
_reflns.pdbx_aniso_B_tensor_eigenvalue_2               ? 
_reflns.pdbx_aniso_B_tensor_eigenvalue_3               ? 
_reflns.pdbx_orthogonalization_convention              ? 
_reflns.pdbx_percent_possible_ellipsoidal              ? 
_reflns.pdbx_percent_possible_spherical                ? 
_reflns.pdbx_percent_possible_ellipsoidal_anomalous    ? 
_reflns.pdbx_percent_possible_spherical_anomalous      ? 
_reflns.pdbx_redundancy_anomalous                      ? 
_reflns.pdbx_CC_half_anomalous                         ? 
_reflns.pdbx_absDiff_over_sigma_anomalous              ? 
_reflns.pdbx_percent_possible_anomalous                ? 
_reflns.pdbx_observed_signal_threshold                 ? 
_reflns.pdbx_signal_type                               ? 
_reflns.pdbx_signal_details                            ? 
_reflns.pdbx_signal_software_id                        ? 
# 
_reflns_shell.d_res_high                                    1.56 
_reflns_shell.d_res_low                                     1.64 
_reflns_shell.meanI_over_sigI_all                           ? 
_reflns_shell.meanI_over_sigI_obs                           ? 
_reflns_shell.number_measured_all                           18142 
_reflns_shell.number_measured_obs                           ? 
_reflns_shell.number_possible                               ? 
_reflns_shell.number_unique_all                             ? 
_reflns_shell.number_unique_obs                             2917 
_reflns_shell.percent_possible_obs                          99.9 
_reflns_shell.Rmerge_F_all                                  ? 
_reflns_shell.Rmerge_F_obs                                  ? 
_reflns_shell.meanI_over_sigI_gt                            ? 
_reflns_shell.meanI_over_uI_all                             ? 
_reflns_shell.meanI_over_uI_gt                              ? 
_reflns_shell.number_measured_gt                            ? 
_reflns_shell.number_unique_gt                              ? 
_reflns_shell.percent_possible_gt                           ? 
_reflns_shell.Rmerge_F_gt                                   ? 
_reflns_shell.Rmerge_I_gt                                   ? 
_reflns_shell.pdbx_redundancy                               6.2 
_reflns_shell.pdbx_chi_squared                              ? 
_reflns_shell.pdbx_netI_over_sigmaI_all                     ? 
_reflns_shell.pdbx_netI_over_sigmaI_obs                     1.7 
_reflns_shell.pdbx_Rrim_I_all                               1.148 
_reflns_shell.pdbx_Rpim_I_all                               0.458 
_reflns_shell.pdbx_rejects                                  ? 
_reflns_shell.pdbx_ordinal                                  1 
_reflns_shell.pdbx_diffrn_id                                ? 
_reflns_shell.pdbx_CC_half                                  ? 
_reflns_shell.pdbx_CC_star                                  ? 
_reflns_shell.pdbx_R_split                                  ? 
_reflns_shell.percent_possible_all                          ? 
_reflns_shell.Rmerge_I_all                                  ? 
_reflns_shell.Rmerge_I_obs                                  ? 
_reflns_shell.pdbx_Rsym_value                               ? 
_reflns_shell.pdbx_percent_possible_ellipsoidal             ? 
_reflns_shell.pdbx_percent_possible_spherical               ? 
_reflns_shell.pdbx_percent_possible_ellipsoidal_anomalous   ? 
_reflns_shell.pdbx_percent_possible_spherical_anomalous     ? 
_reflns_shell.pdbx_redundancy_anomalous                     ? 
_reflns_shell.pdbx_CC_half_anomalous                        ? 
_reflns_shell.pdbx_absDiff_over_sigma_anomalous             ? 
_reflns_shell.pdbx_percent_possible_anomalous               ? 
# 
_refine.aniso_B[1][1]                            -0.76 
_refine.aniso_B[1][2]                            0.00 
_refine.aniso_B[1][3]                            0.00 
_refine.aniso_B[2][2]                            1.03 
_refine.aniso_B[2][3]                            0.00 
_refine.aniso_B[3][3]                            -0.27 
_refine.B_iso_max                                ? 
_refine.B_iso_mean                               28.0 
_refine.B_iso_min                                ? 
_refine.correlation_coeff_Fo_to_Fc               ? 
_refine.correlation_coeff_Fo_to_Fc_free          ? 
_refine.details                                  ? 
_refine.diff_density_max                         ? 
_refine.diff_density_max_esd                     ? 
_refine.diff_density_min                         ? 
_refine.diff_density_min_esd                     ? 
_refine.diff_density_rms                         ? 
_refine.diff_density_rms_esd                     ? 
_refine.entry_id                                 8GJS 
_refine.pdbx_refine_id                           'X-RAY DIFFRACTION' 
_refine.ls_abs_structure_details                 ? 
_refine.ls_abs_structure_Flack                   ? 
_refine.ls_abs_structure_Flack_esd               ? 
_refine.ls_abs_structure_Rogers                  ? 
_refine.ls_abs_structure_Rogers_esd              ? 
_refine.ls_d_res_high                            1.75 
_refine.ls_d_res_low                             33.17 
_refine.ls_extinction_coef                       ? 
_refine.ls_extinction_coef_esd                   ? 
_refine.ls_extinction_expression                 ? 
_refine.ls_extinction_method                     ? 
_refine.ls_goodness_of_fit_all                   ? 
_refine.ls_goodness_of_fit_all_esd               ? 
_refine.ls_goodness_of_fit_obs                   ? 
_refine.ls_goodness_of_fit_obs_esd               ? 
_refine.ls_hydrogen_treatment                    ? 
_refine.ls_matrix_type                           ? 
_refine.ls_number_constraints                    ? 
_refine.ls_number_parameters                     ? 
_refine.ls_number_reflns_all                     ? 
_refine.ls_number_reflns_obs                     14546 
_refine.ls_number_reflns_R_free                  736 
_refine.ls_number_reflns_R_work                  ? 
_refine.ls_number_restraints                     ? 
_refine.ls_percent_reflns_obs                    99.8 
_refine.ls_percent_reflns_R_free                 5.1 
_refine.ls_R_factor_all                          ? 
_refine.ls_R_factor_obs                          0.203 
_refine.ls_R_factor_R_free                       0.217 
_refine.ls_R_factor_R_free_error                 0.008 
_refine.ls_R_factor_R_free_error_details         ? 
_refine.ls_R_factor_R_work                       0.202 
_refine.ls_R_Fsqd_factor_obs                     ? 
_refine.ls_R_I_factor_obs                        ? 
_refine.ls_redundancy_reflns_all                 ? 
_refine.ls_redundancy_reflns_obs                 ? 
_refine.ls_restrained_S_all                      ? 
_refine.ls_restrained_S_obs                      ? 
_refine.ls_shift_over_esd_max                    ? 
_refine.ls_shift_over_esd_mean                   ? 
_refine.ls_structure_factor_coef                 ? 
_refine.ls_weighting_details                     ? 
_refine.ls_weighting_scheme                      ? 
_refine.ls_wR_factor_all                         ? 
_refine.ls_wR_factor_obs                         ? 
_refine.ls_wR_factor_R_free                      ? 
_refine.ls_wR_factor_R_work                      ? 
_refine.occupancy_max                            ? 
_refine.occupancy_min                            ? 
_refine.solvent_model_details                    'FLAT MODEL' 
_refine.solvent_model_param_bsol                 40.6727 
_refine.solvent_model_param_ksol                 0.33017 
_refine.pdbx_R_complete                          ? 
_refine.ls_R_factor_gt                           ? 
_refine.ls_goodness_of_fit_gt                    ? 
_refine.ls_goodness_of_fit_ref                   ? 
_refine.ls_shift_over_su_max                     ? 
_refine.ls_shift_over_su_max_lt                  ? 
_refine.ls_shift_over_su_mean                    ? 
_refine.ls_shift_over_su_mean_lt                 ? 
_refine.pdbx_ls_sigma_I                          ? 
_refine.pdbx_ls_sigma_F                          0.0 
_refine.pdbx_ls_sigma_Fsqd                       ? 
_refine.pdbx_data_cutoff_high_absF               1134104.06 
_refine.pdbx_data_cutoff_high_rms_absF           ? 
_refine.pdbx_data_cutoff_low_absF                0.000000 
_refine.pdbx_isotropic_thermal_model             ? 
_refine.pdbx_ls_cross_valid_method               THROUGHOUT 
_refine.pdbx_method_to_determine_struct          'MOLECULAR REPLACEMENT' 
_refine.pdbx_starting_model                      ? 
_refine.pdbx_stereochemistry_target_values       ? 
_refine.pdbx_R_Free_selection_details            RANDOM 
_refine.pdbx_stereochem_target_val_spec_case     ? 
_refine.pdbx_overall_ESU_R                       ? 
_refine.pdbx_overall_ESU_R_Free                  ? 
_refine.pdbx_solvent_vdw_probe_radii             ? 
_refine.pdbx_solvent_ion_probe_radii             ? 
_refine.pdbx_solvent_shrinkage_radii             ? 
_refine.pdbx_real_space_R                        ? 
_refine.pdbx_density_correlation                 ? 
_refine.pdbx_pd_number_of_powder_patterns        ? 
_refine.pdbx_pd_number_of_points                 ? 
_refine.pdbx_pd_meas_number_of_points            ? 
_refine.pdbx_pd_proc_ls_prof_R_factor            ? 
_refine.pdbx_pd_proc_ls_prof_wR_factor           ? 
_refine.pdbx_pd_Marquardt_correlation_coeff      ? 
_refine.pdbx_pd_Fsqrd_R_factor                   ? 
_refine.pdbx_pd_ls_matrix_band_width             ? 
_refine.pdbx_overall_phase_error                 ? 
_refine.pdbx_overall_SU_R_free_Cruickshank_DPI   ? 
_refine.pdbx_overall_SU_R_free_Blow_DPI          ? 
_refine.pdbx_overall_SU_R_Blow_DPI               ? 
_refine.pdbx_TLS_residual_ADP_flag               ? 
_refine.pdbx_diffrn_id                           1 
_refine.overall_SU_B                             ? 
_refine.overall_SU_ML                            ? 
_refine.overall_SU_R_Cruickshank_DPI             ? 
_refine.overall_SU_R_free                        ? 
_refine.overall_FOM_free_R_set                   ? 
_refine.overall_FOM_work_R_set                   ? 
_refine.pdbx_average_fsc_overall                 ? 
_refine.pdbx_average_fsc_work                    ? 
_refine.pdbx_average_fsc_free                    ? 
# 
_refine_analyze.entry_id                        8GJS 
_refine_analyze.pdbx_refine_id                  'X-RAY DIFFRACTION' 
_refine_analyze.Luzzati_coordinate_error_free   0.23 
_refine_analyze.Luzzati_coordinate_error_obs    0.21 
_refine_analyze.Luzzati_d_res_low_free          ? 
_refine_analyze.Luzzati_d_res_low_obs           5.00 
_refine_analyze.Luzzati_sigma_a_free            0.18 
_refine_analyze.Luzzati_sigma_a_free_details    ? 
_refine_analyze.Luzzati_sigma_a_obs             0.15 
_refine_analyze.Luzzati_sigma_a_obs_details     ? 
_refine_analyze.number_disordered_residues      ? 
_refine_analyze.occupancy_sum_hydrogen          ? 
_refine_analyze.occupancy_sum_non_hydrogen      ? 
_refine_analyze.RG_d_res_high                   ? 
_refine_analyze.RG_d_res_low                    ? 
_refine_analyze.RG_free                         ? 
_refine_analyze.RG_work                         ? 
_refine_analyze.RG_free_work_ratio              ? 
_refine_analyze.pdbx_Luzzati_d_res_high_obs     ? 
# 
_refine_hist.pdbx_refine_id                   'X-RAY DIFFRACTION' 
_refine_hist.cycle_id                         LAST 
_refine_hist.details                          ? 
_refine_hist.d_res_high                       1.75 
_refine_hist.d_res_low                        33.17 
_refine_hist.number_atoms_solvent             126 
_refine_hist.number_atoms_total               988 
_refine_hist.number_reflns_all                ? 
_refine_hist.number_reflns_obs                ? 
_refine_hist.number_reflns_R_free             ? 
_refine_hist.number_reflns_R_work             ? 
_refine_hist.R_factor_all                     ? 
_refine_hist.R_factor_obs                     ? 
_refine_hist.R_factor_R_free                  ? 
_refine_hist.R_factor_R_work                  ? 
_refine_hist.pdbx_number_residues_total       ? 
_refine_hist.pdbx_B_iso_mean_ligand           ? 
_refine_hist.pdbx_B_iso_mean_solvent          ? 
_refine_hist.pdbx_number_atoms_protein        851 
_refine_hist.pdbx_number_atoms_nucleic_acid   0 
_refine_hist.pdbx_number_atoms_ligand         11 
_refine_hist.pdbx_number_atoms_lipid          ? 
_refine_hist.pdbx_number_atoms_carb           ? 
_refine_hist.pdbx_pseudo_atom_details         ? 
# 
loop_
_refine_ls_restr.pdbx_refine_id 
_refine_ls_restr.criterion 
_refine_ls_restr.dev_ideal 
_refine_ls_restr.dev_ideal_target 
_refine_ls_restr.number 
_refine_ls_restr.rejects 
_refine_ls_restr.type 
_refine_ls_restr.weight 
_refine_ls_restr.pdbx_restraint_function 
'X-RAY DIFFRACTION' ? 0.004 ?    ? ? c_bond_d                ? ? 
'X-RAY DIFFRACTION' ? ?     ?    ? ? c_bond_d_na             ? ? 
'X-RAY DIFFRACTION' ? ?     ?    ? ? c_bond_d_prot           ? ? 
'X-RAY DIFFRACTION' ? ?     ?    ? ? c_angle_d               ? ? 
'X-RAY DIFFRACTION' ? ?     ?    ? ? c_angle_d_na            ? ? 
'X-RAY DIFFRACTION' ? ?     ?    ? ? c_angle_d_prot          ? ? 
'X-RAY DIFFRACTION' ? 0.7   ?    ? ? c_angle_deg             ? ? 
'X-RAY DIFFRACTION' ? ?     ?    ? ? c_angle_deg_na          ? ? 
'X-RAY DIFFRACTION' ? ?     ?    ? ? c_angle_deg_prot        ? ? 
'X-RAY DIFFRACTION' ? 19.3  ?    ? ? c_dihedral_angle_d      ? ? 
'X-RAY DIFFRACTION' ? ?     ?    ? ? c_dihedral_angle_d_na   ? ? 
'X-RAY DIFFRACTION' ? ?     ?    ? ? c_dihedral_angle_d_prot ? ? 
'X-RAY DIFFRACTION' ? 0.62  ?    ? ? c_improper_angle_d      ? ? 
'X-RAY DIFFRACTION' ? ?     ?    ? ? c_improper_angle_d_na   ? ? 
'X-RAY DIFFRACTION' ? ?     ?    ? ? c_improper_angle_d_prot ? ? 
'X-RAY DIFFRACTION' ? 1.55  1.50 ? ? c_mcbond_it             ? ? 
'X-RAY DIFFRACTION' ? 2.59  2.00 ? ? c_mcangle_it            ? ? 
'X-RAY DIFFRACTION' ? 2.24  2.00 ? ? c_scbond_it             ? ? 
'X-RAY DIFFRACTION' ? 3.45  2.50 ? ? c_scangle_it            ? ? 
# 
_refine_ls_shell.pdbx_refine_id                   'X-RAY DIFFRACTION' 
_refine_ls_shell.d_res_high                       1.75 
_refine_ls_shell.d_res_low                        1.86 
_refine_ls_shell.number_reflns_all                ? 
_refine_ls_shell.number_reflns_obs                ? 
_refine_ls_shell.number_reflns_R_free             118 
_refine_ls_shell.number_reflns_R_work             2261 
_refine_ls_shell.percent_reflns_obs               99.7 
_refine_ls_shell.percent_reflns_R_free            5.0 
_refine_ls_shell.R_factor_all                     ? 
_refine_ls_shell.R_factor_obs                     ? 
_refine_ls_shell.R_factor_R_free_error            0.031 
_refine_ls_shell.R_factor_R_work                  0.299 
_refine_ls_shell.redundancy_reflns_all            ? 
_refine_ls_shell.redundancy_reflns_obs            ? 
_refine_ls_shell.wR_factor_all                    ? 
_refine_ls_shell.wR_factor_obs                    ? 
_refine_ls_shell.wR_factor_R_free                 ? 
_refine_ls_shell.wR_factor_R_work                 ? 
_refine_ls_shell.pdbx_R_complete                  ? 
_refine_ls_shell.pdbx_total_number_of_bins_used   6 
_refine_ls_shell.pdbx_phase_error                 ? 
_refine_ls_shell.pdbx_fsc_work                    ? 
_refine_ls_shell.pdbx_fsc_free                    ? 
_refine_ls_shell.R_factor_R_free                  0.342 
# 
_struct.entry_id                     8GJS 
_struct.title                        'Stapled Peptide ALRN-6924 Bound to MDMX' 
_struct.pdbx_model_details           ? 
_struct.pdbx_formula_weight          ? 
_struct.pdbx_formula_weight_method   ? 
_struct.pdbx_model_type_details      ? 
_struct.pdbx_CASP_flag               N 
# 
_struct_keywords.entry_id        8GJS 
_struct_keywords.text            'Stapled Peptide Inhibitor Complex, MDMX, APOPTOSIS' 
_struct_keywords.pdbx_keywords   APOPTOSIS 
# 
loop_
_struct_asym.id 
_struct_asym.pdbx_blank_PDB_chainid_flag 
_struct_asym.pdbx_modified 
_struct_asym.entity_id 
_struct_asym.details 
A N N 1 ? 
B N N 2 ? 
C N N 3 ? 
D N N 3 ? 
# 
loop_
_struct_ref.id 
_struct_ref.db_name 
_struct_ref.db_code 
_struct_ref.pdbx_db_accession 
_struct_ref.pdbx_db_isoform 
_struct_ref.entity_id 
_struct_ref.pdbx_seq_one_letter_code 
_struct_ref.pdbx_align_begin 
1 UNP MDM4_DANRE Q7ZUW7 ? 1 
;LPGEGTQVHPRAPLLQILKVAGAQEEVFTLKEVMHYLGQYIMMKQLYDKQRQHIVHCHDDPLGELLEVGSFSVKNPSPVY
EMLKRNLVIL
;
17 
2 PDB 8GJS       8GJS   ? 2 ?                                                                                             1  
# 
loop_
_struct_ref_seq.align_id 
_struct_ref_seq.ref_id 
_struct_ref_seq.pdbx_PDB_id_code 
_struct_ref_seq.pdbx_strand_id 
_struct_ref_seq.seq_align_beg 
_struct_ref_seq.pdbx_seq_align_beg_ins_code 
_struct_ref_seq.seq_align_end 
_struct_ref_seq.pdbx_seq_align_end_ins_code 
_struct_ref_seq.pdbx_db_accession 
_struct_ref_seq.db_align_beg 
_struct_ref_seq.pdbx_db_align_beg_ins_code 
_struct_ref_seq.db_align_end 
_struct_ref_seq.pdbx_db_align_end_ins_code 
_struct_ref_seq.pdbx_auth_seq_align_beg 
_struct_ref_seq.pdbx_auth_seq_align_end 
1 1 8GJS A 1 ? 90 ? Q7ZUW7 17 ? 106 ? 17 106 
2 2 8GJS B 1 ? 18 ? 8GJS   1  ? 18  ? 1  18  
# 
loop_
_struct_ref_seq_dif.align_id 
_struct_ref_seq_dif.pdbx_pdb_id_code 
_struct_ref_seq_dif.mon_id 
_struct_ref_seq_dif.pdbx_pdb_strand_id 
_struct_ref_seq_dif.seq_num 
_struct_ref_seq_dif.pdbx_pdb_ins_code 
_struct_ref_seq_dif.pdbx_seq_db_name 
_struct_ref_seq_dif.pdbx_seq_db_accession_code 
_struct_ref_seq_dif.db_mon_id 
_struct_ref_seq_dif.pdbx_seq_db_seq_num 
_struct_ref_seq_dif.details 
_struct_ref_seq_dif.pdbx_auth_seq_num 
_struct_ref_seq_dif.pdbx_ordinal 
1 8GJS VAL A 30 ? UNP Q7ZUW7 LEU 46 conflict 46 1 
1 8GJS LEU A 79 ? UNP Q7ZUW7 VAL 95 conflict 95 2 
# 
loop_
_pdbx_struct_assembly.id 
_pdbx_struct_assembly.details 
_pdbx_struct_assembly.method_details 
_pdbx_struct_assembly.oligomeric_details 
_pdbx_struct_assembly.oligomeric_count 
1 author_defined_assembly ? monomeric 1 
2 author_defined_assembly ? monomeric 1 
# 
loop_
_pdbx_struct_assembly_gen.assembly_id 
_pdbx_struct_assembly_gen.oper_expression 
_pdbx_struct_assembly_gen.asym_id_list 
1 1 A,C 
2 1 B,D 
# 
_pdbx_struct_assembly_auth_evidence.id                     1 
_pdbx_struct_assembly_auth_evidence.assembly_id            1 
_pdbx_struct_assembly_auth_evidence.experimental_support   homology 
_pdbx_struct_assembly_auth_evidence.details                ? 
# 
_pdbx_struct_oper_list.id                   1 
_pdbx_struct_oper_list.type                 'identity operation' 
_pdbx_struct_oper_list.name                 1_555 
_pdbx_struct_oper_list.symmetry_operation   x,y,z 
_pdbx_struct_oper_list.matrix[1][1]         1.0000000000 
_pdbx_struct_oper_list.matrix[1][2]         0.0000000000 
_pdbx_struct_oper_list.matrix[1][3]         0.0000000000 
_pdbx_struct_oper_list.vector[1]            0.0000000000 
_pdbx_struct_oper_list.matrix[2][1]         0.0000000000 
_pdbx_struct_oper_list.matrix[2][2]         1.0000000000 
_pdbx_struct_oper_list.matrix[2][3]         0.0000000000 
_pdbx_struct_oper_list.vector[2]            0.0000000000 
_pdbx_struct_oper_list.matrix[3][1]         0.0000000000 
_pdbx_struct_oper_list.matrix[3][2]         0.0000000000 
_pdbx_struct_oper_list.matrix[3][3]         1.0000000000 
_pdbx_struct_oper_list.vector[3]            0.0000000000 
# 
loop_
_struct_conf.conf_type_id 
_struct_conf.id 
_struct_conf.pdbx_PDB_helix_id 
_struct_conf.beg_label_comp_id 
_struct_conf.beg_label_asym_id 
_struct_conf.beg_label_seq_id 
_struct_conf.pdbx_beg_PDB_ins_code 
_struct_conf.end_label_comp_id 
_struct_conf.end_label_asym_id 
_struct_conf.end_label_seq_id 
_struct_conf.pdbx_end_PDB_ins_code 
_struct_conf.beg_auth_comp_id 
_struct_conf.beg_auth_asym_id 
_struct_conf.beg_auth_seq_id 
_struct_conf.end_auth_comp_id 
_struct_conf.end_auth_asym_id 
_struct_conf.end_auth_seq_id 
_struct_conf.pdbx_PDB_helix_class 
_struct_conf.details 
_struct_conf.pdbx_PDB_helix_length 
HELX_P HELX_P1 AA1 ARG A 11 ? ALA A 21 ? ARG A 27 ALA A 37  1 ? 11 
HELX_P HELX_P2 AA2 VAL A 30 ? LYS A 44 ? VAL A 46 LYS A 60  1 ? 15 
HELX_P HELX_P3 AA3 ASP A 60 ? GLU A 67 ? ASP A 76 GLU A 83  1 ? 8  
HELX_P HELX_P4 AA4 PRO A 76 ? ASN A 86 ? PRO A 92 ASN A 102 1 ? 11 
HELX_P HELX_P5 AA5 THR B 3  ? PHE B 4  ? THR B 3  PHE B 4   5 ? 2  
HELX_P HELX_P6 AA6 GLU B 6  ? GLU B 6  ? GLU B 6  GLU B 6   5 ? 1  
HELX_P HELX_P7 AA7 TYR B 7  ? ALA B 15 ? TYR B 7  ALA B 15  1 ? 9  
# 
_struct_conf_type.id          HELX_P 
_struct_conf_type.criteria    ? 
_struct_conf_type.reference   ? 
# 
loop_
_struct_conn.id 
_struct_conn.conn_type_id 
_struct_conn.pdbx_leaving_atom_flag 
_struct_conn.pdbx_PDB_id 
_struct_conn.ptnr1_label_asym_id 
_struct_conn.ptnr1_label_comp_id 
_struct_conn.ptnr1_label_seq_id 
_struct_conn.ptnr1_label_atom_id 
_struct_conn.pdbx_ptnr1_label_alt_id 
_struct_conn.pdbx_ptnr1_PDB_ins_code 
_struct_conn.pdbx_ptnr1_standard_comp_id 
_struct_conn.ptnr1_symmetry 
_struct_conn.ptnr2_label_asym_id 
_struct_conn.ptnr2_label_comp_id 
_struct_conn.ptnr2_label_seq_id 
_struct_conn.ptnr2_label_atom_id 
_struct_conn.pdbx_ptnr2_label_alt_id 
_struct_conn.pdbx_ptnr2_PDB_ins_code 
_struct_conn.ptnr1_auth_asym_id 
_struct_conn.ptnr1_auth_comp_id 
_struct_conn.ptnr1_auth_seq_id 
_struct_conn.ptnr2_auth_asym_id 
_struct_conn.ptnr2_auth_comp_id 
_struct_conn.ptnr2_auth_seq_id 
_struct_conn.ptnr2_symmetry 
_struct_conn.pdbx_ptnr3_label_atom_id 
_struct_conn.pdbx_ptnr3_label_seq_id 
_struct_conn.pdbx_ptnr3_label_comp_id 
_struct_conn.pdbx_ptnr3_label_asym_id 
_struct_conn.pdbx_ptnr3_label_alt_id 
_struct_conn.pdbx_ptnr3_PDB_ins_code 
_struct_conn.details 
_struct_conn.pdbx_dist_value 
_struct_conn.pdbx_value_order 
_struct_conn.pdbx_role 
covale1 covale both ? B ACE 1  C   ? ? ? 1_555 B LEU 2  N  ? ? B ACE 1  B LEU 2  1_555 ? ? ? ? ? ? ? 1.328 ?    ? 
covale2 covale both ? B PHE 4  C   ? ? ? 1_555 B 0EH 5  N  ? ? B PHE 4  B 0EH 5  1_555 ? ? ? ? ? ? ? 1.333 ?    ? 
covale3 covale both ? B 0EH 5  C   ? ? ? 1_555 B GLU 6  N  ? ? B 0EH 5  B GLU 6  1_555 ? ? ? ? ? ? ? 1.329 ?    ? 
covale4 covale none ? B 0EH 5  CAT ? ? ? 1_555 B MK8 12 CE ? ? B 0EH 5  B MK8 12 1_555 ? ? ? ? ? ? ? 1.341 doub ? 
covale5 covale both ? B LEU 11 C   ? ? ? 1_555 B MK8 12 N  ? ? B LEU 11 B MK8 12 1_555 ? ? ? ? ? ? ? 1.331 ?    ? 
covale6 covale both ? B MK8 12 C   ? ? ? 1_555 B ALA 13 N  ? ? B MK8 12 B ALA 13 1_555 ? ? ? ? ? ? ? 1.328 ?    ? 
covale7 covale both ? B ALA 17 C   ? ? ? 1_555 B DAL 18 N  ? ? B ALA 17 B DAL 18 1_555 ? ? ? ? ? ? ? 1.330 ?    ? 
# 
_struct_conn_type.id          covale 
_struct_conn_type.criteria    ? 
_struct_conn_type.reference   ? 
# 
loop_
_pdbx_modification_feature.ordinal 
_pdbx_modification_feature.label_comp_id 
_pdbx_modification_feature.label_asym_id 
_pdbx_modification_feature.label_seq_id 
_pdbx_modification_feature.label_alt_id 
_pdbx_modification_feature.modified_residue_label_comp_id 
_pdbx_modification_feature.modified_residue_label_asym_id 
_pdbx_modification_feature.modified_residue_label_seq_id 
_pdbx_modification_feature.modified_residue_label_alt_id 
_pdbx_modification_feature.auth_comp_id 
_pdbx_modification_feature.auth_asym_id 
_pdbx_modification_feature.auth_seq_id 
_pdbx_modification_feature.PDB_ins_code 
_pdbx_modification_feature.symmetry 
_pdbx_modification_feature.modified_residue_auth_comp_id 
_pdbx_modification_feature.modified_residue_auth_asym_id 
_pdbx_modification_feature.modified_residue_auth_seq_id 
_pdbx_modification_feature.modified_residue_PDB_ins_code 
_pdbx_modification_feature.modified_residue_symmetry 
_pdbx_modification_feature.comp_id_linking_atom 
_pdbx_modification_feature.modified_residue_id_linking_atom 
_pdbx_modification_feature.modified_residue_id 
_pdbx_modification_feature.ref_pcm_id 
_pdbx_modification_feature.ref_comp_id 
_pdbx_modification_feature.type 
_pdbx_modification_feature.category 
1 MK8 B 12 ? .   . .  . MK8 B 12 ? 1_555 .   . .  . .     .   .  LEU 1  MK8 Norleucine  'Named protein modification' 
2 MK8 B 12 ? .   . .  . MK8 B 12 ? 1_555 .   . .  . .     .   .  LEU 2  MK8 Methylation 'Named protein modification' 
3 0EH B 5  ? .   . .  . 0EH B 5  ? 1_555 .   . .  . .     .   .  ?   1  0EH None        'Non-standard residue'       
4 ACE B 1  ? LEU B 2  ? ACE B 1  ? 1_555 LEU B 2  ? 1_555 .   .  LEU 14 ACE None        'Terminal acetylation'       
5 0EH B 5  ? MK8 B 12 ? 0EH B 5  ? 1_555 MK8 B 12 ? 1_555 CAT CE .   .  .   None        'Non-standard linkage'       
# 
loop_
_struct_sheet.id 
_struct_sheet.type 
_struct_sheet.number_strands 
_struct_sheet.details 
AA1 ? 3 ? 
AA2 ? 2 ? 
# 
loop_
_struct_sheet_order.sheet_id 
_struct_sheet_order.range_id_1 
_struct_sheet_order.range_id_2 
_struct_sheet_order.offset 
_struct_sheet_order.sense 
AA1 1 2 ? anti-parallel 
AA1 2 3 ? anti-parallel 
AA2 1 2 ? anti-parallel 
# 
loop_
_struct_sheet_range.sheet_id 
_struct_sheet_range.id 
_struct_sheet_range.beg_label_comp_id 
_struct_sheet_range.beg_label_asym_id 
_struct_sheet_range.beg_label_seq_id 
_struct_sheet_range.pdbx_beg_PDB_ins_code 
_struct_sheet_range.end_label_comp_id 
_struct_sheet_range.end_label_asym_id 
_struct_sheet_range.end_label_seq_id 
_struct_sheet_range.pdbx_end_PDB_ins_code 
_struct_sheet_range.beg_auth_comp_id 
_struct_sheet_range.beg_auth_asym_id 
_struct_sheet_range.beg_auth_seq_id 
_struct_sheet_range.end_auth_comp_id 
_struct_sheet_range.end_auth_asym_id 
_struct_sheet_range.end_auth_seq_id 
AA1 1 PHE A 28 ? THR A 29 ? PHE A 44  THR A 45  
AA1 2 GLN A 7  ? PRO A 10 ? GLN A 23  PRO A 26  
AA1 3 LEU A 87 ? ILE A 89 ? LEU A 103 ILE A 105 
AA2 1 ILE A 54 ? HIS A 56 ? ILE A 70  HIS A 72  
AA2 2 SER A 70 ? SER A 72 ? SER A 86  SER A 88  
# 
loop_
_pdbx_struct_sheet_hbond.sheet_id 
_pdbx_struct_sheet_hbond.range_id_1 
_pdbx_struct_sheet_hbond.range_id_2 
_pdbx_struct_sheet_hbond.range_1_label_atom_id 
_pdbx_struct_sheet_hbond.range_1_label_comp_id 
_pdbx_struct_sheet_hbond.range_1_label_asym_id 
_pdbx_struct_sheet_hbond.range_1_label_seq_id 
_pdbx_struct_sheet_hbond.range_1_PDB_ins_code 
_pdbx_struct_sheet_hbond.range_1_auth_atom_id 
_pdbx_struct_sheet_hbond.range_1_auth_comp_id 
_pdbx_struct_sheet_hbond.range_1_auth_asym_id 
_pdbx_struct_sheet_hbond.range_1_auth_seq_id 
_pdbx_struct_sheet_hbond.range_2_label_atom_id 
_pdbx_struct_sheet_hbond.range_2_label_comp_id 
_pdbx_struct_sheet_hbond.range_2_label_asym_id 
_pdbx_struct_sheet_hbond.range_2_label_seq_id 
_pdbx_struct_sheet_hbond.range_2_PDB_ins_code 
_pdbx_struct_sheet_hbond.range_2_auth_atom_id 
_pdbx_struct_sheet_hbond.range_2_auth_comp_id 
_pdbx_struct_sheet_hbond.range_2_auth_asym_id 
_pdbx_struct_sheet_hbond.range_2_auth_seq_id 
AA1 1 2 O PHE A 28 ? O PHE A 44 N VAL A 8  ? N VAL A 24  
AA1 2 3 N HIS A 9  ? N HIS A 25 O VAL A 88 ? O VAL A 104 
AA2 1 2 N VAL A 55 ? N VAL A 71 O PHE A 71 ? O PHE A 87  
# 
_pdbx_entry_details.entry_id                   8GJS 
_pdbx_entry_details.nonpolymer_details         ? 
_pdbx_entry_details.sequence_details           ? 
_pdbx_entry_details.compound_details           ? 
_pdbx_entry_details.source_details             ? 
_pdbx_entry_details.has_ligand_of_interest     Y 
_pdbx_entry_details.has_protein_modification   Y 
# 
loop_
_pdbx_validate_torsion.id 
_pdbx_validate_torsion.PDB_model_num 
_pdbx_validate_torsion.auth_comp_id 
_pdbx_validate_torsion.auth_asym_id 
_pdbx_validate_torsion.auth_seq_id 
_pdbx_validate_torsion.PDB_ins_code 
_pdbx_validate_torsion.label_alt_id 
_pdbx_validate_torsion.phi 
_pdbx_validate_torsion.psi 
1 1 ALA B 16 ? ? -157.57 -21.46  
2 1 ALA B 17 ? ? -164.21 -116.29 
# 
_pdbx_struct_special_symmetry.id              1 
_pdbx_struct_special_symmetry.PDB_model_num   1 
_pdbx_struct_special_symmetry.auth_asym_id    A 
_pdbx_struct_special_symmetry.auth_comp_id    HOH 
_pdbx_struct_special_symmetry.auth_seq_id     212 
_pdbx_struct_special_symmetry.PDB_ins_code    ? 
_pdbx_struct_special_symmetry.label_asym_id   C 
_pdbx_struct_special_symmetry.label_comp_id   HOH 
_pdbx_struct_special_symmetry.label_seq_id    . 
# 
_pdbx_distant_solvent_atoms.id                                1 
_pdbx_distant_solvent_atoms.PDB_model_num                     1 
_pdbx_distant_solvent_atoms.auth_atom_id                      O 
_pdbx_distant_solvent_atoms.label_alt_id                      ? 
_pdbx_distant_solvent_atoms.auth_asym_id                      B 
_pdbx_distant_solvent_atoms.auth_comp_id                      HOH 
_pdbx_distant_solvent_atoms.auth_seq_id                       125 
_pdbx_distant_solvent_atoms.PDB_ins_code                      ? 
_pdbx_distant_solvent_atoms.neighbor_macromolecule_distance   5.81 
_pdbx_distant_solvent_atoms.neighbor_ligand_distance          . 
# 
loop_
_chem_comp_atom.comp_id 
_chem_comp_atom.atom_id 
_chem_comp_atom.type_symbol 
_chem_comp_atom.pdbx_aromatic_flag 
_chem_comp_atom.pdbx_stereo_config 
_chem_comp_atom.pdbx_ordinal 
0EH O    O N N 1   
0EH C    C N N 2   
0EH CA   C N R 3   
0EH CAA  C N N 4   
0EH CAB  C N N 5   
0EH N    N N N 6   
0EH CAO  C N N 7   
0EH CAP  C N N 8   
0EH CAQ  C N N 9   
0EH CAR  C N N 10  
0EH CAS  C N N 11  
0EH CAT  C N N 12  
0EH H1   H N N 13  
0EH H3   H N N 14  
0EH H4   H N N 15  
0EH H5   H N N 16  
0EH H6   H N N 17  
0EH H    H N N 18  
0EH H2   H N N 19  
0EH H10  H N N 20  
0EH H11  H N N 21  
0EH H12  H N N 22  
0EH H13  H N N 23  
0EH H14  H N N 24  
0EH H15  H N N 25  
0EH H16  H N N 26  
0EH H17  H N N 27  
0EH H18  H N N 28  
0EH H19  H N N 29  
0EH H20  H N N 30  
0EH H21  H N N 31  
0EH H22  H N N 32  
0EH OXT  O N N 33  
0EH HXT  H N N 34  
ACE C    C N N 35  
ACE O    O N N 36  
ACE CH3  C N N 37  
ACE H    H N N 38  
ACE H1   H N N 39  
ACE H2   H N N 40  
ACE H3   H N N 41  
ALA N    N N N 42  
ALA CA   C N S 43  
ALA C    C N N 44  
ALA O    O N N 45  
ALA CB   C N N 46  
ALA OXT  O N N 47  
ALA H    H N N 48  
ALA H2   H N N 49  
ALA HA   H N N 50  
ALA HB1  H N N 51  
ALA HB2  H N N 52  
ALA HB3  H N N 53  
ALA HXT  H N N 54  
ARG N    N N N 55  
ARG CA   C N S 56  
ARG C    C N N 57  
ARG O    O N N 58  
ARG CB   C N N 59  
ARG CG   C N N 60  
ARG CD   C N N 61  
ARG NE   N N N 62  
ARG CZ   C N N 63  
ARG NH1  N N N 64  
ARG NH2  N N N 65  
ARG OXT  O N N 66  
ARG H    H N N 67  
ARG H2   H N N 68  
ARG HA   H N N 69  
ARG HB2  H N N 70  
ARG HB3  H N N 71  
ARG HG2  H N N 72  
ARG HG3  H N N 73  
ARG HD2  H N N 74  
ARG HD3  H N N 75  
ARG HE   H N N 76  
ARG HH11 H N N 77  
ARG HH12 H N N 78  
ARG HH21 H N N 79  
ARG HH22 H N N 80  
ARG HXT  H N N 81  
ASN N    N N N 82  
ASN CA   C N S 83  
ASN C    C N N 84  
ASN O    O N N 85  
ASN CB   C N N 86  
ASN CG   C N N 87  
ASN OD1  O N N 88  
ASN ND2  N N N 89  
ASN OXT  O N N 90  
ASN H    H N N 91  
ASN H2   H N N 92  
ASN HA   H N N 93  
ASN HB2  H N N 94  
ASN HB3  H N N 95  
ASN HD21 H N N 96  
ASN HD22 H N N 97  
ASN HXT  H N N 98  
ASP N    N N N 99  
ASP CA   C N S 100 
ASP C    C N N 101 
ASP O    O N N 102 
ASP CB   C N N 103 
ASP CG   C N N 104 
ASP OD1  O N N 105 
ASP OD2  O N N 106 
ASP OXT  O N N 107 
ASP H    H N N 108 
ASP H2   H N N 109 
ASP HA   H N N 110 
ASP HB2  H N N 111 
ASP HB3  H N N 112 
ASP HD2  H N N 113 
ASP HXT  H N N 114 
CYS N    N N N 115 
CYS CA   C N R 116 
CYS C    C N N 117 
CYS O    O N N 118 
CYS CB   C N N 119 
CYS SG   S N N 120 
CYS OXT  O N N 121 
CYS H    H N N 122 
CYS H2   H N N 123 
CYS HA   H N N 124 
CYS HB2  H N N 125 
CYS HB3  H N N 126 
CYS HG   H N N 127 
CYS HXT  H N N 128 
DAL N    N N N 129 
DAL CA   C N R 130 
DAL CB   C N N 131 
DAL C    C N N 132 
DAL O    O N N 133 
DAL OXT  O N N 134 
DAL H    H N N 135 
DAL H2   H N N 136 
DAL HA   H N N 137 
DAL HB1  H N N 138 
DAL HB2  H N N 139 
DAL HB3  H N N 140 
DAL HXT  H N N 141 
GLN N    N N N 142 
GLN CA   C N S 143 
GLN C    C N N 144 
GLN O    O N N 145 
GLN CB   C N N 146 
GLN CG   C N N 147 
GLN CD   C N N 148 
GLN OE1  O N N 149 
GLN NE2  N N N 150 
GLN OXT  O N N 151 
GLN H    H N N 152 
GLN H2   H N N 153 
GLN HA   H N N 154 
GLN HB2  H N N 155 
GLN HB3  H N N 156 
GLN HG2  H N N 157 
GLN HG3  H N N 158 
GLN HE21 H N N 159 
GLN HE22 H N N 160 
GLN HXT  H N N 161 
GLU N    N N N 162 
GLU CA   C N S 163 
GLU C    C N N 164 
GLU O    O N N 165 
GLU CB   C N N 166 
GLU CG   C N N 167 
GLU CD   C N N 168 
GLU OE1  O N N 169 
GLU OE2  O N N 170 
GLU OXT  O N N 171 
GLU H    H N N 172 
GLU H2   H N N 173 
GLU HA   H N N 174 
GLU HB2  H N N 175 
GLU HB3  H N N 176 
GLU HG2  H N N 177 
GLU HG3  H N N 178 
GLU HE2  H N N 179 
GLU HXT  H N N 180 
GLY N    N N N 181 
GLY CA   C N N 182 
GLY C    C N N 183 
GLY O    O N N 184 
GLY OXT  O N N 185 
GLY H    H N N 186 
GLY H2   H N N 187 
GLY HA2  H N N 188 
GLY HA3  H N N 189 
GLY HXT  H N N 190 
HIS N    N N N 191 
HIS CA   C N S 192 
HIS C    C N N 193 
HIS O    O N N 194 
HIS CB   C N N 195 
HIS CG   C Y N 196 
HIS ND1  N Y N 197 
HIS CD2  C Y N 198 
HIS CE1  C Y N 199 
HIS NE2  N Y N 200 
HIS OXT  O N N 201 
HIS H    H N N 202 
HIS H2   H N N 203 
HIS HA   H N N 204 
HIS HB2  H N N 205 
HIS HB3  H N N 206 
HIS HD1  H N N 207 
HIS HD2  H N N 208 
HIS HE1  H N N 209 
HIS HE2  H N N 210 
HIS HXT  H N N 211 
HOH O    O N N 212 
HOH H1   H N N 213 
HOH H2   H N N 214 
ILE N    N N N 215 
ILE CA   C N S 216 
ILE C    C N N 217 
ILE O    O N N 218 
ILE CB   C N S 219 
ILE CG1  C N N 220 
ILE CG2  C N N 221 
ILE CD1  C N N 222 
ILE OXT  O N N 223 
ILE H    H N N 224 
ILE H2   H N N 225 
ILE HA   H N N 226 
ILE HB   H N N 227 
ILE HG12 H N N 228 
ILE HG13 H N N 229 
ILE HG21 H N N 230 
ILE HG22 H N N 231 
ILE HG23 H N N 232 
ILE HD11 H N N 233 
ILE HD12 H N N 234 
ILE HD13 H N N 235 
ILE HXT  H N N 236 
LEU N    N N N 237 
LEU CA   C N S 238 
LEU C    C N N 239 
LEU O    O N N 240 
LEU CB   C N N 241 
LEU CG   C N N 242 
LEU CD1  C N N 243 
LEU CD2  C N N 244 
LEU OXT  O N N 245 
LEU H    H N N 246 
LEU H2   H N N 247 
LEU HA   H N N 248 
LEU HB2  H N N 249 
LEU HB3  H N N 250 
LEU HG   H N N 251 
LEU HD11 H N N 252 
LEU HD12 H N N 253 
LEU HD13 H N N 254 
LEU HD21 H N N 255 
LEU HD22 H N N 256 
LEU HD23 H N N 257 
LEU HXT  H N N 258 
LYS N    N N N 259 
LYS CA   C N S 260 
LYS C    C N N 261 
LYS O    O N N 262 
LYS CB   C N N 263 
LYS CG   C N N 264 
LYS CD   C N N 265 
LYS CE   C N N 266 
LYS NZ   N N N 267 
LYS OXT  O N N 268 
LYS H    H N N 269 
LYS H2   H N N 270 
LYS HA   H N N 271 
LYS HB2  H N N 272 
LYS HB3  H N N 273 
LYS HG2  H N N 274 
LYS HG3  H N N 275 
LYS HD2  H N N 276 
LYS HD3  H N N 277 
LYS HE2  H N N 278 
LYS HE3  H N N 279 
LYS HZ1  H N N 280 
LYS HZ2  H N N 281 
LYS HZ3  H N N 282 
LYS HXT  H N N 283 
MET N    N N N 284 
MET CA   C N S 285 
MET C    C N N 286 
MET O    O N N 287 
MET CB   C N N 288 
MET CG   C N N 289 
MET SD   S N N 290 
MET CE   C N N 291 
MET OXT  O N N 292 
MET H    H N N 293 
MET H2   H N N 294 
MET HA   H N N 295 
MET HB2  H N N 296 
MET HB3  H N N 297 
MET HG2  H N N 298 
MET HG3  H N N 299 
MET HE1  H N N 300 
MET HE2  H N N 301 
MET HE3  H N N 302 
MET HXT  H N N 303 
MK8 C    C N N 304 
MK8 N    N N N 305 
MK8 O    O N N 306 
MK8 CA   C N S 307 
MK8 CB   C N N 308 
MK8 CD   C N N 309 
MK8 CE   C N N 310 
MK8 CG   C N N 311 
MK8 CB1  C N N 312 
MK8 OXT  O N N 313 
MK8 H    H N N 314 
MK8 H2   H N N 315 
MK8 HB   H N N 316 
MK8 HBA  H N N 317 
MK8 HD   H N N 318 
MK8 HDA  H N N 319 
MK8 HE   H N N 320 
MK8 HEA  H N N 321 
MK8 HEB  H N N 322 
MK8 HG   H N N 323 
MK8 HGA  H N N 324 
MK8 HB1  H N N 325 
MK8 HB1A H N N 326 
MK8 HB1B H N N 327 
MK8 HXT  H N N 328 
PHE N    N N N 329 
PHE CA   C N S 330 
PHE C    C N N 331 
PHE O    O N N 332 
PHE CB   C N N 333 
PHE CG   C Y N 334 
PHE CD1  C Y N 335 
PHE CD2  C Y N 336 
PHE CE1  C Y N 337 
PHE CE2  C Y N 338 
PHE CZ   C Y N 339 
PHE OXT  O N N 340 
PHE H    H N N 341 
PHE H2   H N N 342 
PHE HA   H N N 343 
PHE HB2  H N N 344 
PHE HB3  H N N 345 
PHE HD1  H N N 346 
PHE HD2  H N N 347 
PHE HE1  H N N 348 
PHE HE2  H N N 349 
PHE HZ   H N N 350 
PHE HXT  H N N 351 
PRO N    N N N 352 
PRO CA   C N S 353 
PRO C    C N N 354 
PRO O    O N N 355 
PRO CB   C N N 356 
PRO CG   C N N 357 
PRO CD   C N N 358 
PRO OXT  O N N 359 
PRO H    H N N 360 
PRO HA   H N N 361 
PRO HB2  H N N 362 
PRO HB3  H N N 363 
PRO HG2  H N N 364 
PRO HG3  H N N 365 
PRO HD2  H N N 366 
PRO HD3  H N N 367 
PRO HXT  H N N 368 
SER N    N N N 369 
SER CA   C N S 370 
SER C    C N N 371 
SER O    O N N 372 
SER CB   C N N 373 
SER OG   O N N 374 
SER OXT  O N N 375 
SER H    H N N 376 
SER H2   H N N 377 
SER HA   H N N 378 
SER HB2  H N N 379 
SER HB3  H N N 380 
SER HG   H N N 381 
SER HXT  H N N 382 
THR N    N N N 383 
THR CA   C N S 384 
THR C    C N N 385 
THR O    O N N 386 
THR CB   C N R 387 
THR OG1  O N N 388 
THR CG2  C N N 389 
THR OXT  O N N 390 
THR H    H N N 391 
THR H2   H N N 392 
THR HA   H N N 393 
THR HB   H N N 394 
THR HG1  H N N 395 
THR HG21 H N N 396 
THR HG22 H N N 397 
THR HG23 H N N 398 
THR HXT  H N N 399 
TRP N    N N N 400 
TRP CA   C N S 401 
TRP C    C N N 402 
TRP O    O N N 403 
TRP CB   C N N 404 
TRP CG   C Y N 405 
TRP CD1  C Y N 406 
TRP CD2  C Y N 407 
TRP NE1  N Y N 408 
TRP CE2  C Y N 409 
TRP CE3  C Y N 410 
TRP CZ2  C Y N 411 
TRP CZ3  C Y N 412 
TRP CH2  C Y N 413 
TRP OXT  O N N 414 
TRP H    H N N 415 
TRP H2   H N N 416 
TRP HA   H N N 417 
TRP HB2  H N N 418 
TRP HB3  H N N 419 
TRP HD1  H N N 420 
TRP HE1  H N N 421 
TRP HE3  H N N 422 
TRP HZ2  H N N 423 
TRP HZ3  H N N 424 
TRP HH2  H N N 425 
TRP HXT  H N N 426 
TYR N    N N N 427 
TYR CA   C N S 428 
TYR C    C N N 429 
TYR O    O N N 430 
TYR CB   C N N 431 
TYR CG   C Y N 432 
TYR CD1  C Y N 433 
TYR CD2  C Y N 434 
TYR CE1  C Y N 435 
TYR CE2  C Y N 436 
TYR CZ   C Y N 437 
TYR OH   O N N 438 
TYR OXT  O N N 439 
TYR H    H N N 440 
TYR H2   H N N 441 
TYR HA   H N N 442 
TYR HB2  H N N 443 
TYR HB3  H N N 444 
TYR HD1  H N N 445 
TYR HD2  H N N 446 
TYR HE1  H N N 447 
TYR HE2  H N N 448 
TYR HH   H N N 449 
TYR HXT  H N N 450 
VAL N    N N N 451 
VAL CA   C N S 452 
VAL C    C N N 453 
VAL O    O N N 454 
VAL CB   C N N 455 
VAL CG1  C N N 456 
VAL CG2  C N N 457 
VAL OXT  O N N 458 
VAL H    H N N 459 
VAL H2   H N N 460 
VAL HA   H N N 461 
VAL HB   H N N 462 
VAL HG11 H N N 463 
VAL HG12 H N N 464 
VAL HG13 H N N 465 
VAL HG21 H N N 466 
VAL HG22 H N N 467 
VAL HG23 H N N 468 
VAL HXT  H N N 469 
# 
loop_
_chem_comp_bond.comp_id 
_chem_comp_bond.atom_id_1 
_chem_comp_bond.atom_id_2 
_chem_comp_bond.value_order 
_chem_comp_bond.pdbx_aromatic_flag 
_chem_comp_bond.pdbx_stereo_config 
_chem_comp_bond.pdbx_ordinal 
0EH CAT CAS  sing N N 1   
0EH O   C    doub N N 2   
0EH CAR CAS  sing N N 3   
0EH CAR CAQ  sing N N 4   
0EH C   CA   sing N N 5   
0EH CAA CA   sing N N 6   
0EH CAO CAP  sing N N 7   
0EH CAO CAB  sing N N 8   
0EH CAQ CAP  sing N N 9   
0EH CA  CAB  sing N N 10  
0EH CA  N    sing N N 11  
0EH CAA H1   sing N N 12  
0EH CAA H3   sing N N 13  
0EH CAA H4   sing N N 14  
0EH CAB H5   sing N N 15  
0EH CAB H6   sing N N 16  
0EH N   H    sing N N 17  
0EH N   H2   sing N N 18  
0EH CAO H10  sing N N 19  
0EH CAO H11  sing N N 20  
0EH CAP H12  sing N N 21  
0EH CAP H13  sing N N 22  
0EH CAQ H14  sing N N 23  
0EH CAQ H15  sing N N 24  
0EH CAR H16  sing N N 25  
0EH CAR H17  sing N N 26  
0EH CAS H18  sing N N 27  
0EH CAS H19  sing N N 28  
0EH CAT H20  sing N N 29  
0EH CAT H21  sing N N 30  
0EH CAT H22  sing N N 31  
0EH C   OXT  sing N N 32  
0EH OXT HXT  sing N N 33  
ACE C   O    doub N N 34  
ACE C   CH3  sing N N 35  
ACE C   H    sing N N 36  
ACE CH3 H1   sing N N 37  
ACE CH3 H2   sing N N 38  
ACE CH3 H3   sing N N 39  
ALA N   CA   sing N N 40  
ALA N   H    sing N N 41  
ALA N   H2   sing N N 42  
ALA CA  C    sing N N 43  
ALA CA  CB   sing N N 44  
ALA CA  HA   sing N N 45  
ALA C   O    doub N N 46  
ALA C   OXT  sing N N 47  
ALA CB  HB1  sing N N 48  
ALA CB  HB2  sing N N 49  
ALA CB  HB3  sing N N 50  
ALA OXT HXT  sing N N 51  
ARG N   CA   sing N N 52  
ARG N   H    sing N N 53  
ARG N   H2   sing N N 54  
ARG CA  C    sing N N 55  
ARG CA  CB   sing N N 56  
ARG CA  HA   sing N N 57  
ARG C   O    doub N N 58  
ARG C   OXT  sing N N 59  
ARG CB  CG   sing N N 60  
ARG CB  HB2  sing N N 61  
ARG CB  HB3  sing N N 62  
ARG CG  CD   sing N N 63  
ARG CG  HG2  sing N N 64  
ARG CG  HG3  sing N N 65  
ARG CD  NE   sing N N 66  
ARG CD  HD2  sing N N 67  
ARG CD  HD3  sing N N 68  
ARG NE  CZ   sing N N 69  
ARG NE  HE   sing N N 70  
ARG CZ  NH1  sing N N 71  
ARG CZ  NH2  doub N N 72  
ARG NH1 HH11 sing N N 73  
ARG NH1 HH12 sing N N 74  
ARG NH2 HH21 sing N N 75  
ARG NH2 HH22 sing N N 76  
ARG OXT HXT  sing N N 77  
ASN N   CA   sing N N 78  
ASN N   H    sing N N 79  
ASN N   H2   sing N N 80  
ASN CA  C    sing N N 81  
ASN CA  CB   sing N N 82  
ASN CA  HA   sing N N 83  
ASN C   O    doub N N 84  
ASN C   OXT  sing N N 85  
ASN CB  CG   sing N N 86  
ASN CB  HB2  sing N N 87  
ASN CB  HB3  sing N N 88  
ASN CG  OD1  doub N N 89  
ASN CG  ND2  sing N N 90  
ASN ND2 HD21 sing N N 91  
ASN ND2 HD22 sing N N 92  
ASN OXT HXT  sing N N 93  
ASP N   CA   sing N N 94  
ASP N   H    sing N N 95  
ASP N   H2   sing N N 96  
ASP CA  C    sing N N 97  
ASP CA  CB   sing N N 98  
ASP CA  HA   sing N N 99  
ASP C   O    doub N N 100 
ASP C   OXT  sing N N 101 
ASP CB  CG   sing N N 102 
ASP CB  HB2  sing N N 103 
ASP CB  HB3  sing N N 104 
ASP CG  OD1  doub N N 105 
ASP CG  OD2  sing N N 106 
ASP OD2 HD2  sing N N 107 
ASP OXT HXT  sing N N 108 
CYS N   CA   sing N N 109 
CYS N   H    sing N N 110 
CYS N   H2   sing N N 111 
CYS CA  C    sing N N 112 
CYS CA  CB   sing N N 113 
CYS CA  HA   sing N N 114 
CYS C   O    doub N N 115 
CYS C   OXT  sing N N 116 
CYS CB  SG   sing N N 117 
CYS CB  HB2  sing N N 118 
CYS CB  HB3  sing N N 119 
CYS SG  HG   sing N N 120 
CYS OXT HXT  sing N N 121 
DAL N   CA   sing N N 122 
DAL N   H    sing N N 123 
DAL N   H2   sing N N 124 
DAL CA  CB   sing N N 125 
DAL CA  C    sing N N 126 
DAL CA  HA   sing N N 127 
DAL CB  HB1  sing N N 128 
DAL CB  HB2  sing N N 129 
DAL CB  HB3  sing N N 130 
DAL C   O    doub N N 131 
DAL C   OXT  sing N N 132 
DAL OXT HXT  sing N N 133 
GLN N   CA   sing N N 134 
GLN N   H    sing N N 135 
GLN N   H2   sing N N 136 
GLN CA  C    sing N N 137 
GLN CA  CB   sing N N 138 
GLN CA  HA   sing N N 139 
GLN C   O    doub N N 140 
GLN C   OXT  sing N N 141 
GLN CB  CG   sing N N 142 
GLN CB  HB2  sing N N 143 
GLN CB  HB3  sing N N 144 
GLN CG  CD   sing N N 145 
GLN CG  HG2  sing N N 146 
GLN CG  HG3  sing N N 147 
GLN CD  OE1  doub N N 148 
GLN CD  NE2  sing N N 149 
GLN NE2 HE21 sing N N 150 
GLN NE2 HE22 sing N N 151 
GLN OXT HXT  sing N N 152 
GLU N   CA   sing N N 153 
GLU N   H    sing N N 154 
GLU N   H2   sing N N 155 
GLU CA  C    sing N N 156 
GLU CA  CB   sing N N 157 
GLU CA  HA   sing N N 158 
GLU C   O    doub N N 159 
GLU C   OXT  sing N N 160 
GLU CB  CG   sing N N 161 
GLU CB  HB2  sing N N 162 
GLU CB  HB3  sing N N 163 
GLU CG  CD   sing N N 164 
GLU CG  HG2  sing N N 165 
GLU CG  HG3  sing N N 166 
GLU CD  OE1  doub N N 167 
GLU CD  OE2  sing N N 168 
GLU OE2 HE2  sing N N 169 
GLU OXT HXT  sing N N 170 
GLY N   CA   sing N N 171 
GLY N   H    sing N N 172 
GLY N   H2   sing N N 173 
GLY CA  C    sing N N 174 
GLY CA  HA2  sing N N 175 
GLY CA  HA3  sing N N 176 
GLY C   O    doub N N 177 
GLY C   OXT  sing N N 178 
GLY OXT HXT  sing N N 179 
HIS N   CA   sing N N 180 
HIS N   H    sing N N 181 
HIS N   H2   sing N N 182 
HIS CA  C    sing N N 183 
HIS CA  CB   sing N N 184 
HIS CA  HA   sing N N 185 
HIS C   O    doub N N 186 
HIS C   OXT  sing N N 187 
HIS CB  CG   sing N N 188 
HIS CB  HB2  sing N N 189 
HIS CB  HB3  sing N N 190 
HIS CG  ND1  sing Y N 191 
HIS CG  CD2  doub Y N 192 
HIS ND1 CE1  doub Y N 193 
HIS ND1 HD1  sing N N 194 
HIS CD2 NE2  sing Y N 195 
HIS CD2 HD2  sing N N 196 
HIS CE1 NE2  sing Y N 197 
HIS CE1 HE1  sing N N 198 
HIS NE2 HE2  sing N N 199 
HIS OXT HXT  sing N N 200 
HOH O   H1   sing N N 201 
HOH O   H2   sing N N 202 
ILE N   CA   sing N N 203 
ILE N   H    sing N N 204 
ILE N   H2   sing N N 205 
ILE CA  C    sing N N 206 
ILE CA  CB   sing N N 207 
ILE CA  HA   sing N N 208 
ILE C   O    doub N N 209 
ILE C   OXT  sing N N 210 
ILE CB  CG1  sing N N 211 
ILE CB  CG2  sing N N 212 
ILE CB  HB   sing N N 213 
ILE CG1 CD1  sing N N 214 
ILE CG1 HG12 sing N N 215 
ILE CG1 HG13 sing N N 216 
ILE CG2 HG21 sing N N 217 
ILE CG2 HG22 sing N N 218 
ILE CG2 HG23 sing N N 219 
ILE CD1 HD11 sing N N 220 
ILE CD1 HD12 sing N N 221 
ILE CD1 HD13 sing N N 222 
ILE OXT HXT  sing N N 223 
LEU N   CA   sing N N 224 
LEU N   H    sing N N 225 
LEU N   H2   sing N N 226 
LEU CA  C    sing N N 227 
LEU CA  CB   sing N N 228 
LEU CA  HA   sing N N 229 
LEU C   O    doub N N 230 
LEU C   OXT  sing N N 231 
LEU CB  CG   sing N N 232 
LEU CB  HB2  sing N N 233 
LEU CB  HB3  sing N N 234 
LEU CG  CD1  sing N N 235 
LEU CG  CD2  sing N N 236 
LEU CG  HG   sing N N 237 
LEU CD1 HD11 sing N N 238 
LEU CD1 HD12 sing N N 239 
LEU CD1 HD13 sing N N 240 
LEU CD2 HD21 sing N N 241 
LEU CD2 HD22 sing N N 242 
LEU CD2 HD23 sing N N 243 
LEU OXT HXT  sing N N 244 
LYS N   CA   sing N N 245 
LYS N   H    sing N N 246 
LYS N   H2   sing N N 247 
LYS CA  C    sing N N 248 
LYS CA  CB   sing N N 249 
LYS CA  HA   sing N N 250 
LYS C   O    doub N N 251 
LYS C   OXT  sing N N 252 
LYS CB  CG   sing N N 253 
LYS CB  HB2  sing N N 254 
LYS CB  HB3  sing N N 255 
LYS CG  CD   sing N N 256 
LYS CG  HG2  sing N N 257 
LYS CG  HG3  sing N N 258 
LYS CD  CE   sing N N 259 
LYS CD  HD2  sing N N 260 
LYS CD  HD3  sing N N 261 
LYS CE  NZ   sing N N 262 
LYS CE  HE2  sing N N 263 
LYS CE  HE3  sing N N 264 
LYS NZ  HZ1  sing N N 265 
LYS NZ  HZ2  sing N N 266 
LYS NZ  HZ3  sing N N 267 
LYS OXT HXT  sing N N 268 
MET N   CA   sing N N 269 
MET N   H    sing N N 270 
MET N   H2   sing N N 271 
MET CA  C    sing N N 272 
MET CA  CB   sing N N 273 
MET CA  HA   sing N N 274 
MET C   O    doub N N 275 
MET C   OXT  sing N N 276 
MET CB  CG   sing N N 277 
MET CB  HB2  sing N N 278 
MET CB  HB3  sing N N 279 
MET CG  SD   sing N N 280 
MET CG  HG2  sing N N 281 
MET CG  HG3  sing N N 282 
MET SD  CE   sing N N 283 
MET CE  HE1  sing N N 284 
MET CE  HE2  sing N N 285 
MET CE  HE3  sing N N 286 
MET OXT HXT  sing N N 287 
MK8 C   CA   sing N N 288 
MK8 C   OXT  sing N N 289 
MK8 N   H    sing N N 290 
MK8 N   H2   sing N N 291 
MK8 O   C    doub N N 292 
MK8 CA  N    sing N N 293 
MK8 CA  CB   sing N N 294 
MK8 CB  HB   sing N N 295 
MK8 CB  HBA  sing N N 296 
MK8 CD  CG   sing N N 297 
MK8 CD  HD   sing N N 298 
MK8 CD  HDA  sing N N 299 
MK8 CE  CD   sing N N 300 
MK8 CE  HE   sing N N 301 
MK8 CE  HEA  sing N N 302 
MK8 CE  HEB  sing N N 303 
MK8 CG  CB   sing N N 304 
MK8 CG  HG   sing N N 305 
MK8 CG  HGA  sing N N 306 
MK8 CB1 CA   sing N N 307 
MK8 CB1 HB1  sing N N 308 
MK8 CB1 HB1A sing N N 309 
MK8 CB1 HB1B sing N N 310 
MK8 OXT HXT  sing N N 311 
PHE N   CA   sing N N 312 
PHE N   H    sing N N 313 
PHE N   H2   sing N N 314 
PHE CA  C    sing N N 315 
PHE CA  CB   sing N N 316 
PHE CA  HA   sing N N 317 
PHE C   O    doub N N 318 
PHE C   OXT  sing N N 319 
PHE CB  CG   sing N N 320 
PHE CB  HB2  sing N N 321 
PHE CB  HB3  sing N N 322 
PHE CG  CD1  doub Y N 323 
PHE CG  CD2  sing Y N 324 
PHE CD1 CE1  sing Y N 325 
PHE CD1 HD1  sing N N 326 
PHE CD2 CE2  doub Y N 327 
PHE CD2 HD2  sing N N 328 
PHE CE1 CZ   doub Y N 329 
PHE CE1 HE1  sing N N 330 
PHE CE2 CZ   sing Y N 331 
PHE CE2 HE2  sing N N 332 
PHE CZ  HZ   sing N N 333 
PHE OXT HXT  sing N N 334 
PRO N   CA   sing N N 335 
PRO N   CD   sing N N 336 
PRO N   H    sing N N 337 
PRO CA  C    sing N N 338 
PRO CA  CB   sing N N 339 
PRO CA  HA   sing N N 340 
PRO C   O    doub N N 341 
PRO C   OXT  sing N N 342 
PRO CB  CG   sing N N 343 
PRO CB  HB2  sing N N 344 
PRO CB  HB3  sing N N 345 
PRO CG  CD   sing N N 346 
PRO CG  HG2  sing N N 347 
PRO CG  HG3  sing N N 348 
PRO CD  HD2  sing N N 349 
PRO CD  HD3  sing N N 350 
PRO OXT HXT  sing N N 351 
SER N   CA   sing N N 352 
SER N   H    sing N N 353 
SER N   H2   sing N N 354 
SER CA  C    sing N N 355 
SER CA  CB   sing N N 356 
SER CA  HA   sing N N 357 
SER C   O    doub N N 358 
SER C   OXT  sing N N 359 
SER CB  OG   sing N N 360 
SER CB  HB2  sing N N 361 
SER CB  HB3  sing N N 362 
SER OG  HG   sing N N 363 
SER OXT HXT  sing N N 364 
THR N   CA   sing N N 365 
THR N   H    sing N N 366 
THR N   H2   sing N N 367 
THR CA  C    sing N N 368 
THR CA  CB   sing N N 369 
THR CA  HA   sing N N 370 
THR C   O    doub N N 371 
THR C   OXT  sing N N 372 
THR CB  OG1  sing N N 373 
THR CB  CG2  sing N N 374 
THR CB  HB   sing N N 375 
THR OG1 HG1  sing N N 376 
THR CG2 HG21 sing N N 377 
THR CG2 HG22 sing N N 378 
THR CG2 HG23 sing N N 379 
THR OXT HXT  sing N N 380 
TRP N   CA   sing N N 381 
TRP N   H    sing N N 382 
TRP N   H2   sing N N 383 
TRP CA  C    sing N N 384 
TRP CA  CB   sing N N 385 
TRP CA  HA   sing N N 386 
TRP C   O    doub N N 387 
TRP C   OXT  sing N N 388 
TRP CB  CG   sing N N 389 
TRP CB  HB2  sing N N 390 
TRP CB  HB3  sing N N 391 
TRP CG  CD1  doub Y N 392 
TRP CG  CD2  sing Y N 393 
TRP CD1 NE1  sing Y N 394 
TRP CD1 HD1  sing N N 395 
TRP CD2 CE2  doub Y N 396 
TRP CD2 CE3  sing Y N 397 
TRP NE1 CE2  sing Y N 398 
TRP NE1 HE1  sing N N 399 
TRP CE2 CZ2  sing Y N 400 
TRP CE3 CZ3  doub Y N 401 
TRP CE3 HE3  sing N N 402 
TRP CZ2 CH2  doub Y N 403 
TRP CZ2 HZ2  sing N N 404 
TRP CZ3 CH2  sing Y N 405 
TRP CZ3 HZ3  sing N N 406 
TRP CH2 HH2  sing N N 407 
TRP OXT HXT  sing N N 408 
TYR N   CA   sing N N 409 
TYR N   H    sing N N 410 
TYR N   H2   sing N N 411 
TYR CA  C    sing N N 412 
TYR CA  CB   sing N N 413 
TYR CA  HA   sing N N 414 
TYR C   O    doub N N 415 
TYR C   OXT  sing N N 416 
TYR CB  CG   sing N N 417 
TYR CB  HB2  sing N N 418 
TYR CB  HB3  sing N N 419 
TYR CG  CD1  doub Y N 420 
TYR CG  CD2  sing Y N 421 
TYR CD1 CE1  sing Y N 422 
TYR CD1 HD1  sing N N 423 
TYR CD2 CE2  doub Y N 424 
TYR CD2 HD2  sing N N 425 
TYR CE1 CZ   doub Y N 426 
TYR CE1 HE1  sing N N 427 
TYR CE2 CZ   sing Y N 428 
TYR CE2 HE2  sing N N 429 
TYR CZ  OH   sing N N 430 
TYR OH  HH   sing N N 431 
TYR OXT HXT  sing N N 432 
VAL N   CA   sing N N 433 
VAL N   H    sing N N 434 
VAL N   H2   sing N N 435 
VAL CA  C    sing N N 436 
VAL CA  CB   sing N N 437 
VAL CA  HA   sing N N 438 
VAL C   O    doub N N 439 
VAL C   OXT  sing N N 440 
VAL CB  CG1  sing N N 441 
VAL CB  CG2  sing N N 442 
VAL CB  HB   sing N N 443 
VAL CG1 HG11 sing N N 444 
VAL CG1 HG12 sing N N 445 
VAL CG1 HG13 sing N N 446 
VAL CG2 HG21 sing N N 447 
VAL CG2 HG22 sing N N 448 
VAL CG2 HG23 sing N N 449 
VAL OXT HXT  sing N N 450 
# 
_pdbx_audit_support.funding_organization   'F. Hoffmann-La Roche LTD' 
_pdbx_audit_support.country                Switzerland 
_pdbx_audit_support.grant_number           ? 
_pdbx_audit_support.ordinal                1 
# 
_pdbx_initial_refinement_model.id               1 
_pdbx_initial_refinement_model.entity_id_list   ? 
_pdbx_initial_refinement_model.type             'experimental model' 
_pdbx_initial_refinement_model.source_name      PDB 
_pdbx_initial_refinement_model.accession_code   4JRG 
_pdbx_initial_refinement_model.details          ? 
# 
_atom_sites.entry_id                    8GJS 
_atom_sites.Cartn_transf_matrix[1][1]   ? 
_atom_sites.Cartn_transf_matrix[1][2]   ? 
_atom_sites.Cartn_transf_matrix[1][3]   ? 
_atom_sites.Cartn_transf_matrix[2][1]   ? 
_atom_sites.Cartn_transf_matrix[2][2]   ? 
_atom_sites.Cartn_transf_matrix[2][3]   ? 
_atom_sites.Cartn_transf_matrix[3][1]   ? 
_atom_sites.Cartn_transf_matrix[3][2]   ? 
_atom_sites.Cartn_transf_matrix[3][3]   ? 
_atom_sites.Cartn_transf_vector[1]      ? 
_atom_sites.Cartn_transf_vector[2]      ? 
_atom_sites.Cartn_transf_vector[3]      ? 
_atom_sites.fract_transf_matrix[1][1]   0.00339447 
_atom_sites.fract_transf_matrix[1][2]   -0.01141341 
_atom_sites.fract_transf_matrix[1][3]   0.00295218 
_atom_sites.fract_transf_matrix[2][1]   0.00566156 
_atom_sites.fract_transf_matrix[2][2]   -0.00018440 
_atom_sites.fract_transf_matrix[2][3]   -0.00722266 
_atom_sites.fract_transf_matrix[3][1]   0.02344265 
_atom_sites.fract_transf_matrix[3][2]   0.01164823 
_atom_sites.fract_transf_matrix[3][3]   0.01807838 
_atom_sites.fract_transf_vector[1]      0.156746 
_atom_sites.fract_transf_vector[2]      0.157010 
_atom_sites.fract_transf_vector[3]      -0.215153 
_atom_sites.solution_primary            ? 
_atom_sites.solution_secondary          ? 
_atom_sites.solution_hydrogens          ? 
_atom_sites.special_details             ? 
# 
loop_
_atom_type.symbol 
C 
N 
O 
S 
# 
loop_
_atom_site.group_PDB 
_atom_site.id 
_atom_site.type_symbol 
_atom_site.label_atom_id 
_atom_site.label_alt_id 
_atom_site.label_comp_id 
_atom_site.label_asym_id 
_atom_site.label_entity_id 
_atom_site.label_seq_id 
_atom_site.pdbx_PDB_ins_code 
_atom_site.Cartn_x 
_atom_site.Cartn_y 
_atom_site.Cartn_z 
_atom_site.occupancy 
_atom_site.B_iso_or_equiv 
_atom_site.pdbx_formal_charge 
_atom_site.auth_seq_id 
_atom_site.auth_comp_id 
_atom_site.auth_asym_id 
_atom_site.auth_atom_id 
_atom_site.pdbx_PDB_model_num 
ATOM   1   N N   . LEU A 1 1  ? -5.088  -11.234 5.868   1.00 72.44 ? 17  LEU A N   1 
ATOM   2   C CA  . LEU A 1 1  ? -5.532  -9.884  6.321   1.00 72.31 ? 17  LEU A CA  1 
ATOM   3   C C   . LEU A 1 1  ? -7.025  -9.882  6.648   1.00 72.18 ? 17  LEU A C   1 
ATOM   4   O O   . LEU A 1 1  ? -7.811  -10.588 6.016   1.00 71.88 ? 17  LEU A O   1 
ATOM   5   C CB  . LEU A 1 1  ? -5.237  -8.839  5.238   1.00 72.35 ? 17  LEU A CB  1 
ATOM   6   C CG  . LEU A 1 1  ? -3.769  -8.506  4.950   1.00 72.44 ? 17  LEU A CG  1 
ATOM   7   C CD1 . LEU A 1 1  ? -3.062  -9.714  4.359   1.00 72.44 ? 17  LEU A CD1 1 
ATOM   8   C CD2 . LEU A 1 1  ? -3.696  -7.334  3.984   1.00 72.31 ? 17  LEU A CD2 1 
ATOM   9   N N   . PRO A 1 2  ? -7.430  -9.080  7.643   1.00 72.19 ? 18  PRO A N   1 
ATOM   10  C CA  . PRO A 1 2  ? -8.813  -9.022  8.131   1.00 72.30 ? 18  PRO A CA  1 
ATOM   11  C C   . PRO A 1 2  ? -9.810  -8.498  7.098   1.00 72.46 ? 18  PRO A C   1 
ATOM   12  O O   . PRO A 1 2  ? -9.424  -7.915  6.084   1.00 72.43 ? 18  PRO A O   1 
ATOM   13  C CB  . PRO A 1 2  ? -8.726  -8.114  9.355   1.00 72.07 ? 18  PRO A CB  1 
ATOM   14  C CG  . PRO A 1 2  ? -7.526  -7.268  9.110   1.00 72.00 ? 18  PRO A CG  1 
ATOM   15  C CD  . PRO A 1 2  ? -6.555  -8.135  8.360   1.00 72.13 ? 18  PRO A CD  1 
ATOM   16  N N   . GLY A 1 3  ? -11.095 -8.711  7.371   1.00 72.57 ? 19  GLY A N   1 
ATOM   17  C CA  . GLY A 1 3  ? -12.137 -8.283  6.457   1.00 72.37 ? 19  GLY A CA  1 
ATOM   18  C C   . GLY A 1 3  ? -12.303 -6.777  6.399   1.00 72.11 ? 19  GLY A C   1 
ATOM   19  O O   . GLY A 1 3  ? -11.429 -6.032  6.840   1.00 72.85 ? 19  GLY A O   1 
ATOM   20  N N   . GLU A 1 4  ? -13.431 -6.327  5.859   1.00 71.36 ? 20  GLU A N   1 
ATOM   21  C CA  . GLU A 1 4  ? -13.645 -4.911  5.580   1.00 70.53 ? 20  GLU A CA  1 
ATOM   22  C C   . GLU A 1 4  ? -13.922 -4.092  6.838   1.00 68.38 ? 20  GLU A C   1 
ATOM   23  O O   . GLU A 1 4  ? -13.575 -2.912  6.906   1.00 69.04 ? 20  GLU A O   1 
ATOM   24  C CB  . GLU A 1 4  ? -14.806 -4.737  4.596   1.00 72.26 ? 20  GLU A CB  1 
ATOM   25  C CG  . GLU A 1 4  ? -14.591 -5.406  3.248   1.00 74.60 ? 20  GLU A CG  1 
ATOM   26  C CD  . GLU A 1 4  ? -14.601 -6.921  3.339   1.00 76.15 ? 20  GLU A CD  1 
ATOM   27  O OE1 . GLU A 1 4  ? -13.881 -7.571  2.550   1.00 76.69 ? 20  GLU A OE1 1 
ATOM   28  O OE2 . GLU A 1 4  ? -15.328 -7.462  4.201   1.00 76.86 ? 20  GLU A OE2 1 
ATOM   29  N N   . GLY A 1 5  ? -14.547 -4.717  7.830   1.00 65.50 ? 21  GLY A N   1 
ATOM   30  C CA  . GLY A 1 5  ? -14.938 -3.987  9.023   1.00 61.13 ? 21  GLY A CA  1 
ATOM   31  C C   . GLY A 1 5  ? -13.897 -4.011  10.126  1.00 58.00 ? 21  GLY A C   1 
ATOM   32  O O   . GLY A 1 5  ? -13.874 -3.128  10.986  1.00 57.83 ? 21  GLY A O   1 
ATOM   33  N N   . THR A 1 6  ? -13.031 -5.020  10.101  1.00 53.71 ? 22  THR A N   1 
ATOM   34  C CA  . THR A 1 6  ? -12.032 -5.193  11.149  1.00 49.19 ? 22  THR A CA  1 
ATOM   35  C C   . THR A 1 6  ? -10.976 -4.096  11.082  1.00 45.59 ? 22  THR A C   1 
ATOM   36  O O   . THR A 1 6  ? -10.563 -3.682  9.998   1.00 44.62 ? 22  THR A O   1 
ATOM   37  C CB  . THR A 1 6  ? -11.333 -6.560  11.027  1.00 49.83 ? 22  THR A CB  1 
ATOM   38  O OG1 . THR A 1 6  ? -12.313 -7.606  11.092  1.00 50.72 ? 22  THR A OG1 1 
ATOM   39  C CG2 . THR A 1 6  ? -10.332 -6.748  12.157  1.00 49.31 ? 22  THR A CG2 1 
ATOM   40  N N   . GLN A 1 7  ? -10.545 -3.623  12.246  1.00 40.32 ? 23  GLN A N   1 
ATOM   41  C CA  . GLN A 1 7  ? -9.591  -2.527  12.309  1.00 36.04 ? 23  GLN A CA  1 
ATOM   42  C C   . GLN A 1 7  ? -8.187  -3.015  12.633  1.00 32.10 ? 23  GLN A C   1 
ATOM   43  O O   . GLN A 1 7  ? -8.006  -4.024  13.312  1.00 30.37 ? 23  GLN A O   1 
ATOM   44  C CB  . GLN A 1 7  ? -10.036 -1.499  13.350  1.00 38.18 ? 23  GLN A CB  1 
ATOM   45  C CG  . GLN A 1 7  ? -11.373 -0.847  13.034  1.00 40.91 ? 23  GLN A CG  1 
ATOM   46  C CD  . GLN A 1 7  ? -11.627 0.393   13.869  1.00 42.85 ? 23  GLN A CD  1 
ATOM   47  O OE1 . GLN A 1 7  ? -11.933 1.462   13.335  1.00 45.15 ? 23  GLN A OE1 1 
ATOM   48  N NE2 . GLN A 1 7  ? -11.503 0.257   15.185  1.00 41.74 ? 23  GLN A NE2 1 
ATOM   49  N N   . VAL A 1 8  ? -7.194  -2.289  12.131  1.00 28.33 ? 24  VAL A N   1 
ATOM   50  C CA  . VAL A 1 8  ? -5.797  -2.637  12.342  1.00 25.51 ? 24  VAL A CA  1 
ATOM   51  C C   . VAL A 1 8  ? -5.018  -1.399  12.757  1.00 23.74 ? 24  VAL A C   1 
ATOM   52  O O   . VAL A 1 8  ? -5.408  -0.274  12.449  1.00 24.48 ? 24  VAL A O   1 
ATOM   53  C CB  . VAL A 1 8  ? -5.155  -3.199  11.055  1.00 24.79 ? 24  VAL A CB  1 
ATOM   54  C CG1 . VAL A 1 8  ? -5.872  -4.464  10.622  1.00 25.56 ? 24  VAL A CG1 1 
ATOM   55  C CG2 . VAL A 1 8  ? -5.209  -2.151  9.955   1.00 23.27 ? 24  VAL A CG2 1 
ATOM   56  N N   . HIS A 1 9  ? -3.915  -1.619  13.458  1.00 22.96 ? 25  HIS A N   1 
ATOM   57  C CA  . HIS A 1 9  ? -3.022  -0.535  13.838  1.00 22.89 ? 25  HIS A CA  1 
ATOM   58  C C   . HIS A 1 9  ? -1.676  -0.745  13.147  1.00 22.38 ? 25  HIS A C   1 
ATOM   59  O O   . HIS A 1 9  ? -0.993  -1.735  13.396  1.00 22.33 ? 25  HIS A O   1 
ATOM   60  C CB  . HIS A 1 9  ? -2.833  -0.527  15.354  1.00 23.28 ? 25  HIS A CB  1 
ATOM   61  C CG  . HIS A 1 9  ? -1.873  0.514   15.838  1.00 22.08 ? 25  HIS A CG  1 
ATOM   62  N ND1 . HIS A 1 9  ? -2.117  1.863   15.714  1.00 23.28 ? 25  HIS A ND1 1 
ATOM   63  C CD2 . HIS A 1 9  ? -0.673  0.402   16.452  1.00 21.00 ? 25  HIS A CD2 1 
ATOM   64  C CE1 . HIS A 1 9  ? -1.107  2.539   16.231  1.00 21.91 ? 25  HIS A CE1 1 
ATOM   65  N NE2 . HIS A 1 9  ? -0.216  1.676   16.685  1.00 21.73 ? 25  HIS A NE2 1 
ATOM   66  N N   . PRO A 1 10 ? -1.286  0.184   12.261  1.00 22.80 ? 26  PRO A N   1 
ATOM   67  C CA  . PRO A 1 10 ? -0.017  0.052   11.537  1.00 23.35 ? 26  PRO A CA  1 
ATOM   68  C C   . PRO A 1 10 ? 1.191   0.233   12.450  1.00 24.88 ? 26  PRO A C   1 
ATOM   69  O O   . PRO A 1 10 ? 1.224   1.146   13.277  1.00 25.64 ? 26  PRO A O   1 
ATOM   70  C CB  . PRO A 1 10 ? -0.084  1.154   10.473  1.00 23.22 ? 26  PRO A CB  1 
ATOM   71  C CG  . PRO A 1 10 ? -1.534  1.523   10.384  1.00 25.08 ? 26  PRO A CG  1 
ATOM   72  C CD  . PRO A 1 10 ? -2.078  1.323   11.770  1.00 22.87 ? 26  PRO A CD  1 
ATOM   73  N N   . ARG A 1 11 ? 2.184   -0.635  12.292  1.00 24.80 ? 27  ARG A N   1 
ATOM   74  C CA  . ARG A 1 11 ? 3.460   -0.464  12.970  1.00 26.47 ? 27  ARG A CA  1 
ATOM   75  C C   . ARG A 1 11 ? 4.127   0.825   12.492  1.00 26.44 ? 27  ARG A C   1 
ATOM   76  O O   . ARG A 1 11 ? 3.804   1.342   11.420  1.00 24.46 ? 27  ARG A O   1 
ATOM   77  C CB  . ARG A 1 11 ? 4.369   -1.661  12.690  1.00 26.87 ? 27  ARG A CB  1 
ATOM   78  C CG  . ARG A 1 11 ? 3.761   -3.001  13.084  1.00 30.68 ? 27  ARG A CG  1 
ATOM   79  C CD  . ARG A 1 11 ? 4.799   -4.110  13.065  1.00 32.07 ? 27  ARG A CD  1 
ATOM   80  N NE  . ARG A 1 11 ? 4.215   -5.418  13.348  1.00 35.18 ? 27  ARG A NE  1 
ATOM   81  C CZ  . ARG A 1 11 ? 3.934   -5.867  14.567  1.00 36.91 ? 27  ARG A CZ  1 
ATOM   82  N NH1 . ARG A 1 11 ? 4.181   -5.109  15.629  1.00 38.01 ? 27  ARG A NH1 1 
ATOM   83  N NH2 . ARG A 1 11 ? 3.415   -7.078  14.729  1.00 37.52 ? 27  ARG A NH2 1 
ATOM   84  N N   . ALA A 1 12 ? 5.063   1.333   13.288  1.00 26.03 ? 28  ALA A N   1 
ATOM   85  C CA  . ALA A 1 12 ? 5.593   2.683   13.100  1.00 27.17 ? 28  ALA A CA  1 
ATOM   86  C C   . ALA A 1 12 ? 6.076   2.991   11.680  1.00 25.43 ? 28  ALA A C   1 
ATOM   87  O O   . ALA A 1 12 ? 5.714   4.020   11.110  1.00 25.25 ? 28  ALA A O   1 
ATOM   88  C CB  . ALA A 1 12 ? 6.720   2.939   14.106  1.00 28.58 ? 28  ALA A CB  1 
ATOM   89  N N   . PRO A 1 13 ? 6.897   2.105   11.090  1.00 25.02 ? 29  PRO A N   1 
ATOM   90  C CA  . PRO A 1 13 ? 7.458   2.361   9.756   1.00 24.10 ? 29  PRO A CA  1 
ATOM   91  C C   . PRO A 1 13 ? 6.377   2.532   8.687   1.00 22.87 ? 29  PRO A C   1 
ATOM   92  O O   . PRO A 1 13 ? 6.508   3.362   7.788   1.00 22.35 ? 29  PRO A O   1 
ATOM   93  C CB  . PRO A 1 13 ? 8.328   1.134   9.485   1.00 24.40 ? 29  PRO A CB  1 
ATOM   94  C CG  . PRO A 1 13 ? 8.614   0.566   10.834  1.00 28.34 ? 29  PRO A CG  1 
ATOM   95  C CD  . PRO A 1 13 ? 7.393   0.838   11.653  1.00 26.07 ? 29  PRO A CD  1 
ATOM   96  N N   . LEU A 1 14 ? 5.312   1.744   8.789   1.00 21.51 ? 30  LEU A N   1 
ATOM   97  C CA  . LEU A 1 14 ? 4.197   1.858   7.856   1.00 19.92 ? 30  LEU A CA  1 
ATOM   98  C C   . LEU A 1 14 ? 3.353   3.093   8.172   1.00 20.95 ? 30  LEU A C   1 
ATOM   99  O O   . LEU A 1 14 ? 2.947   3.824   7.271   1.00 19.83 ? 30  LEU A O   1 
ATOM   100 C CB  . LEU A 1 14 ? 3.331   0.592   7.913   1.00 19.47 ? 30  LEU A CB  1 
ATOM   101 C CG  . LEU A 1 14 ? 2.052   0.577   7.068   1.00 18.86 ? 30  LEU A CG  1 
ATOM   102 C CD1 . LEU A 1 14 ? 2.389   0.873   5.606   1.00 17.86 ? 30  LEU A CD1 1 
ATOM   103 C CD2 . LEU A 1 14 ? 1.366   -0.777  7.203   1.00 18.26 ? 30  LEU A CD2 1 
ATOM   104 N N   . LEU A 1 15 ? 3.102   3.339   9.455   1.00 21.25 ? 31  LEU A N   1 
ATOM   105 C CA  . LEU A 1 15 ? 2.307   4.497   9.843   1.00 23.20 ? 31  LEU A CA  1 
ATOM   106 C C   . LEU A 1 15 ? 2.951   5.777   9.324   1.00 23.05 ? 31  LEU A C   1 
ATOM   107 O O   . LEU A 1 15 ? 2.262   6.688   8.866   1.00 24.23 ? 31  LEU A O   1 
ATOM   108 C CB  . LEU A 1 15 ? 2.175   4.568   11.366  1.00 26.20 ? 31  LEU A CB  1 
ATOM   109 C CG  . LEU A 1 15 ? 1.305   5.707   11.905  1.00 27.84 ? 31  LEU A CG  1 
ATOM   110 C CD1 . LEU A 1 15 ? -0.104  5.603   11.345  1.00 28.44 ? 31  LEU A CD1 1 
ATOM   111 C CD2 . LEU A 1 15 ? 1.286   5.643   13.425  1.00 29.92 ? 31  LEU A CD2 1 
ATOM   112 N N   . GLN A 1 16 ? 4.277   5.835   9.392   1.00 24.87 ? 32  GLN A N   1 
ATOM   113 C CA  . GLN A 1 16 ? 5.022   6.993   8.907   1.00 27.84 ? 32  GLN A CA  1 
ATOM   114 C C   . GLN A 1 16 ? 4.676   7.262   7.446   1.00 27.88 ? 32  GLN A C   1 
ATOM   115 O O   . GLN A 1 16 ? 4.419   8.403   7.055   1.00 27.95 ? 32  GLN A O   1 
ATOM   116 C CB  . GLN A 1 16 ? 6.526   6.746   9.041   1.00 31.33 ? 32  GLN A CB  1 
ATOM   117 C CG  . GLN A 1 16 ? 7.048   6.804   10.471  1.00 37.26 ? 32  GLN A CG  1 
ATOM   118 C CD  . GLN A 1 16 ? 7.125   8.223   11.003  1.00 40.09 ? 32  GLN A CD  1 
ATOM   119 O OE1 . GLN A 1 16 ? 7.690   9.111   10.362  1.00 41.80 ? 32  GLN A OE1 1 
ATOM   120 N NE2 . GLN A 1 16 ? 6.551   8.443   12.182  1.00 43.79 ? 32  GLN A NE2 1 
ATOM   121 N N   . ILE A 1 17 ? 4.663   6.203   6.645   1.00 25.93 ? 33  ILE A N   1 
ATOM   122 C CA  . ILE A 1 17 ? 4.356   6.329   5.226   1.00 24.34 ? 33  ILE A CA  1 
ATOM   123 C C   . ILE A 1 17 ? 2.918   6.778   4.994   1.00 22.04 ? 33  ILE A C   1 
ATOM   124 O O   . ILE A 1 17 ? 2.658   7.639   4.151   1.00 22.52 ? 33  ILE A O   1 
ATOM   125 C CB  . ILE A 1 17 ? 4.621   4.991   4.493   1.00 23.96 ? 33  ILE A CB  1 
ATOM   126 C CG1 . ILE A 1 17 ? 6.131   4.748   4.422   1.00 25.89 ? 33  ILE A CG1 1 
ATOM   127 C CG2 . ILE A 1 17 ? 3.999   5.013   3.107   1.00 23.69 ? 33  ILE A CG2 1 
ATOM   128 C CD1 . ILE A 1 17 ? 6.517   3.423   3.812   1.00 28.07 ? 33  ILE A CD1 1 
ATOM   129 N N   . LEU A 1 18 ? 1.980   6.214   5.749   1.00 21.80 ? 34  LEU A N   1 
ATOM   130 C CA  . LEU A 1 18 ? 0.585   6.620   5.633   1.00 22.53 ? 34  LEU A CA  1 
ATOM   131 C C   . LEU A 1 18 ? 0.430   8.100   6.000   1.00 24.29 ? 34  LEU A C   1 
ATOM   132 O O   . LEU A 1 18 ? -0.362  8.819   5.392   1.00 25.45 ? 34  LEU A O   1 
ATOM   133 C CB  . LEU A 1 18 ? -0.299  5.748   6.538   1.00 21.09 ? 34  LEU A CB  1 
ATOM   134 C CG  . LEU A 1 18 ? -0.210  4.232   6.290   1.00 19.99 ? 34  LEU A CG  1 
ATOM   135 C CD1 . LEU A 1 18 ? -1.229  3.495   7.157   1.00 17.28 ? 34  LEU A CD1 1 
ATOM   136 C CD2 . LEU A 1 18 ? -0.464  3.937   4.821   1.00 18.66 ? 34  LEU A CD2 1 
ATOM   137 N N   . LYS A 1 19 ? 1.201   8.549   6.986   1.00 26.87 ? 35  LYS A N   1 
ATOM   138 C CA  . LYS A 1 19 ? 1.173   9.951   7.405   1.00 29.50 ? 35  LYS A CA  1 
ATOM   139 C C   . LYS A 1 19 ? 1.622   10.883  6.284   1.00 28.42 ? 35  LYS A C   1 
ATOM   140 O O   . LYS A 1 19 ? 1.016   11.929  6.053   1.00 27.93 ? 35  LYS A O   1 
ATOM   141 C CB  . LYS A 1 19 ? 2.079   10.158  8.622   1.00 31.33 ? 35  LYS A CB  1 
ATOM   142 C CG  . LYS A 1 19 ? 1.601   9.459   9.881   1.00 35.62 ? 35  LYS A CG  1 
ATOM   143 C CD  . LYS A 1 19 ? 0.228   9.953   10.290  1.00 37.45 ? 35  LYS A CD  1 
ATOM   144 C CE  . LYS A 1 19 ? -0.254  9.259   11.554  1.00 40.15 ? 35  LYS A CE  1 
ATOM   145 N NZ  . LYS A 1 19 ? -1.660  9.623   11.875  1.00 41.09 ? 35  LYS A NZ  1 
ATOM   146 N N   . VAL A 1 20 ? 2.690   10.502  5.594   1.00 28.53 ? 36  VAL A N   1 
ATOM   147 C CA  . VAL A 1 20 ? 3.176   11.277  4.459   1.00 27.99 ? 36  VAL A CA  1 
ATOM   148 C C   . VAL A 1 20 ? 2.070   11.460  3.425   1.00 28.22 ? 36  VAL A C   1 
ATOM   149 O O   . VAL A 1 20 ? 1.973   12.505  2.785   1.00 28.26 ? 36  VAL A O   1 
ATOM   150 C CB  . VAL A 1 20 ? 4.386   10.585  3.793   1.00 29.09 ? 36  VAL A CB  1 
ATOM   151 C CG1 . VAL A 1 20 ? 4.792   11.332  2.531   1.00 27.80 ? 36  VAL A CG1 1 
ATOM   152 C CG2 . VAL A 1 20 ? 5.551   10.533  4.771   1.00 29.33 ? 36  VAL A CG2 1 
ATOM   153 N N   . ALA A 1 21 ? 1.226   10.441  3.278   1.00 27.07 ? 37  ALA A N   1 
ATOM   154 C CA  . ALA A 1 21 ? 0.142   10.470  2.304   1.00 26.92 ? 37  ALA A CA  1 
ATOM   155 C C   . ALA A 1 21 ? -1.078  11.223  2.824   1.00 27.90 ? 37  ALA A C   1 
ATOM   156 O O   . ALA A 1 21 ? -2.077  11.355  2.122   1.00 29.32 ? 37  ALA A O   1 
ATOM   157 C CB  . ALA A 1 21 ? -0.249  9.047   1.918   1.00 26.27 ? 37  ALA A CB  1 
ATOM   158 N N   . GLY A 1 22 ? -0.998  11.703  4.062   1.00 29.35 ? 38  GLY A N   1 
ATOM   159 C CA  . GLY A 1 22 ? -2.037  12.575  4.579   1.00 30.74 ? 38  GLY A CA  1 
ATOM   160 C C   . GLY A 1 22 ? -2.941  11.956  5.632   1.00 31.78 ? 38  GLY A C   1 
ATOM   161 O O   . GLY A 1 22 ? -3.927  12.568  6.040   1.00 32.01 ? 38  GLY A O   1 
ATOM   162 N N   . ALA A 1 23 ? -2.614  10.747  6.077   1.00 32.15 ? 39  ALA A N   1 
ATOM   163 C CA  . ALA A 1 23 ? -3.444  10.051  7.055   1.00 32.86 ? 39  ALA A CA  1 
ATOM   164 C C   . ALA A 1 23 ? -3.291  10.677  8.436   1.00 34.21 ? 39  ALA A C   1 
ATOM   165 O O   . ALA A 1 23 ? -2.176  10.872  8.918   1.00 33.47 ? 39  ALA A O   1 
ATOM   166 C CB  . ALA A 1 23 ? -3.069  8.574   7.107   1.00 31.62 ? 39  ALA A CB  1 
ATOM   167 N N   . GLN A 1 24 ? -4.421  10.985  9.064   1.00 37.55 ? 40  GLN A N   1 
ATOM   168 C CA  . GLN A 1 24 ? -4.432  11.573  10.397  1.00 41.04 ? 40  GLN A CA  1 
ATOM   169 C C   . GLN A 1 24 ? -4.727  10.499  11.442  1.00 42.17 ? 40  GLN A C   1 
ATOM   170 O O   . GLN A 1 24 ? -4.367  10.637  12.611  1.00 43.45 ? 40  GLN A O   1 
ATOM   171 C CB  . GLN A 1 24 ? -5.497  12.669  10.479  1.00 43.28 ? 40  GLN A CB  1 
ATOM   172 C CG  . GLN A 1 24 ? -5.365  13.747  9.417   1.00 46.29 ? 40  GLN A CG  1 
ATOM   173 C CD  . GLN A 1 24 ? -4.191  14.671  9.667   1.00 48.97 ? 40  GLN A CD  1 
ATOM   174 O OE1 . GLN A 1 24 ? -4.187  15.443  10.627  1.00 50.64 ? 40  GLN A OE1 1 
ATOM   175 N NE2 . GLN A 1 24 ? -3.183  14.597  8.804   1.00 49.50 ? 40  GLN A NE2 1 
ATOM   176 N N   . GLU A 1 25 ? -5.381  9.429   11.004  1.00 42.56 ? 41  GLU A N   1 
ATOM   177 C CA  . GLU A 1 25 ? -5.825  8.368   11.900  1.00 42.49 ? 41  GLU A CA  1 
ATOM   178 C C   . GLU A 1 25 ? -4.653  7.531   12.408  1.00 41.57 ? 41  GLU A C   1 
ATOM   179 O O   . GLU A 1 25 ? -3.546  7.597   11.869  1.00 40.76 ? 41  GLU A O   1 
ATOM   180 C CB  . GLU A 1 25 ? -6.821  7.460   11.176  1.00 45.09 ? 41  GLU A CB  1 
ATOM   181 C CG  . GLU A 1 25 ? -7.860  8.203   10.344  1.00 47.39 ? 41  GLU A CG  1 
ATOM   182 C CD  . GLU A 1 25 ? -7.474  8.305   8.875   1.00 49.17 ? 41  GLU A CD  1 
ATOM   183 O OE1 . GLU A 1 25 ? -6.443  8.943   8.568   1.00 48.68 ? 41  GLU A OE1 1 
ATOM   184 O OE2 . GLU A 1 25 ? -8.204  7.746   8.029   1.00 49.10 ? 41  GLU A OE2 1 
ATOM   185 N N   . GLU A 1 26 ? -4.904  6.750   13.454  1.00 39.93 ? 42  GLU A N   1 
ATOM   186 C CA  . GLU A 1 26 ? -3.925  5.792   13.954  1.00 38.30 ? 42  GLU A CA  1 
ATOM   187 C C   . GLU A 1 26 ? -4.485  4.378   13.833  1.00 36.03 ? 42  GLU A C   1 
ATOM   188 O O   . GLU A 1 26 ? -3.752  3.395   13.933  1.00 34.65 ? 42  GLU A O   1 
ATOM   189 C CB  . GLU A 1 26 ? -3.589  6.096   15.416  1.00 41.15 ? 42  GLU A CB  1 
ATOM   190 C CG  . GLU A 1 26 ? -2.887  7.428   15.635  1.00 44.16 ? 42  GLU A CG  1 
ATOM   191 C CD  . GLU A 1 26 ? -1.382  7.281   15.773  1.00 46.24 ? 42  GLU A CD  1 
ATOM   192 O OE1 . GLU A 1 26 ? -0.651  8.202   15.348  1.00 48.48 ? 42  GLU A OE1 1 
ATOM   193 O OE2 . GLU A 1 26 ? -0.929  6.247   16.310  1.00 46.57 ? 42  GLU A OE2 1 
ATOM   194 N N   . VAL A 1 27 ? -5.795  4.287   13.626  1.00 34.65 ? 43  VAL A N   1 
ATOM   195 C CA  . VAL A 1 27 ? -6.464  3.008   13.418  1.00 33.59 ? 43  VAL A CA  1 
ATOM   196 C C   . VAL A 1 27 ? -7.203  3.008   12.085  1.00 32.27 ? 43  VAL A C   1 
ATOM   197 O O   . VAL A 1 27 ? -7.877  3.979   11.738  1.00 33.30 ? 43  VAL A O   1 
ATOM   198 C CB  . VAL A 1 27 ? -7.474  2.715   14.552  1.00 33.63 ? 43  VAL A CB  1 
ATOM   199 C CG1 . VAL A 1 27 ? -8.297  1.485   14.211  1.00 34.95 ? 43  VAL A CG1 1 
ATOM   200 C CG2 . VAL A 1 27 ? -6.731  2.502   15.858  1.00 32.34 ? 43  VAL A CG2 1 
ATOM   201 N N   . PHE A 1 28 ? -7.072  1.915   11.340  1.00 31.19 ? 44  PHE A N   1 
ATOM   202 C CA  . PHE A 1 28 ? -7.577  1.852   9.973   1.00 29.23 ? 44  PHE A CA  1 
ATOM   203 C C   . PHE A 1 28 ? -8.296  0.537   9.710   1.00 27.03 ? 44  PHE A C   1 
ATOM   204 O O   . PHE A 1 28 ? -8.133  -0.429  10.452  1.00 27.39 ? 44  PHE A O   1 
ATOM   205 C CB  . PHE A 1 28 ? -6.426  1.974   8.970   1.00 29.10 ? 44  PHE A CB  1 
ATOM   206 C CG  . PHE A 1 28 ? -5.569  3.194   9.157   1.00 28.28 ? 44  PHE A CG  1 
ATOM   207 C CD1 . PHE A 1 28 ? -5.718  4.294   8.329   1.00 28.94 ? 44  PHE A CD1 1 
ATOM   208 C CD2 . PHE A 1 28 ? -4.593  3.228   10.139  1.00 26.80 ? 44  PHE A CD2 1 
ATOM   209 C CE1 . PHE A 1 28 ? -4.907  5.408   8.478   1.00 29.02 ? 44  PHE A CE1 1 
ATOM   210 C CE2 . PHE A 1 28 ? -3.780  4.340   10.293  1.00 28.52 ? 44  PHE A CE2 1 
ATOM   211 C CZ  . PHE A 1 28 ? -3.936  5.429   9.460   1.00 28.37 ? 44  PHE A CZ  1 
ATOM   212 N N   . THR A 1 29 ? -9.085  0.507   8.642   1.00 26.67 ? 45  THR A N   1 
ATOM   213 C CA  . THR A 1 29 ? -9.425  -0.749  7.989   1.00 27.04 ? 45  THR A CA  1 
ATOM   214 C C   . THR A 1 29 ? -8.339  -1.020  6.948   1.00 26.81 ? 45  THR A C   1 
ATOM   215 O O   . THR A 1 29 ? -7.617  -0.106  6.551   1.00 26.36 ? 45  THR A O   1 
ATOM   216 C CB  . THR A 1 29 ? -10.792 -0.667  7.269   1.00 29.26 ? 45  THR A CB  1 
ATOM   217 O OG1 . THR A 1 29 ? -10.723 0.305   6.217   1.00 30.44 ? 45  THR A OG1 1 
ATOM   218 C CG2 . THR A 1 29 ? -11.890 -0.272  8.250   1.00 29.68 ? 45  THR A CG2 1 
ATOM   219 N N   . VAL A 1 30 ? -8.221  -2.266  6.509   1.00 26.53 ? 46  VAL A N   1 
ATOM   220 C CA  . VAL A 1 30 ? -7.231  -2.602  5.492   1.00 27.60 ? 46  VAL A CA  1 
ATOM   221 C C   . VAL A 1 30 ? -7.445  -1.769  4.232   1.00 27.45 ? 46  VAL A C   1 
ATOM   222 O O   . VAL A 1 30 ? -6.487  -1.335  3.597   1.00 25.56 ? 46  VAL A O   1 
ATOM   223 C CB  . VAL A 1 30 ? -7.291  -4.095  5.119   1.00 27.43 ? 46  VAL A CB  1 
ATOM   224 C CG1 . VAL A 1 30 ? -6.307  -4.390  3.988   1.00 27.88 ? 46  VAL A CG1 1 
ATOM   225 C CG2 . VAL A 1 30 ? -6.957  -4.944  6.335   1.00 28.67 ? 46  VAL A CG2 1 
ATOM   226 N N   . LYS A 1 31 ? -8.704  -1.535  3.880   1.00 28.12 ? 47  LYS A N   1 
ATOM   227 C CA  . LYS A 1 31 ? -9.020  -0.771  2.679   1.00 29.02 ? 47  LYS A CA  1 
ATOM   228 C C   . LYS A 1 31 ? -8.513  0.666   2.783   1.00 27.85 ? 47  LYS A C   1 
ATOM   229 O O   . LYS A 1 31 ? -8.044  1.240   1.801   1.00 27.25 ? 47  LYS A O   1 
ATOM   230 C CB  . LYS A 1 31 ? -10.532 -0.773  2.440   1.00 32.38 ? 47  LYS A CB  1 
ATOM   231 C CG  . LYS A 1 31 ? -10.954 -0.112  1.139   1.00 36.38 ? 47  LYS A CG  1 
ATOM   232 C CD  . LYS A 1 31 ? -12.425 -0.365  0.849   1.00 39.48 ? 47  LYS A CD  1 
ATOM   233 C CE  . LYS A 1 31 ? -12.838 0.241   -0.480  1.00 41.89 ? 47  LYS A CE  1 
ATOM   234 N NZ  . LYS A 1 31 ? -14.270 -0.035  -0.795  1.00 44.41 ? 47  LYS A NZ  1 
ATOM   235 N N   . GLU A 1 32 ? -8.604  1.242   3.976   1.00 26.64 ? 48  GLU A N   1 
ATOM   236 C CA  . GLU A 1 32 ? -8.093  2.587   4.208   1.00 25.73 ? 48  GLU A CA  1 
ATOM   237 C C   . GLU A 1 32 ? -6.568  2.628   4.123   1.00 23.95 ? 48  GLU A C   1 
ATOM   238 O O   . GLU A 1 32 ? -5.998  3.572   3.576   1.00 24.24 ? 48  GLU A O   1 
ATOM   239 C CB  . GLU A 1 32 ? -8.552  3.097   5.576   1.00 28.09 ? 48  GLU A CB  1 
ATOM   240 C CG  . GLU A 1 32 ? -10.045 3.367   5.649   1.00 32.51 ? 48  GLU A CG  1 
ATOM   241 C CD  . GLU A 1 32 ? -10.494 3.791   7.034   1.00 35.77 ? 48  GLU A CD  1 
ATOM   242 O OE1 . GLU A 1 32 ? -9.803  3.449   8.015   1.00 36.05 ? 48  GLU A OE1 1 
ATOM   243 O OE2 . GLU A 1 32 ? -11.539 4.467   7.138   1.00 38.42 ? 48  GLU A OE2 1 
ATOM   244 N N   . VAL A 1 33 ? -5.915  1.604   4.664   1.00 22.30 ? 49  VAL A N   1 
ATOM   245 C CA  . VAL A 1 33 ? -4.466  1.482   4.539   1.00 20.93 ? 49  VAL A CA  1 
ATOM   246 C C   . VAL A 1 33 ? -4.087  1.443   3.059   1.00 21.13 ? 49  VAL A C   1 
ATOM   247 O O   . VAL A 1 33 ? -3.171  2.143   2.620   1.00 18.89 ? 49  VAL A O   1 
ATOM   248 C CB  . VAL A 1 33 ? -3.943  0.197   5.230   1.00 21.44 ? 49  VAL A CB  1 
ATOM   249 C CG1 . VAL A 1 33 ? -2.455  0.017   4.950   1.00 20.71 ? 49  VAL A CG1 1 
ATOM   250 C CG2 . VAL A 1 33 ? -4.178  0.281   6.739   1.00 21.62 ? 49  VAL A CG2 1 
ATOM   251 N N   . MET A 1 34 ? -4.807  0.634   2.287   1.00 19.95 ? 50  MET A N   1 
ATOM   252 C CA  . MET A 1 34 ? -4.533  0.519   0.861   1.00 21.82 ? 50  MET A CA  1 
ATOM   253 C C   . MET A 1 34 ? -4.769  1.836   0.130   1.00 21.71 ? 50  MET A C   1 
ATOM   254 O O   . MET A 1 34 ? -4.047  2.170   -0.810  1.00 21.86 ? 50  MET A O   1 
ATOM   255 C CB  . MET A 1 34 ? -5.399  -0.583  0.250   1.00 21.51 ? 50  MET A CB  1 
ATOM   256 C CG  . MET A 1 34 ? -5.027  -1.972  0.726   1.00 23.44 ? 50  MET A CG  1 
ATOM   257 S SD  . MET A 1 34 ? -3.347  -2.398  0.228   1.00 25.07 ? 50  MET A SD  1 
ATOM   258 C CE  . MET A 1 34 ? -3.560  -2.527  -1.536  1.00 25.48 ? 50  MET A CE  1 
ATOM   259 N N   . HIS A 1 35 ? -5.778  2.587   0.560   1.00 21.99 ? 51  HIS A N   1 
ATOM   260 C CA  . HIS A 1 35 ? -6.045  3.894   -0.028  1.00 22.46 ? 51  HIS A CA  1 
ATOM   261 C C   . HIS A 1 35 ? -4.849  4.821   0.151   1.00 21.63 ? 51  HIS A C   1 
ATOM   262 O O   . HIS A 1 35 ? -4.420  5.491   -0.791  1.00 19.61 ? 51  HIS A O   1 
ATOM   263 C CB  . HIS A 1 35 ? -7.283  4.532   0.614   1.00 25.21 ? 51  HIS A CB  1 
ATOM   264 C CG  . HIS A 1 35 ? -7.386  6.008   0.380   1.00 27.89 ? 51  HIS A CG  1 
ATOM   265 N ND1 . HIS A 1 35 ? -7.969  6.543   -0.749  1.00 29.89 ? 51  HIS A ND1 1 
ATOM   266 C CD2 . HIS A 1 35 ? -6.955  7.060   1.116   1.00 28.29 ? 51  HIS A CD2 1 
ATOM   267 C CE1 . HIS A 1 35 ? -7.890  7.862   -0.699  1.00 30.22 ? 51  HIS A CE1 1 
ATOM   268 N NE2 . HIS A 1 35 ? -7.279  8.201   0.423   1.00 30.14 ? 51  HIS A NE2 1 
ATOM   269 N N   . TYR A 1 36 ? -4.307  4.864   1.362   1.00 20.54 ? 52  TYR A N   1 
ATOM   270 C CA  . TYR A 1 36 ? -3.202  5.771   1.635   1.00 20.91 ? 52  TYR A CA  1 
ATOM   271 C C   . TYR A 1 36 ? -1.896  5.328   0.976   1.00 18.83 ? 52  TYR A C   1 
ATOM   272 O O   . TYR A 1 36 ? -1.083  6.169   0.597   1.00 18.66 ? 52  TYR A O   1 
ATOM   273 C CB  . TYR A 1 36 ? -3.014  5.940   3.144   1.00 21.45 ? 52  TYR A CB  1 
ATOM   274 C CG  . TYR A 1 36 ? -4.035  6.871   3.766   1.00 23.40 ? 52  TYR A CG  1 
ATOM   275 C CD1 . TYR A 1 36 ? -4.004  8.236   3.505   1.00 25.40 ? 52  TYR A CD1 1 
ATOM   276 C CD2 . TYR A 1 36 ? -5.037  6.387   4.600   1.00 25.52 ? 52  TYR A CD2 1 
ATOM   277 C CE1 . TYR A 1 36 ? -4.942  9.095   4.054   1.00 27.86 ? 52  TYR A CE1 1 
ATOM   278 C CE2 . TYR A 1 36 ? -5.983  7.239   5.156   1.00 28.38 ? 52  TYR A CE2 1 
ATOM   279 C CZ  . TYR A 1 36 ? -5.928  8.592   4.878   1.00 29.60 ? 52  TYR A CZ  1 
ATOM   280 O OH  . TYR A 1 36 ? -6.858  9.447   5.426   1.00 31.41 ? 52  TYR A OH  1 
ATOM   281 N N   . LEU A 1 37 ? -1.698  4.020   0.826   1.00 18.25 ? 53  LEU A N   1 
ATOM   282 C CA  . LEU A 1 37 ? -0.518  3.530   0.115   1.00 18.13 ? 53  LEU A CA  1 
ATOM   283 C C   . LEU A 1 37 ? -0.573  3.941   -1.354  1.00 18.38 ? 53  LEU A C   1 
ATOM   284 O O   . LEU A 1 37 ? 0.439   4.335   -1.934  1.00 16.92 ? 53  LEU A O   1 
ATOM   285 C CB  . LEU A 1 37 ? -0.403  2.000   0.222   1.00 17.99 ? 53  LEU A CB  1 
ATOM   286 C CG  . LEU A 1 37 ? 0.060   1.448   1.573   1.00 19.33 ? 53  LEU A CG  1 
ATOM   287 C CD1 . LEU A 1 37 ? 0.069   -0.077  1.532   1.00 20.42 ? 53  LEU A CD1 1 
ATOM   288 C CD2 . LEU A 1 37 ? 1.454   1.977   1.898   1.00 20.85 ? 53  LEU A CD2 1 
ATOM   289 N N   . GLY A 1 38 ? -1.759  3.856   -1.951  1.00 18.05 ? 54  GLY A N   1 
ATOM   290 C CA  . GLY A 1 38 ? -1.930  4.325   -3.314  1.00 18.38 ? 54  GLY A CA  1 
ATOM   291 C C   . GLY A 1 38 ? -1.674  5.817   -3.442  1.00 18.10 ? 54  GLY A C   1 
ATOM   292 O O   . GLY A 1 38 ? -1.048  6.270   -4.397  1.00 15.32 ? 54  GLY A O   1 
ATOM   293 N N   . GLN A 1 39 ? -2.160  6.582   -2.471  1.00 18.29 ? 55  GLN A N   1 
ATOM   294 C CA  . GLN A 1 39 ? -1.926  8.023   -2.437  1.00 18.68 ? 55  GLN A CA  1 
ATOM   295 C C   . GLN A 1 39 ? -0.430  8.308   -2.371  1.00 16.11 ? 55  GLN A C   1 
ATOM   296 O O   . GLN A 1 39 ? 0.082   9.182   -3.063  1.00 15.87 ? 55  GLN A O   1 
ATOM   297 C CB  . GLN A 1 39 ? -2.617  8.633   -1.214  1.00 21.22 ? 55  GLN A CB  1 
ATOM   298 C CG  . GLN A 1 39 ? -4.133  8.665   -1.315  1.00 28.31 ? 55  GLN A CG  1 
ATOM   299 C CD  . GLN A 1 39 ? -4.612  9.655   -2.358  1.00 29.94 ? 55  GLN A CD  1 
ATOM   300 O OE1 . GLN A 1 39 ? -5.678  9.487   -2.955  1.00 34.62 ? 55  GLN A OE1 1 
ATOM   301 N NE2 . GLN A 1 39 ? -3.823  10.695  -2.584  1.00 32.25 ? 55  GLN A NE2 1 
ATOM   302 N N   . TYR A 1 40 ? 0.266   7.556   -1.529  1.00 16.27 ? 56  TYR A N   1 
ATOM   303 C CA  . TYR A 1 40 ? 1.702   7.729   -1.353  1.00 15.46 ? 56  TYR A CA  1 
ATOM   304 C C   . TYR A 1 40 ? 2.470   7.484   -2.656  1.00 14.93 ? 56  TYR A C   1 
ATOM   305 O O   . TYR A 1 40 ? 3.282   8.308   -3.073  1.00 13.05 ? 56  TYR A O   1 
ATOM   306 C CB  . TYR A 1 40 ? 2.197   6.769   -0.266  1.00 15.37 ? 56  TYR A CB  1 
ATOM   307 C CG  . TYR A 1 40 ? 3.679   6.846   0.002   1.00 16.63 ? 56  TYR A CG  1 
ATOM   308 C CD1 . TYR A 1 40 ? 4.190   7.744   0.933   1.00 16.10 ? 56  TYR A CD1 1 
ATOM   309 C CD2 . TYR A 1 40 ? 4.571   6.008   -0.661  1.00 14.69 ? 56  TYR A CD2 1 
ATOM   310 C CE1 . TYR A 1 40 ? 5.541   7.802   1.200   1.00 15.57 ? 56  TYR A CE1 1 
ATOM   311 C CE2 . TYR A 1 40 ? 5.927   6.060   -0.400  1.00 15.07 ? 56  TYR A CE2 1 
ATOM   312 C CZ  . TYR A 1 40 ? 6.405   6.961   0.535   1.00 17.55 ? 56  TYR A CZ  1 
ATOM   313 O OH  . TYR A 1 40 ? 7.749   7.009   0.819   1.00 20.24 ? 56  TYR A OH  1 
ATOM   314 N N   . ILE A 1 41 ? 2.216   6.344   -3.292  1.00 13.53 ? 57  ILE A N   1 
ATOM   315 C CA  . ILE A 1 41 ? 2.894   6.003   -4.537  1.00 12.43 ? 57  ILE A CA  1 
ATOM   316 C C   . ILE A 1 41 ? 2.616   7.035   -5.623  1.00 13.51 ? 57  ILE A C   1 
ATOM   317 O O   . ILE A 1 41 ? 3.496   7.386   -6.408  1.00 13.02 ? 57  ILE A O   1 
ATOM   318 C CB  . ILE A 1 41 ? 2.444   4.615   -5.032  1.00 11.89 ? 57  ILE A CB  1 
ATOM   319 C CG1 . ILE A 1 41 ? 2.868   3.559   -4.009  1.00 14.14 ? 57  ILE A CG1 1 
ATOM   320 C CG2 . ILE A 1 41 ? 3.036   4.332   -6.409  1.00 13.51 ? 57  ILE A CG2 1 
ATOM   321 C CD1 . ILE A 1 41 ? 2.225   2.193   -4.226  1.00 16.08 ? 57  ILE A CD1 1 
ATOM   322 N N   . MET A 1 42 ? 1.382   7.523   -5.657  1.00 15.53 ? 58  MET A N   1 
ATOM   323 C CA  . MET A 1 42 ? 0.981   8.527   -6.629  1.00 16.32 ? 58  MET A CA  1 
ATOM   324 C C   . MET A 1 42 ? 1.706   9.854   -6.380  1.00 15.92 ? 58  MET A C   1 
ATOM   325 O O   . MET A 1 42 ? 2.272   10.442  -7.304  1.00 17.03 ? 58  MET A O   1 
ATOM   326 C CB  . MET A 1 42 ? -0.537  8.720   -6.548  1.00 19.17 ? 58  MET A CB  1 
ATOM   327 C CG  . MET A 1 42 ? -1.113  9.648   -7.582  1.00 20.59 ? 58  MET A CG  1 
ATOM   328 S SD  . MET A 1 42 ? -2.905  9.449   -7.735  1.00 17.56 ? 58  MET A SD  1 
ATOM   329 C CE  . MET A 1 42 ? -3.442  9.670   -6.048  1.00 16.94 ? 58  MET A CE  1 
ATOM   330 N N   . MET A 1 43 ? 1.708   10.312  -5.131  1.00 15.44 ? 59  MET A N   1 
ATOM   331 C CA  . MET A 1 43 ? 2.348   11.582  -4.785  1.00 17.27 ? 59  MET A CA  1 
ATOM   332 C C   . MET A 1 43 ? 3.839   11.560  -5.076  1.00 17.19 ? 59  MET A C   1 
ATOM   333 O O   . MET A 1 43 ? 4.398   12.545  -5.559  1.00 14.70 ? 59  MET A O   1 
ATOM   334 C CB  . MET A 1 43 ? 2.175   11.894  -3.300  1.00 19.58 ? 59  MET A CB  1 
ATOM   335 C CG  . MET A 1 43 ? 0.771   12.163  -2.851  1.00 22.41 ? 59  MET A CG  1 
ATOM   336 S SD  . MET A 1 43 ? 0.769   12.192  -1.044  1.00 26.72 ? 59  MET A SD  1 
ATOM   337 C CE  . MET A 1 43 ? 1.597   13.755  -0.726  1.00 22.26 ? 59  MET A CE  1 
ATOM   338 N N   . LYS A 1 44 ? 4.482   10.438  -4.757  1.00 14.94 ? 60  LYS A N   1 
ATOM   339 C CA  . LYS A 1 44 ? 5.924   10.300  -4.923  1.00 16.08 ? 60  LYS A CA  1 
ATOM   340 C C   . LYS A 1 44 ? 6.288   9.888   -6.348  1.00 14.81 ? 60  LYS A C   1 
ATOM   341 O O   . LYS A 1 44 ? 7.469   9.802   -6.693  1.00 14.85 ? 60  LYS A O   1 
ATOM   342 C CB  . LYS A 1 44 ? 6.469   9.259   -3.939  1.00 15.68 ? 60  LYS A CB  1 
ATOM   343 C CG  . LYS A 1 44 ? 6.255   9.607   -2.472  1.00 21.66 ? 60  LYS A CG  1 
ATOM   344 C CD  . LYS A 1 44 ? 7.158   10.748  -2.044  1.00 27.62 ? 60  LYS A CD  1 
ATOM   345 C CE  . LYS A 1 44 ? 7.142   10.930  -0.531  1.00 31.82 ? 60  LYS A CE  1 
ATOM   346 N NZ  . LYS A 1 44 ? 8.127   11.953  -0.067  1.00 34.94 ? 60  LYS A NZ  1 
ATOM   347 N N   . GLN A 1 45 ? 5.266   9.631   -7.162  1.00 13.62 ? 61  GLN A N   1 
ATOM   348 C CA  . GLN A 1 45 ? 5.456   9.226   -8.554  1.00 12.93 ? 61  GLN A CA  1 
ATOM   349 C C   . GLN A 1 45 ? 6.403   8.039   -8.689  1.00 13.66 ? 61  GLN A C   1 
ATOM   350 O O   . GLN A 1 45 ? 7.333   8.056   -9.495  1.00 12.55 ? 61  GLN A O   1 
ATOM   351 C CB  . GLN A 1 45 ? 5.967   10.408  -9.382  1.00 15.13 ? 61  GLN A CB  1 
ATOM   352 C CG  . GLN A 1 45 ? 4.896   11.467  -9.622  1.00 15.27 ? 61  GLN A CG  1 
ATOM   353 C CD  . GLN A 1 45 ? 5.426   12.707  -10.316 1.00 18.87 ? 61  GLN A CD  1 
ATOM   354 O OE1 . GLN A 1 45 ? 6.186   12.621  -11.282 1.00 18.00 ? 61  GLN A OE1 1 
ATOM   355 N NE2 . GLN A 1 45 ? 5.023   13.875  -9.822  1.00 15.93 ? 61  GLN A NE2 1 
ATOM   356 N N   . LEU A 1 46 ? 6.146   7.004   -7.895  1.00 12.97 ? 62  LEU A N   1 
ATOM   357 C CA  . LEU A 1 46 ? 6.997   5.821   -7.882  1.00 13.95 ? 62  LEU A CA  1 
ATOM   358 C C   . LEU A 1 46 ? 6.618   4.843   -8.986  1.00 14.97 ? 62  LEU A C   1 
ATOM   359 O O   . LEU A 1 46 ? 7.400   3.960   -9.334  1.00 16.41 ? 62  LEU A O   1 
ATOM   360 C CB  . LEU A 1 46 ? 6.908   5.122   -6.521  1.00 13.83 ? 62  LEU A CB  1 
ATOM   361 C CG  . LEU A 1 46 ? 7.355   5.925   -5.296  1.00 15.34 ? 62  LEU A CG  1 
ATOM   362 C CD1 . LEU A 1 46 ? 7.239   5.055   -4.053  1.00 17.23 ? 62  LEU A CD1 1 
ATOM   363 C CD2 . LEU A 1 46 ? 8.787   6.404   -5.477  1.00 15.47 ? 62  LEU A CD2 1 
ATOM   364 N N   . TYR A 1 47 ? 5.423   4.999   -9.552  1.00 14.04 ? 63  TYR A N   1 
ATOM   365 C CA  . TYR A 1 47 ? 5.031   4.138   -10.658 1.00 13.68 ? 63  TYR A CA  1 
ATOM   366 C C   . TYR A 1 47 ? 5.900   4.388   -11.888 1.00 16.15 ? 63  TYR A C   1 
ATOM   367 O O   . TYR A 1 47 ? 6.405   5.496   -12.100 1.00 16.36 ? 63  TYR A O   1 
ATOM   368 C CB  . TYR A 1 47 ? 3.549   4.339   -11.011 1.00 13.38 ? 63  TYR A CB  1 
ATOM   369 C CG  . TYR A 1 47 ? 3.144   5.783   -11.230 1.00 14.25 ? 63  TYR A CG  1 
ATOM   370 C CD1 . TYR A 1 47 ? 3.241   6.371   -12.484 1.00 16.22 ? 63  TYR A CD1 1 
ATOM   371 C CD2 . TYR A 1 47 ? 2.659   6.554   -10.180 1.00 13.89 ? 63  TYR A CD2 1 
ATOM   372 C CE1 . TYR A 1 47 ? 2.865   7.690   -12.689 1.00 16.32 ? 63  TYR A CE1 1 
ATOM   373 C CE2 . TYR A 1 47 ? 2.281   7.877   -10.377 1.00 16.21 ? 63  TYR A CE2 1 
ATOM   374 C CZ  . TYR A 1 47 ? 2.386   8.436   -11.634 1.00 16.75 ? 63  TYR A CZ  1 
ATOM   375 O OH  . TYR A 1 47 ? 2.009   9.749   -11.838 1.00 17.21 ? 63  TYR A OH  1 
ATOM   376 N N   . ASP A 1 48 ? 6.085   3.341   -12.685 1.00 14.81 ? 64  ASP A N   1 
ATOM   377 C CA  . ASP A 1 48 ? 6.767   3.453   -13.968 1.00 17.51 ? 64  ASP A CA  1 
ATOM   378 C C   . ASP A 1 48 ? 5.965   4.394   -14.871 1.00 17.09 ? 64  ASP A C   1 
ATOM   379 O O   . ASP A 1 48 ? 4.748   4.269   -14.981 1.00 17.07 ? 64  ASP A O   1 
ATOM   380 C CB  . ASP A 1 48 ? 6.876   2.065   -14.611 1.00 15.73 ? 64  ASP A CB  1 
ATOM   381 C CG  . ASP A 1 48 ? 7.769   2.053   -15.830 1.00 19.72 ? 64  ASP A CG  1 
ATOM   382 O OD1 . ASP A 1 48 ? 8.927   1.603   -15.709 1.00 21.51 ? 64  ASP A OD1 1 
ATOM   383 O OD2 . ASP A 1 48 ? 7.316   2.485   -16.907 1.00 20.07 ? 64  ASP A OD2 1 
ATOM   384 N N   . LYS A 1 49 ? 6.646   5.337   -15.516 1.00 20.47 ? 65  LYS A N   1 
ATOM   385 C CA  . LYS A 1 49 ? 5.958   6.366   -16.296 1.00 21.70 ? 65  LYS A CA  1 
ATOM   386 C C   . LYS A 1 49 ? 5.249   5.807   -17.532 1.00 22.25 ? 65  LYS A C   1 
ATOM   387 O O   . LYS A 1 49 ? 4.197   6.311   -17.939 1.00 20.96 ? 65  LYS A O   1 
ATOM   388 C CB  . LYS A 1 49 ? 6.959   7.448   -16.716 1.00 25.00 ? 65  LYS A CB  1 
ATOM   389 C CG  . LYS A 1 49 ? 7.669   8.115   -15.547 1.00 30.01 ? 65  LYS A CG  1 
ATOM   390 C CD  . LYS A 1 49 ? 8.786   9.033   -16.025 1.00 35.63 ? 65  LYS A CD  1 
ATOM   391 C CE  . LYS A 1 49 ? 9.466   9.730   -14.855 1.00 38.78 ? 65  LYS A CE  1 
ATOM   392 N NZ  . LYS A 1 49 ? 10.062  8.759   -13.894 1.00 40.78 ? 65  LYS A NZ  1 
ATOM   393 N N   . GLN A 1 50 ? 5.826   4.764   -18.124 1.00 21.35 ? 66  GLN A N   1 
ATOM   394 C CA  . GLN A 1 50 ? 5.311   4.206   -19.369 1.00 22.89 ? 66  GLN A CA  1 
ATOM   395 C C   . GLN A 1 50 ? 4.379   3.018   -19.135 1.00 22.24 ? 66  GLN A C   1 
ATOM   396 O O   . GLN A 1 50 ? 3.385   2.850   -19.841 1.00 22.32 ? 66  GLN A O   1 
ATOM   397 C CB  . GLN A 1 50 ? 6.473   3.777   -20.270 1.00 26.45 ? 66  GLN A CB  1 
ATOM   398 C CG  . GLN A 1 50 ? 7.333   4.932   -20.780 1.00 35.17 ? 66  GLN A CG  1 
ATOM   399 C CD  . GLN A 1 50 ? 8.312   5.447   -19.738 1.00 40.15 ? 66  GLN A CD  1 
ATOM   400 O OE1 . GLN A 1 50 ? 8.694   6.620   -19.754 1.00 44.59 ? 66  GLN A OE1 1 
ATOM   401 N NE2 . GLN A 1 50 ? 8.728   4.571   -18.828 1.00 43.61 ? 66  GLN A NE2 1 
ATOM   402 N N   . ARG A 1 51 ? 4.707   2.193   -18.146 1.00 19.35 ? 67  ARG A N   1 
ATOM   403 C CA  . ARG A 1 51 ? 3.898   1.022   -17.831 1.00 17.34 ? 67  ARG A CA  1 
ATOM   404 C C   . ARG A 1 51 ? 3.445   1.100   -16.373 1.00 15.87 ? 67  ARG A C   1 
ATOM   405 O O   . ARG A 1 51 ? 4.113   0.594   -15.471 1.00 14.95 ? 67  ARG A O   1 
ATOM   406 C CB  . ARG A 1 51 ? 4.726   -0.243  -18.086 1.00 20.82 ? 67  ARG A CB  1 
ATOM   407 C CG  . ARG A 1 51 ? 5.429   -0.213  -19.442 1.00 21.80 ? 67  ARG A CG  1 
ATOM   408 C CD  . ARG A 1 51 ? 6.227   -1.480  -19.709 1.00 24.97 ? 67  ARG A CD  1 
ATOM   409 N NE  . ARG A 1 51 ? 5.354   -2.644  -19.762 1.00 26.80 ? 67  ARG A NE  1 
ATOM   410 C CZ  . ARG A 1 51 ? 5.465   -3.698  -18.959 1.00 25.53 ? 67  ARG A CZ  1 
ATOM   411 N NH1 . ARG A 1 51 ? 6.419   -3.741  -18.041 1.00 26.53 ? 67  ARG A NH1 1 
ATOM   412 N NH2 . ARG A 1 51 ? 4.608   -4.699  -19.069 1.00 24.48 ? 67  ARG A NH2 1 
ATOM   413 N N   . GLN A 1 52 ? 2.298   1.735   -16.149 1.00 14.82 ? 68  GLN A N   1 
ATOM   414 C CA  . GLN A 1 52 ? 2.012   2.321   -14.842 1.00 14.33 ? 68  GLN A CA  1 
ATOM   415 C C   . GLN A 1 52 ? 1.444   1.358   -13.806 1.00 15.11 ? 68  GLN A C   1 
ATOM   416 O O   . GLN A 1 52 ? 1.096   1.768   -12.700 1.00 12.75 ? 68  GLN A O   1 
ATOM   417 C CB  . GLN A 1 52 ? 1.090   3.535   -15.017 1.00 16.27 ? 68  GLN A CB  1 
ATOM   418 C CG  . GLN A 1 52 ? 1.695   4.599   -15.931 1.00 15.74 ? 68  GLN A CG  1 
ATOM   419 C CD  . GLN A 1 52 ? 1.122   5.986   -15.696 1.00 16.27 ? 68  GLN A CD  1 
ATOM   420 O OE1 . GLN A 1 52 ? 0.120   6.149   -15.004 1.00 16.43 ? 68  GLN A OE1 1 
ATOM   421 N NE2 . GLN A 1 52 ? 1.766   6.999   -16.279 1.00 15.64 ? 68  GLN A NE2 1 
ATOM   422 N N   . HIS A 1 53 ? 1.368   0.075   -14.153 1.00 14.17 ? 69  HIS A N   1 
ATOM   423 C CA  . HIS A 1 53 ? 1.047   -0.955  -13.166 1.00 13.79 ? 69  HIS A CA  1 
ATOM   424 C C   . HIS A 1 53 ? 2.313   -1.446  -12.468 1.00 13.69 ? 69  HIS A C   1 
ATOM   425 O O   . HIS A 1 53 ? 2.243   -2.222  -11.519 1.00 13.03 ? 69  HIS A O   1 
ATOM   426 C CB  . HIS A 1 53 ? 0.344   -2.141  -13.836 1.00 14.37 ? 69  HIS A CB  1 
ATOM   427 C CG  . HIS A 1 53 ? 1.186   -2.840  -14.854 1.00 16.55 ? 69  HIS A CG  1 
ATOM   428 N ND1 . HIS A 1 53 ? 1.431   -2.316  -16.105 1.00 17.06 ? 69  HIS A ND1 1 
ATOM   429 C CD2 . HIS A 1 53 ? 1.850   -4.019  -14.802 1.00 14.79 ? 69  HIS A CD2 1 
ATOM   430 C CE1 . HIS A 1 53 ? 2.211   -3.141  -16.780 1.00 18.27 ? 69  HIS A CE1 1 
ATOM   431 N NE2 . HIS A 1 53 ? 2.480   -4.182  -16.012 1.00 16.41 ? 69  HIS A NE2 1 
ATOM   432 N N   . ILE A 1 54 ? 3.470   -0.997  -12.943 1.00 12.80 ? 70  ILE A N   1 
ATOM   433 C CA  . ILE A 1 54 ? 4.737   -1.336  -12.305 1.00 13.02 ? 70  ILE A CA  1 
ATOM   434 C C   . ILE A 1 54 ? 5.163   -0.199  -11.381 1.00 13.52 ? 70  ILE A C   1 
ATOM   435 O O   . ILE A 1 54 ? 5.112   0.971   -11.763 1.00 13.76 ? 70  ILE A O   1 
ATOM   436 C CB  . ILE A 1 54 ? 5.850   -1.563  -13.349 1.00 11.78 ? 70  ILE A CB  1 
ATOM   437 C CG1 . ILE A 1 54 ? 5.465   -2.705  -14.295 1.00 14.40 ? 70  ILE A CG1 1 
ATOM   438 C CG2 . ILE A 1 54 ? 7.177   -1.850  -12.639 1.00 14.18 ? 70  ILE A CG2 1 
ATOM   439 C CD1 . ILE A 1 54 ? 5.242   -4.037  -13.601 1.00 15.17 ? 70  ILE A CD1 1 
ATOM   440 N N   . VAL A 1 55 ? 5.574   -0.550  -10.165 1.00 14.09 ? 71  VAL A N   1 
ATOM   441 C CA  . VAL A 1 55 ? 6.029   0.439   -9.189  1.00 13.52 ? 71  VAL A CA  1 
ATOM   442 C C   . VAL A 1 55 ? 7.494   0.194   -8.838  1.00 15.54 ? 71  VAL A C   1 
ATOM   443 O O   . VAL A 1 55 ? 7.874   -0.922  -8.480  1.00 15.82 ? 71  VAL A O   1 
ATOM   444 C CB  . VAL A 1 55 ? 5.199   0.370   -7.889  1.00 14.62 ? 71  VAL A CB  1 
ATOM   445 C CG1 . VAL A 1 55 ? 5.744   1.363   -6.863  1.00 14.49 ? 71  VAL A CG1 1 
ATOM   446 C CG2 . VAL A 1 55 ? 3.737   0.667   -8.187  1.00 15.25 ? 71  VAL A CG2 1 
ATOM   447 N N   . HIS A 1 56 ? 8.308   1.242   -8.934  1.00 14.90 ? 72  HIS A N   1 
ATOM   448 C CA  . HIS A 1 56 ? 9.724   1.154   -8.588  1.00 16.04 ? 72  HIS A CA  1 
ATOM   449 C C   . HIS A 1 56 ? 9.973   1.855   -7.254  1.00 16.93 ? 72  HIS A C   1 
ATOM   450 O O   . HIS A 1 56 ? 9.850   3.081   -7.152  1.00 17.89 ? 72  HIS A O   1 
ATOM   451 C CB  . HIS A 1 56 ? 10.580  1.811   -9.681  1.00 16.28 ? 72  HIS A CB  1 
ATOM   452 C CG  . HIS A 1 56 ? 10.389  1.222   -11.046 1.00 17.95 ? 72  HIS A CG  1 
ATOM   453 N ND1 . HIS A 1 56 ? 10.769  -0.064  -11.364 1.00 18.75 ? 72  HIS A ND1 1 
ATOM   454 C CD2 . HIS A 1 56 ? 9.892   1.760   -12.185 1.00 18.21 ? 72  HIS A CD2 1 
ATOM   455 C CE1 . HIS A 1 56 ? 10.517  -0.293  -12.641 1.00 19.96 ? 72  HIS A CE1 1 
ATOM   456 N NE2 . HIS A 1 56 ? 9.984   0.799   -13.162 1.00 21.60 ? 72  HIS A NE2 1 
ATOM   457 N N   . CYS A 1 57 ? 10.335  1.079   -6.237  1.00 16.13 ? 73  CYS A N   1 
ATOM   458 C CA  . CYS A 1 57 ? 10.432  1.591   -4.871  1.00 17.62 ? 73  CYS A CA  1 
ATOM   459 C C   . CYS A 1 57 ? 11.818  1.388   -4.264  1.00 18.51 ? 73  CYS A C   1 
ATOM   460 O O   . CYS A 1 57 ? 11.982  1.461   -3.045  1.00 16.49 ? 73  CYS A O   1 
ATOM   461 C CB  . CYS A 1 57 ? 9.380   0.910   -3.987  1.00 17.71 ? 73  CYS A CB  1 
ATOM   462 S SG  . CYS A 1 57 ? 9.301   -0.901  -4.160  1.00 18.29 ? 73  CYS A SG  1 
ATOM   463 N N   . HIS A 1 58 ? 12.810  1.148   -5.116  1.00 20.36 ? 74  HIS A N   1 
ATOM   464 C CA  . HIS A 1 58 ? 14.147  0.771   -4.663  1.00 23.47 ? 74  HIS A CA  1 
ATOM   465 C C   . HIS A 1 58 ? 14.871  1.857   -3.876  1.00 26.28 ? 74  HIS A C   1 
ATOM   466 O O   . HIS A 1 58 ? 15.707  1.558   -3.022  1.00 29.29 ? 74  HIS A O   1 
ATOM   467 C CB  . HIS A 1 58 ? 15.008  0.364   -5.860  1.00 22.43 ? 74  HIS A CB  1 
ATOM   468 C CG  . HIS A 1 58 ? 15.089  1.409   -6.926  1.00 25.05 ? 74  HIS A CG  1 
ATOM   469 N ND1 . HIS A 1 58 ? 14.104  1.583   -7.873  1.00 23.92 ? 74  HIS A ND1 1 
ATOM   470 C CD2 . HIS A 1 58 ? 16.034  2.342   -7.190  1.00 25.02 ? 74  HIS A CD2 1 
ATOM   471 C CE1 . HIS A 1 58 ? 14.437  2.578   -8.677  1.00 27.30 ? 74  HIS A CE1 1 
ATOM   472 N NE2 . HIS A 1 58 ? 15.604  3.056   -8.283  1.00 26.89 ? 74  HIS A NE2 1 
ATOM   473 N N   . ASP A 1 59 ? 14.568  3.117   -4.159  1.00 26.90 ? 75  ASP A N   1 
ATOM   474 C CA  . ASP A 1 59 ? 15.238  4.203   -3.450  1.00 29.97 ? 75  ASP A CA  1 
ATOM   475 C C   . ASP A 1 59 ? 14.247  4.984   -2.598  1.00 27.01 ? 75  ASP A C   1 
ATOM   476 O O   . ASP A 1 59 ? 14.331  6.205   -2.494  1.00 29.07 ? 75  ASP A O   1 
ATOM   477 C CB  . ASP A 1 59 ? 15.929  5.141   -4.442  1.00 33.06 ? 75  ASP A CB  1 
ATOM   478 C CG  . ASP A 1 59 ? 16.960  6.037   -3.775  1.00 37.38 ? 75  ASP A CG  1 
ATOM   479 O OD1 . ASP A 1 59 ? 17.041  7.229   -4.141  1.00 39.64 ? 75  ASP A OD1 1 
ATOM   480 O OD2 . ASP A 1 59 ? 17.690  5.546   -2.884  1.00 40.27 ? 75  ASP A OD2 1 
ATOM   481 N N   . ASP A 1 60 ? 13.308  4.265   -1.991  1.00 23.23 ? 76  ASP A N   1 
ATOM   482 C CA  . ASP A 1 60 ? 12.252  4.879   -1.195  1.00 20.18 ? 76  ASP A CA  1 
ATOM   483 C C   . ASP A 1 60 ? 12.025  4.061   0.074   1.00 20.37 ? 76  ASP A C   1 
ATOM   484 O O   . ASP A 1 60 ? 12.222  2.844   0.082   1.00 19.21 ? 76  ASP A O   1 
ATOM   485 C CB  . ASP A 1 60 ? 10.958  4.941   -2.016  1.00 20.12 ? 76  ASP A CB  1 
ATOM   486 C CG  . ASP A 1 60 ? 9.899   5.810   -1.370  1.00 22.01 ? 76  ASP A CG  1 
ATOM   487 O OD1 . ASP A 1 60 ? 9.869   7.026   -1.662  1.00 20.59 ? 76  ASP A OD1 1 
ATOM   488 O OD2 . ASP A 1 60 ? 9.097   5.280   -0.572  1.00 19.65 ? 76  ASP A OD2 1 
ATOM   489 N N   . PRO A 1 61 ? 11.609  4.721   1.167   1.00 19.18 ? 77  PRO A N   1 
ATOM   490 C CA  . PRO A 1 61 ? 11.281  4.013   2.411   1.00 18.80 ? 77  PRO A CA  1 
ATOM   491 C C   . PRO A 1 61 ? 10.260  2.892   2.222   1.00 17.24 ? 77  PRO A C   1 
ATOM   492 O O   . PRO A 1 61 ? 10.261  1.916   2.971   1.00 16.66 ? 77  PRO A O   1 
ATOM   493 C CB  . PRO A 1 61 ? 10.767  5.121   3.326   1.00 21.96 ? 77  PRO A CB  1 
ATOM   494 C CG  . PRO A 1 61 ? 11.482  6.353   2.832   1.00 21.78 ? 77  PRO A CG  1 
ATOM   495 C CD  . PRO A 1 61 ? 11.546  6.184   1.337   1.00 21.31 ? 77  PRO A CD  1 
ATOM   496 N N   . LEU A 1 62 ? 9.399   3.021   1.216   1.00 16.61 ? 78  LEU A N   1 
ATOM   497 C CA  . LEU A 1 62 ? 8.419   1.970   0.943   1.00 16.50 ? 78  LEU A CA  1 
ATOM   498 C C   . LEU A 1 62 ? 9.108   0.677   0.511   1.00 17.84 ? 78  LEU A C   1 
ATOM   499 O O   . LEU A 1 62 ? 8.669   -0.421  0.866   1.00 15.39 ? 78  LEU A O   1 
ATOM   500 C CB  . LEU A 1 62 ? 7.440   2.413   -0.148  1.00 17.24 ? 78  LEU A CB  1 
ATOM   501 C CG  . LEU A 1 62 ? 6.435   1.340   -0.587  1.00 18.64 ? 78  LEU A CG  1 
ATOM   502 C CD1 . LEU A 1 62 ? 5.615   0.887   0.602   1.00 18.04 ? 78  LEU A CD1 1 
ATOM   503 C CD2 . LEU A 1 62 ? 5.526   1.896   -1.682  1.00 19.54 ? 78  LEU A CD2 1 
ATOM   504 N N   . GLY A 1 63 ? 10.187  0.812   -0.260  1.00 16.31 ? 79  GLY A N   1 
ATOM   505 C CA  . GLY A 1 63 ? 10.930  -0.359  -0.694  1.00 17.32 ? 79  GLY A CA  1 
ATOM   506 C C   . GLY A 1 63 ? 11.582  -1.092  0.464   1.00 17.85 ? 79  GLY A C   1 
ATOM   507 O O   . GLY A 1 63 ? 11.748  -2.316  0.423   1.00 17.21 ? 79  GLY A O   1 
ATOM   508 N N   . GLU A 1 64 ? 11.948  -0.352  1.509   1.00 17.04 ? 80  GLU A N   1 
ATOM   509 C CA  . GLU A 1 64 ? 12.508  -0.962  2.715   1.00 19.17 ? 80  GLU A CA  1 
ATOM   510 C C   . GLU A 1 64 ? 11.489  -1.857  3.406   1.00 18.66 ? 80  GLU A C   1 
ATOM   511 O O   . GLU A 1 64 ? 11.837  -2.905  3.947   1.00 19.83 ? 80  GLU A O   1 
ATOM   512 C CB  . GLU A 1 64 ? 12.974  0.117   3.701   1.00 21.68 ? 80  GLU A CB  1 
ATOM   513 C CG  . GLU A 1 64 ? 14.098  0.988   3.176   1.00 27.63 ? 80  GLU A CG  1 
ATOM   514 C CD  . GLU A 1 64 ? 15.305  0.178   2.754   1.00 31.98 ? 80  GLU A CD  1 
ATOM   515 O OE1 . GLU A 1 64 ? 15.900  -0.502  3.617   1.00 35.05 ? 80  GLU A OE1 1 
ATOM   516 O OE2 . GLU A 1 64 ? 15.656  0.215   1.556   1.00 35.78 ? 80  GLU A OE2 1 
ATOM   517 N N   . LEU A 1 65 ? 10.226  -1.439  3.395   1.00 18.44 ? 81  LEU A N   1 
ATOM   518 C CA  . LEU A 1 65 ? 9.161   -2.237  3.992   1.00 17.64 ? 81  LEU A CA  1 
ATOM   519 C C   . LEU A 1 65 ? 8.771   -3.419  3.106   1.00 18.24 ? 81  LEU A C   1 
ATOM   520 O O   . LEU A 1 65 ? 8.525   -4.516  3.606   1.00 18.87 ? 81  LEU A O   1 
ATOM   521 C CB  . LEU A 1 65 ? 7.925   -1.366  4.261   1.00 20.07 ? 81  LEU A CB  1 
ATOM   522 C CG  . LEU A 1 65 ? 8.007   -0.411  5.455   1.00 24.81 ? 81  LEU A CG  1 
ATOM   523 C CD1 . LEU A 1 65 ? 6.697   0.355   5.599   1.00 25.31 ? 81  LEU A CD1 1 
ATOM   524 C CD2 . LEU A 1 65 ? 8.301   -1.204  6.713   1.00 26.51 ? 81  LEU A CD2 1 
ATOM   525 N N   . LEU A 1 66 ? 8.718   -3.202  1.795   1.00 15.09 ? 82  LEU A N   1 
ATOM   526 C CA  . LEU A 1 66 ? 8.334   -4.267  0.873   1.00 14.89 ? 82  LEU A CA  1 
ATOM   527 C C   . LEU A 1 66 ? 9.454   -5.282  0.643   1.00 14.65 ? 82  LEU A C   1 
ATOM   528 O O   . LEU A 1 66 ? 9.191   -6.428  0.271   1.00 14.70 ? 82  LEU A O   1 
ATOM   529 C CB  . LEU A 1 66 ? 7.905   -3.679  -0.472  1.00 15.31 ? 82  LEU A CB  1 
ATOM   530 C CG  . LEU A 1 66 ? 6.653   -2.799  -0.453  1.00 16.61 ? 82  LEU A CG  1 
ATOM   531 C CD1 . LEU A 1 66 ? 6.424   -2.234  -1.835  1.00 17.20 ? 82  LEU A CD1 1 
ATOM   532 C CD2 . LEU A 1 66 ? 5.448   -3.615  -0.003  1.00 20.63 ? 82  LEU A CD2 1 
ATOM   533 N N   . GLU A 1 67 ? 10.695  -4.848  0.851   1.00 14.09 ? 83  GLU A N   1 
ATOM   534 C CA  . GLU A 1 67 ? 11.879  -5.696  0.690   1.00 15.30 ? 83  GLU A CA  1 
ATOM   535 C C   . GLU A 1 67 ? 12.135  -6.118  -0.757  1.00 15.33 ? 83  GLU A C   1 
ATOM   536 O O   . GLU A 1 67 ? 12.873  -7.074  -1.017  1.00 15.35 ? 83  GLU A O   1 
ATOM   537 C CB  . GLU A 1 67 ? 11.771  -6.933  1.594   1.00 14.73 ? 83  GLU A CB  1 
ATOM   538 C CG  . GLU A 1 67 ? 11.526  -6.571  3.052   1.00 17.81 ? 83  GLU A CG  1 
ATOM   539 C CD  . GLU A 1 67 ? 11.395  -7.780  3.961   1.00 17.20 ? 83  GLU A CD  1 
ATOM   540 O OE1 . GLU A 1 67 ? 11.562  -7.611  5.187   1.00 21.40 ? 83  GLU A OE1 1 
ATOM   541 O OE2 . GLU A 1 67 ? 11.130  -8.890  3.458   1.00 19.35 ? 83  GLU A OE2 1 
ATOM   542 N N   . VAL A 1 68 ? 11.529  -5.397  -1.697  1.00 15.61 ? 84  VAL A N   1 
ATOM   543 C CA  . VAL A 1 68 ? 11.769  -5.611  -3.120  1.00 14.65 ? 84  VAL A CA  1 
ATOM   544 C C   . VAL A 1 68 ? 12.011  -4.266  -3.806  1.00 15.84 ? 84  VAL A C   1 
ATOM   545 O O   . VAL A 1 68 ? 11.603  -3.218  -3.297  1.00 16.53 ? 84  VAL A O   1 
ATOM   546 C CB  . VAL A 1 68 ? 10.569  -6.307  -3.804  1.00 16.06 ? 84  VAL A CB  1 
ATOM   547 C CG1 . VAL A 1 68 ? 10.308  -7.657  -3.147  1.00 18.70 ? 84  VAL A CG1 1 
ATOM   548 C CG2 . VAL A 1 68 ? 9.325   -5.423  -3.711  1.00 18.57 ? 84  VAL A CG2 1 
ATOM   549 N N   . GLY A 1 69 ? 12.684  -4.292  -4.952  1.00 14.03 ? 85  GLY A N   1 
ATOM   550 C CA  . GLY A 1 69 ? 12.985  -3.047  -5.646  1.00 14.66 ? 85  GLY A CA  1 
ATOM   551 C C   . GLY A 1 69 ? 11.864  -2.573  -6.557  1.00 15.08 ? 85  GLY A C   1 
ATOM   552 O O   . GLY A 1 69 ? 11.726  -1.373  -6.819  1.00 15.39 ? 85  GLY A O   1 
ATOM   553 N N   . SER A 1 70 ? 11.065  -3.516  -7.046  1.00 14.49 ? 86  SER A N   1 
ATOM   554 C CA  . SER A 1 70 ? 9.927   -3.205  -7.907  1.00 14.41 ? 86  SER A CA  1 
ATOM   555 C C   . SER A 1 70 ? 8.837   -4.245  -7.675  1.00 14.35 ? 86  SER A C   1 
ATOM   556 O O   . SER A 1 70 ? 9.118   -5.368  -7.249  1.00 15.29 ? 86  SER A O   1 
ATOM   557 C CB  . SER A 1 70 ? 10.337  -3.243  -9.386  1.00 16.70 ? 86  SER A CB  1 
ATOM   558 O OG  . SER A 1 70 ? 11.344  -2.287  -9.672  1.00 23.72 ? 86  SER A OG  1 
ATOM   559 N N   . PHE A 1 71 ? 7.594   -3.878  -7.957  1.00 12.42 ? 87  PHE A N   1 
ATOM   560 C CA  . PHE A 1 71 ? 6.518   -4.860  -7.977  1.00 13.45 ? 87  PHE A CA  1 
ATOM   561 C C   . PHE A 1 71 ? 5.425   -4.459  -8.959  1.00 13.89 ? 87  PHE A C   1 
ATOM   562 O O   . PHE A 1 71 ? 5.388   -3.320  -9.438  1.00 12.57 ? 87  PHE A O   1 
ATOM   563 C CB  . PHE A 1 71 ? 5.926   -5.050  -6.570  1.00 14.43 ? 87  PHE A CB  1 
ATOM   564 C CG  . PHE A 1 71 ? 5.136   -3.869  -6.069  1.00 15.63 ? 87  PHE A CG  1 
ATOM   565 C CD1 . PHE A 1 71 ? 3.756   -3.824  -6.225  1.00 17.22 ? 87  PHE A CD1 1 
ATOM   566 C CD2 . PHE A 1 71 ? 5.769   -2.810  -5.439  1.00 16.10 ? 87  PHE A CD2 1 
ATOM   567 C CE1 . PHE A 1 71 ? 3.022   -2.742  -5.761  1.00 19.84 ? 87  PHE A CE1 1 
ATOM   568 C CE2 . PHE A 1 71 ? 5.041   -1.724  -4.974  1.00 17.70 ? 87  PHE A CE2 1 
ATOM   569 C CZ  . PHE A 1 71 ? 3.667   -1.694  -5.137  1.00 17.96 ? 87  PHE A CZ  1 
ATOM   570 N N   . SER A 1 72 ? 4.552   -5.410  -9.269  1.00 12.58 ? 88  SER A N   1 
ATOM   571 C CA  . SER A 1 72 ? 3.419   -5.158  -10.147 1.00 13.52 ? 88  SER A CA  1 
ATOM   572 C C   . SER A 1 72 ? 2.130   -5.069  -9.336  1.00 13.37 ? 88  SER A C   1 
ATOM   573 O O   . SER A 1 72 ? 1.864   -5.910  -8.472  1.00 14.11 ? 88  SER A O   1 
ATOM   574 C CB  . SER A 1 72 ? 3.298   -6.286  -11.181 1.00 14.31 ? 88  SER A CB  1 
ATOM   575 O OG  . SER A 1 72 ? 2.099   -6.162  -11.926 1.00 13.08 ? 88  SER A OG  1 
ATOM   576 N N   . VAL A 1 73 ? 1.324   -4.049  -9.625  1.00 12.95 ? 89  VAL A N   1 
ATOM   577 C CA  . VAL A 1 73 ? 0.029   -3.897  -8.973  1.00 12.63 ? 89  VAL A CA  1 
ATOM   578 C C   . VAL A 1 73 ? -0.862  -5.108  -9.269  1.00 13.35 ? 89  VAL A C   1 
ATOM   579 O O   . VAL A 1 73 ? -1.782  -5.415  -8.514  1.00 14.79 ? 89  VAL A O   1 
ATOM   580 C CB  . VAL A 1 73 ? -0.668  -2.592  -9.453  1.00 13.52 ? 89  VAL A CB  1 
ATOM   581 C CG1 . VAL A 1 73 ? -2.045  -2.460  -8.819  1.00 14.52 ? 89  VAL A CG1 1 
ATOM   582 C CG2 . VAL A 1 73 ? 0.203   -1.386  -9.086  1.00 13.76 ? 89  VAL A CG2 1 
ATOM   583 N N   . LYS A 1 74 ? -0.566  -5.802  -10.365 1.00 13.86 ? 90  LYS A N   1 
ATOM   584 C CA  . LYS A 1 74 ? -1.331  -6.984  -10.763 1.00 15.20 ? 90  LYS A CA  1 
ATOM   585 C C   . LYS A 1 74 ? -0.789  -8.284  -10.154 1.00 15.18 ? 90  LYS A C   1 
ATOM   586 O O   . LYS A 1 74 ? -1.347  -9.362  -10.385 1.00 15.92 ? 90  LYS A O   1 
ATOM   587 C CB  . LYS A 1 74 ? -1.350  -7.112  -12.290 1.00 16.64 ? 90  LYS A CB  1 
ATOM   588 C CG  . LYS A 1 74 ? -2.011  -5.952  -13.027 1.00 21.18 ? 90  LYS A CG  1 
ATOM   589 C CD  . LYS A 1 74 ? -1.958  -6.195  -14.533 1.00 26.75 ? 90  LYS A CD  1 
ATOM   590 C CE  . LYS A 1 74 ? -2.449  -4.999  -15.324 1.00 32.21 ? 90  LYS A CE  1 
ATOM   591 N NZ  . LYS A 1 74 ? -2.162  -5.151  -16.782 1.00 34.35 ? 90  LYS A NZ  1 
ATOM   592 N N   . ASN A 1 75 ? 0.299   -8.179  -9.393  1.00 14.76 ? 91  ASN A N   1 
ATOM   593 C CA  . ASN A 1 75 ? 0.872   -9.311  -8.649  1.00 15.39 ? 91  ASN A CA  1 
ATOM   594 C C   . ASN A 1 75 ? 1.190   -8.825  -7.233  1.00 15.02 ? 91  ASN A C   1 
ATOM   595 O O   . ASN A 1 75 ? 2.347   -8.715  -6.848  1.00 15.95 ? 91  ASN A O   1 
ATOM   596 C CB  . ASN A 1 75 ? 2.157   -9.796  -9.338  1.00 15.49 ? 91  ASN A CB  1 
ATOM   597 C CG  . ASN A 1 75 ? 2.729   -11.067 -8.708  1.00 18.53 ? 91  ASN A CG  1 
ATOM   598 O OD1 . ASN A 1 75 ? 2.064   -11.739 -7.926  1.00 20.61 ? 91  ASN A OD1 1 
ATOM   599 N ND2 . ASN A 1 75 ? 3.970   -11.392 -9.055  1.00 21.00 ? 91  ASN A ND2 1 
ATOM   600 N N   . PRO A 1 76 ? 0.150   -8.512  -6.449  1.00 16.33 ? 92  PRO A N   1 
ATOM   601 C CA  . PRO A 1 76 ? 0.273   -7.738  -5.205  1.00 16.50 ? 92  PRO A CA  1 
ATOM   602 C C   . PRO A 1 76 ? 0.807   -8.505  -3.999  1.00 17.30 ? 92  PRO A C   1 
ATOM   603 O O   . PRO A 1 76 ? 0.896   -7.954  -2.904  1.00 17.58 ? 92  PRO A O   1 
ATOM   604 C CB  . PRO A 1 76 ? -1.142  -7.229  -4.964  1.00 17.17 ? 92  PRO A CB  1 
ATOM   605 C CG  . PRO A 1 76 ? -2.009  -8.287  -5.586  1.00 18.88 ? 92  PRO A CG  1 
ATOM   606 C CD  . PRO A 1 76 ? -1.259  -8.766  -6.798  1.00 16.46 ? 92  PRO A CD  1 
ATOM   607 N N   . SER A 1 77 ? 1.166   -9.767  -4.194  1.00 17.77 ? 93  SER A N   1 
ATOM   608 C CA  . SER A 1 77 ? 1.630   -10.591 -3.081  1.00 19.11 ? 93  SER A CA  1 
ATOM   609 C C   . SER A 1 77 ? 2.614   -9.892  -2.136  1.00 18.68 ? 93  SER A C   1 
ATOM   610 O O   . SER A 1 77 ? 2.443   -9.939  -0.915  1.00 18.70 ? 93  SER A O   1 
ATOM   611 C CB  . SER A 1 77 ? 2.258   -11.880 -3.608  1.00 23.09 ? 93  SER A CB  1 
ATOM   612 O OG  . SER A 1 77 ? 2.665   -12.702 -2.530  1.00 27.72 ? 93  SER A OG  1 
ATOM   613 N N   . PRO A 1 78 ? 3.656   -9.231  -2.678  1.00 17.91 ? 94  PRO A N   1 
ATOM   614 C CA  . PRO A 1 78 ? 4.657   -8.559  -1.832  1.00 17.21 ? 94  PRO A CA  1 
ATOM   615 C C   . PRO A 1 78 ? 4.033   -7.489  -0.945  1.00 17.48 ? 94  PRO A C   1 
ATOM   616 O O   . PRO A 1 78 ? 4.476   -7.250  0.183   1.00 16.83 ? 94  PRO A O   1 
ATOM   617 C CB  . PRO A 1 78 ? 5.628   -7.934  -2.837  1.00 19.19 ? 94  PRO A CB  1 
ATOM   618 C CG  . PRO A 1 78 ? 5.419   -8.700  -4.098  1.00 20.61 ? 94  PRO A CG  1 
ATOM   619 C CD  . PRO A 1 78 ? 3.977   -9.103  -4.111  1.00 17.64 ? 94  PRO A CD  1 
ATOM   620 N N   . LEU A 1 79 ? 3.009   -6.832  -1.473  1.00 16.81 ? 95  LEU A N   1 
ATOM   621 C CA  . LEU A 1 79 ? 2.292   -5.815  -0.727  1.00 17.12 ? 95  LEU A CA  1 
ATOM   622 C C   . LEU A 1 79 ? 1.546   -6.460  0.439   1.00 17.71 ? 95  LEU A C   1 
ATOM   623 O O   . LEU A 1 79 ? 1.614   -5.985  1.573   1.00 16.21 ? 95  LEU A O   1 
ATOM   624 C CB  . LEU A 1 79 ? 1.299   -5.109  -1.646  1.00 19.24 ? 95  LEU A CB  1 
ATOM   625 C CG  . LEU A 1 79 ? 0.675   -3.824  -1.113  1.00 24.10 ? 95  LEU A CG  1 
ATOM   626 C CD1 . LEU A 1 79 ? 1.750   -2.743  -0.994  1.00 23.49 ? 95  LEU A CD1 1 
ATOM   627 C CD2 . LEU A 1 79 ? -0.427  -3.372  -2.062  1.00 28.67 ? 95  LEU A CD2 1 
ATOM   628 N N   . TYR A 1 80 ? 0.833   -7.548  0.155   1.00 18.77 ? 96  TYR A N   1 
ATOM   629 C CA  . TYR A 1 80 ? 0.040   -8.217  1.183   1.00 19.06 ? 96  TYR A CA  1 
ATOM   630 C C   . TYR A 1 80 ? 0.928   -8.806  2.277   1.00 19.05 ? 96  TYR A C   1 
ATOM   631 O O   . TYR A 1 80 ? 0.575   -8.768  3.454   1.00 18.33 ? 96  TYR A O   1 
ATOM   632 C CB  . TYR A 1 80 ? -0.808  -9.334  0.572   1.00 21.73 ? 96  TYR A CB  1 
ATOM   633 C CG  . TYR A 1 80 ? -1.867  -8.867  -0.400  1.00 25.20 ? 96  TYR A CG  1 
ATOM   634 C CD1 . TYR A 1 80 ? -2.320  -9.706  -1.415  1.00 27.18 ? 96  TYR A CD1 1 
ATOM   635 C CD2 . TYR A 1 80 ? -2.433  -7.604  -0.293  1.00 26.51 ? 96  TYR A CD2 1 
ATOM   636 C CE1 . TYR A 1 80 ? -3.310  -9.300  -2.291  1.00 27.94 ? 96  TYR A CE1 1 
ATOM   637 C CE2 . TYR A 1 80 ? -3.425  -7.188  -1.169  1.00 27.88 ? 96  TYR A CE2 1 
ATOM   638 C CZ  . TYR A 1 80 ? -3.860  -8.041  -2.164  1.00 28.44 ? 96  TYR A CZ  1 
ATOM   639 O OH  . TYR A 1 80 ? -4.851  -7.642  -3.034  1.00 31.57 ? 96  TYR A OH  1 
ATOM   640 N N   . GLU A 1 81 ? 2.078   -9.354  1.895   1.00 17.51 ? 97  GLU A N   1 
ATOM   641 C CA  . GLU A 1 81 ? 2.994   -9.917  2.882   1.00 18.46 ? 97  GLU A CA  1 
ATOM   642 C C   . GLU A 1 81 ? 3.595   -8.822  3.761   1.00 18.08 ? 97  GLU A C   1 
ATOM   643 O O   . GLU A 1 81 ? 3.813   -9.027  4.952   1.00 18.31 ? 97  GLU A O   1 
ATOM   644 C CB  . GLU A 1 81 ? 4.117   -10.700 2.194   1.00 20.14 ? 97  GLU A CB  1 
ATOM   645 C CG  . GLU A 1 81 ? 3.636   -11.914 1.411   1.00 26.40 ? 97  GLU A CG  1 
ATOM   646 C CD  . GLU A 1 81 ? 2.996   -12.969 2.298   1.00 31.30 ? 97  GLU A CD  1 
ATOM   647 O OE1 . GLU A 1 81 ? 1.937   -13.512 1.909   1.00 34.91 ? 97  GLU A OE1 1 
ATOM   648 O OE2 . GLU A 1 81 ? 3.550   -13.255 3.383   1.00 32.31 ? 97  GLU A OE2 1 
ATOM   649 N N   . MET A 1 82 ? 3.856   -7.657  3.177   1.00 15.92 ? 98  MET A N   1 
ATOM   650 C CA  . MET A 1 82 ? 4.336   -6.515  3.949   1.00 16.41 ? 98  MET A CA  1 
ATOM   651 C C   . MET A 1 82 ? 3.288   -6.102  4.983   1.00 17.27 ? 98  MET A C   1 
ATOM   652 O O   . MET A 1 82 ? 3.607   -5.861  6.153   1.00 17.18 ? 98  MET A O   1 
ATOM   653 C CB  . MET A 1 82 ? 4.640   -5.337  3.014   1.00 15.44 ? 98  MET A CB  1 
ATOM   654 C CG  . MET A 1 82 ? 5.184   -4.091  3.720   1.00 17.02 ? 98  MET A CG  1 
ATOM   655 S SD  . MET A 1 82 ? 3.912   -3.000  4.398   1.00 18.95 ? 98  MET A SD  1 
ATOM   656 C CE  . MET A 1 82 ? 3.180   -2.350  2.893   1.00 18.63 ? 98  MET A CE  1 
ATOM   657 N N   . LEU A 1 83 ? 2.034   -6.031  4.552   1.00 16.96 ? 99  LEU A N   1 
ATOM   658 C CA  . LEU A 1 83 ? 0.950   -5.661  5.457   1.00 18.75 ? 99  LEU A CA  1 
ATOM   659 C C   . LEU A 1 83 ? 0.792   -6.656  6.604   1.00 21.53 ? 99  LEU A C   1 
ATOM   660 O O   . LEU A 1 83 ? 0.534   -6.259  7.739   1.00 20.90 ? 99  LEU A O   1 
ATOM   661 C CB  . LEU A 1 83 ? -0.367  -5.543  4.685   1.00 19.41 ? 99  LEU A CB  1 
ATOM   662 C CG  . LEU A 1 83 ? -0.433  -4.378  3.695   1.00 20.98 ? 99  LEU A CG  1 
ATOM   663 C CD1 . LEU A 1 83 ? -1.802  -4.349  3.036   1.00 24.14 ? 99  LEU A CD1 1 
ATOM   664 C CD2 . LEU A 1 83 ? -0.163  -3.064  4.426   1.00 23.70 ? 99  LEU A CD2 1 
ATOM   665 N N   . LYS A 1 84 ? 0.957   -7.943  6.316   1.00 21.26 ? 100 LYS A N   1 
ATOM   666 C CA  . LYS A 1 84 ? 0.907   -8.950  7.369   1.00 25.18 ? 100 LYS A CA  1 
ATOM   667 C C   . LYS A 1 84 ? 1.993   -8.714  8.422   1.00 24.93 ? 100 LYS A C   1 
ATOM   668 O O   . LYS A 1 84 ? 1.765   -8.924  9.612   1.00 25.47 ? 100 LYS A O   1 
ATOM   669 C CB  . LYS A 1 84 ? 1.055   -10.353 6.772   1.00 26.08 ? 100 LYS A CB  1 
ATOM   670 C CG  . LYS A 1 84 ? -0.147  -10.801 5.952   1.00 31.17 ? 100 LYS A CG  1 
ATOM   671 C CD  . LYS A 1 84 ? 0.115   -12.131 5.267   1.00 34.55 ? 100 LYS A CD  1 
ATOM   672 C CE  . LYS A 1 84 ? -1.045  -12.528 4.364   1.00 36.80 ? 100 LYS A CE  1 
ATOM   673 N NZ  . LYS A 1 84 ? -0.708  -13.704 3.513   1.00 37.84 ? 100 LYS A NZ  1 
ATOM   674 N N   . ARG A 1 85 ? 3.166   -8.263  7.985   1.00 23.40 ? 101 ARG A N   1 
ATOM   675 C CA  . ARG A 1 85 ? 4.258   -7.965  8.909   1.00 22.59 ? 101 ARG A CA  1 
ATOM   676 C C   . ARG A 1 85 ? 4.055   -6.646  9.658   1.00 23.91 ? 101 ARG A C   1 
ATOM   677 O O   . ARG A 1 85 ? 4.623   -6.447  10.730  1.00 25.40 ? 101 ARG A O   1 
ATOM   678 C CB  . ARG A 1 85 ? 5.595   -7.903  8.164   1.00 23.66 ? 101 ARG A CB  1 
ATOM   679 C CG  . ARG A 1 85 ? 6.033   -9.202  7.524   1.00 23.73 ? 101 ARG A CG  1 
ATOM   680 C CD  . ARG A 1 85 ? 7.477   -9.107  7.047   1.00 25.10 ? 101 ARG A CD  1 
ATOM   681 N NE  . ARG A 1 85 ? 7.654   -8.097  6.002   1.00 23.55 ? 101 ARG A NE  1 
ATOM   682 C CZ  . ARG A 1 85 ? 7.533   -8.342  4.701   1.00 22.58 ? 101 ARG A CZ  1 
ATOM   683 N NH1 . ARG A 1 85 ? 7.233   -9.565  4.280   1.00 22.26 ? 101 ARG A NH1 1 
ATOM   684 N NH2 . ARG A 1 85 ? 7.708   -7.364  3.820   1.00 20.37 ? 101 ARG A NH2 1 
ATOM   685 N N   . ASN A 1 86 ? 3.255   -5.746  9.093   1.00 22.00 ? 102 ASN A N   1 
ATOM   686 C CA  . ASN A 1 86 ? 3.195   -4.376  9.595   1.00 22.77 ? 102 ASN A CA  1 
ATOM   687 C C   . ASN A 1 86 ? 1.824   -3.925  10.095  1.00 23.41 ? 102 ASN A C   1 
ATOM   688 O O   . ASN A 1 86 ? 1.617   -2.740  10.361  1.00 23.61 ? 102 ASN A O   1 
ATOM   689 C CB  . ASN A 1 86 ? 3.696   -3.406  8.519   1.00 21.37 ? 102 ASN A CB  1 
ATOM   690 C CG  . ASN A 1 86 ? 5.204   -3.465  8.339   1.00 23.27 ? 102 ASN A CG  1 
ATOM   691 O OD1 . ASN A 1 86 ? 5.952   -2.823  9.077   1.00 23.50 ? 102 ASN A OD1 1 
ATOM   692 N ND2 . ASN A 1 86 ? 5.658   -4.241  7.356   1.00 20.06 ? 102 ASN A ND2 1 
ATOM   693 N N   . LEU A 1 87 ? 0.888   -4.859  10.220  1.00 24.85 ? 103 LEU A N   1 
ATOM   694 C CA  . LEU A 1 87 ? -0.422  -4.531  10.769  1.00 25.98 ? 103 LEU A CA  1 
ATOM   695 C C   . LEU A 1 87 ? -0.718  -5.350  12.020  1.00 28.11 ? 103 LEU A C   1 
ATOM   696 O O   . LEU A 1 87 ? -0.608  -6.575  12.014  1.00 29.37 ? 103 LEU A O   1 
ATOM   697 C CB  . LEU A 1 87 ? -1.519  -4.774  9.729   1.00 24.86 ? 103 LEU A CB  1 
ATOM   698 C CG  . LEU A 1 87 ? -1.537  -3.859  8.501   1.00 23.02 ? 103 LEU A CG  1 
ATOM   699 C CD1 . LEU A 1 87 ? -2.734  -4.200  7.633   1.00 21.90 ? 103 LEU A CD1 1 
ATOM   700 C CD2 . LEU A 1 87 ? -1.596  -2.401  8.934   1.00 22.39 ? 103 LEU A CD2 1 
ATOM   701 N N   . VAL A 1 88 ? -1.087  -4.660  13.093  1.00 28.31 ? 104 VAL A N   1 
ATOM   702 C CA  . VAL A 1 88 ? -1.621  -5.317  14.279  1.00 29.87 ? 104 VAL A CA  1 
ATOM   703 C C   . VAL A 1 88 ? -3.135  -5.400  14.154  1.00 29.20 ? 104 VAL A C   1 
ATOM   704 O O   . VAL A 1 88 ? -3.803  -4.386  13.959  1.00 28.29 ? 104 VAL A O   1 
ATOM   705 C CB  . VAL A 1 88 ? -1.275  -4.528  15.559  1.00 30.32 ? 104 VAL A CB  1 
ATOM   706 C CG1 . VAL A 1 88 ? -1.970  -5.153  16.757  1.00 31.76 ? 104 VAL A CG1 1 
ATOM   707 C CG2 . VAL A 1 88 ? 0.230   -4.513  15.770  1.00 32.03 ? 104 VAL A CG2 1 
ATOM   708 N N   . ILE A 1 89 ? -3.678  -6.608  14.260  1.00 30.62 ? 105 ILE A N   1 
ATOM   709 C CA  . ILE A 1 89 ? -5.121  -6.787  14.156  1.00 32.45 ? 105 ILE A CA  1 
ATOM   710 C C   . ILE A 1 89 ? -5.768  -6.480  15.505  1.00 32.84 ? 105 ILE A C   1 
ATOM   711 O O   . ILE A 1 89 ? -5.359  -7.020  16.533  1.00 32.03 ? 105 ILE A O   1 
ATOM   712 C CB  . ILE A 1 89 ? -5.482  -8.231  13.756  1.00 33.92 ? 105 ILE A CB  1 
ATOM   713 C CG1 . ILE A 1 89 ? -4.683  -8.647  12.519  1.00 35.50 ? 105 ILE A CG1 1 
ATOM   714 C CG2 . ILE A 1 89 ? -6.972  -8.327  13.466  1.00 35.87 ? 105 ILE A CG2 1 
ATOM   715 C CD1 . ILE A 1 89 ? -4.846  -7.715  11.344  1.00 36.43 ? 105 ILE A CD1 1 
ATOM   716 N N   . LEU A 1 90 ? -6.771  -5.610  15.495  1.00 33.71 ? 106 LEU A N   1 
ATOM   717 C CA  . LEU A 1 90 ? -7.431  -5.200  16.730  1.00 36.25 ? 106 LEU A CA  1 
ATOM   718 C C   . LEU A 1 90 ? -8.749  -5.951  16.910  1.00 37.61 ? 106 LEU A C   1 
ATOM   719 O O   . LEU A 1 90 ? -9.197  -6.599  15.940  1.00 40.18 ? 106 LEU A O   1 
ATOM   720 C CB  . LEU A 1 90 ? -7.698  -3.690  16.708  1.00 35.04 ? 106 LEU A CB  1 
ATOM   721 C CG  . LEU A 1 90 ? -6.509  -2.765  16.413  1.00 33.31 ? 106 LEU A CG  1 
ATOM   722 C CD1 . LEU A 1 90 ? -6.999  -1.332  16.300  1.00 33.18 ? 106 LEU A CD1 1 
ATOM   723 C CD2 . LEU A 1 90 ? -5.463  -2.888  17.508  1.00 33.93 ? 106 LEU A CD2 1 
ATOM   724 O OXT . LEU A 1 90 ? -9.323  -5.878  18.015  1.00 40.30 ? 106 LEU A OXT 1 
HETATM 725 C C   . ACE B 2 1  ? -3.075  1.795   -19.847 1.00 25.12 ? 1   ACE B C   1 
HETATM 726 O O   . ACE B 2 1  ? -3.270  2.888   -20.379 1.00 27.32 ? 1   ACE B O   1 
HETATM 727 C CH3 . ACE B 2 1  ? -2.355  0.681   -20.592 1.00 26.57 ? 1   ACE B CH3 1 
ATOM   728 N N   . LEU B 2 2  ? -3.468  1.523   -18.609 1.00 23.45 ? 2   LEU B N   1 
ATOM   729 C CA  . LEU B 2 2  ? -4.209  2.488   -17.800 1.00 21.07 ? 2   LEU B CA  1 
ATOM   730 C C   . LEU B 2 2  ? -3.256  3.371   -16.997 1.00 19.10 ? 2   LEU B C   1 
ATOM   731 O O   . LEU B 2 2  ? -2.041  3.192   -17.051 1.00 18.72 ? 2   LEU B O   1 
ATOM   732 C CB  . LEU B 2 2  ? -5.151  1.753   -16.845 1.00 21.23 ? 2   LEU B CB  1 
ATOM   733 C CG  . LEU B 2 2  ? -6.114  0.744   -17.475 1.00 24.08 ? 2   LEU B CG  1 
ATOM   734 C CD1 . LEU B 2 2  ? -6.892  0.039   -16.374 1.00 22.94 ? 2   LEU B CD1 1 
ATOM   735 C CD2 . LEU B 2 2  ? -7.061  1.453   -18.443 1.00 23.42 ? 2   LEU B CD2 1 
ATOM   736 N N   . THR B 2 3  ? -3.809  4.330   -16.261 1.00 18.11 ? 3   THR B N   1 
ATOM   737 C CA  . THR B 2 3  ? -3.004  5.147   -15.353 1.00 18.18 ? 3   THR B CA  1 
ATOM   738 C C   . THR B 2 3  ? -2.798  4.398   -14.042 1.00 15.89 ? 3   THR B C   1 
ATOM   739 O O   . THR B 2 3  ? -3.552  3.477   -13.718 1.00 15.82 ? 3   THR B O   1 
ATOM   740 C CB  . THR B 2 3  ? -3.687  6.486   -15.020 1.00 18.74 ? 3   THR B CB  1 
ATOM   741 O OG1 . THR B 2 3  ? -4.911  6.234   -14.318 1.00 20.29 ? 3   THR B OG1 1 
ATOM   742 C CG2 . THR B 2 3  ? -3.978  7.271   -16.294 1.00 21.06 ? 3   THR B CG2 1 
ATOM   743 N N   . PHE B 2 4  ? -1.786  4.795   -13.279 1.00 15.26 ? 4   PHE B N   1 
ATOM   744 C CA  . PHE B 2 4  ? -1.570  4.181   -11.976 1.00 14.69 ? 4   PHE B CA  1 
ATOM   745 C C   . PHE B 2 4  ? -2.816  4.275   -11.092 1.00 16.00 ? 4   PHE B C   1 
ATOM   746 O O   . PHE B 2 4  ? -3.208  3.293   -10.459 1.00 14.42 ? 4   PHE B O   1 
ATOM   747 C CB  . PHE B 2 4  ? -0.388  4.825   -11.249 1.00 14.03 ? 4   PHE B CB  1 
ATOM   748 C CG  . PHE B 2 4  ? -0.232  4.339   -9.838  1.00 12.31 ? 4   PHE B CG  1 
ATOM   749 C CD1 . PHE B 2 4  ? 0.279   3.071   -9.583  1.00 12.65 ? 4   PHE B CD1 1 
ATOM   750 C CD2 . PHE B 2 4  ? -0.674  5.107   -8.773  1.00 13.69 ? 4   PHE B CD2 1 
ATOM   751 C CE1 . PHE B 2 4  ? 0.334   2.579   -8.287  1.00 13.93 ? 4   PHE B CE1 1 
ATOM   752 C CE2 . PHE B 2 4  ? -0.623  4.622   -7.476  1.00 15.13 ? 4   PHE B CE2 1 
ATOM   753 C CZ  . PHE B 2 4  ? -0.120  3.354   -7.232  1.00 15.48 ? 4   PHE B CZ  1 
HETATM 754 O O   . 0EH B 2 5  ? -6.244  3.929   -9.660  1.00 18.16 ? 5   0EH B O   1 
HETATM 755 C C   . 0EH B 2 5  ? -5.665  4.525   -10.572 1.00 17.55 ? 5   0EH B C   1 
HETATM 756 C CA  . 0EH B 2 5  ? -4.664  5.639   -10.266 1.00 17.20 ? 5   0EH B CA  1 
HETATM 757 C CAA . 0EH B 2 5  ? -5.290  6.996   -10.585 1.00 17.88 ? 5   0EH B CAA 1 
HETATM 758 C CAB . 0EH B 2 5  ? -4.199  5.703   -8.803  1.00 17.29 ? 5   0EH B CAB 1 
HETATM 759 N N   . 0EH B 2 5  ? -3.440  5.453   -11.050 1.00 16.09 ? 5   0EH B N   1 
HETATM 760 C CAO . 0EH B 2 5  ? -5.288  6.127   -7.788  1.00 19.19 ? 5   0EH B CAO 1 
HETATM 761 C CAP . 0EH B 2 5  ? -4.773  5.959   -6.346  1.00 20.73 ? 5   0EH B CAP 1 
HETATM 762 C CAQ . 0EH B 2 5  ? -5.732  6.621   -5.331  1.00 25.63 ? 5   0EH B CAQ 1 
HETATM 763 C CAR . 0EH B 2 5  ? -7.014  5.792   -5.156  1.00 27.54 ? 5   0EH B CAR 1 
HETATM 764 C CAS . 0EH B 2 5  ? -6.688  4.422   -4.545  1.00 29.05 ? 5   0EH B CAS 1 
HETATM 765 C CAT . 0EH B 2 5  ? -7.945  3.656   -4.216  1.00 29.94 ? 5   0EH B CAT 1 
ATOM   766 N N   . GLU B 2 6  ? -5.859  4.248   -11.857 1.00 17.10 ? 6   GLU B N   1 
ATOM   767 C CA  . GLU B 2 6  ? -6.836  3.258   -12.281 1.00 18.81 ? 6   GLU B CA  1 
ATOM   768 C C   . GLU B 2 6  ? -6.444  1.833   -11.880 1.00 18.96 ? 6   GLU B C   1 
ATOM   769 O O   . GLU B 2 6  ? -7.292  1.055   -11.437 1.00 19.23 ? 6   GLU B O   1 
ATOM   770 C CB  . GLU B 2 6  ? -7.046  3.351   -13.795 1.00 21.37 ? 6   GLU B CB  1 
ATOM   771 C CG  . GLU B 2 6  ? -7.708  4.658   -14.225 1.00 24.31 ? 6   GLU B CG  1 
ATOM   772 C CD  . GLU B 2 6  ? -7.777  4.822   -15.730 1.00 25.90 ? 6   GLU B CD  1 
ATOM   773 O OE1 . GLU B 2 6  ? -8.862  5.173   -16.238 1.00 32.70 ? 6   GLU B OE1 1 
ATOM   774 O OE2 . GLU B 2 6  ? -6.752  4.609   -16.409 1.00 25.38 ? 6   GLU B OE2 1 
ATOM   775 N N   . TYR B 2 7  ? -5.164  1.492   -12.010 1.00 18.04 ? 7   TYR B N   1 
ATOM   776 C CA  . TYR B 2 7  ? -4.707  0.167   -11.593 1.00 16.84 ? 7   TYR B CA  1 
ATOM   777 C C   . TYR B 2 7  ? -4.856  -0.040  -10.094 1.00 16.57 ? 7   TYR B C   1 
ATOM   778 O O   . TYR B 2 7  ? -5.274  -1.110  -9.650  1.00 15.35 ? 7   TYR B O   1 
ATOM   779 C CB  . TYR B 2 7  ? -3.247  -0.059  -11.985 1.00 16.17 ? 7   TYR B CB  1 
ATOM   780 C CG  . TYR B 2 7  ? -3.044  -0.341  -13.450 1.00 17.03 ? 7   TYR B CG  1 
ATOM   781 C CD1 . TYR B 2 7  ? -3.661  -1.426  -14.061 1.00 19.83 ? 7   TYR B CD1 1 
ATOM   782 C CD2 . TYR B 2 7  ? -2.226  0.470   -14.223 1.00 14.94 ? 7   TYR B CD2 1 
ATOM   783 C CE1 . TYR B 2 7  ? -3.468  -1.696  -15.406 1.00 17.92 ? 7   TYR B CE1 1 
ATOM   784 C CE2 . TYR B 2 7  ? -2.027  0.208   -15.564 1.00 16.19 ? 7   TYR B CE2 1 
ATOM   785 C CZ  . TYR B 2 7  ? -2.650  -0.875  -16.150 1.00 17.36 ? 7   TYR B CZ  1 
ATOM   786 O OH  . TYR B 2 7  ? -2.452  -1.134  -17.486 1.00 21.02 ? 7   TYR B OH  1 
ATOM   787 N N   . TRP B 2 8  ? -4.518  0.982   -9.309  1.00 14.11 ? 8   TRP B N   1 
ATOM   788 C CA  . TRP B 2 8  ? -4.570  0.836   -7.864  1.00 14.67 ? 8   TRP B CA  1 
ATOM   789 C C   . TRP B 2 8  ? -6.011  0.791   -7.372  1.00 16.10 ? 8   TRP B C   1 
ATOM   790 O O   . TRP B 2 8  ? -6.316  0.113   -6.395  1.00 17.65 ? 8   TRP B O   1 
ATOM   791 C CB  . TRP B 2 8  ? -3.829  1.983   -7.167  1.00 14.86 ? 8   TRP B CB  1 
ATOM   792 C CG  . TRP B 2 8  ? -3.521  1.669   -5.729  1.00 15.29 ? 8   TRP B CG  1 
ATOM   793 C CD1 . TRP B 2 8  ? -4.282  1.982   -4.637  1.00 14.65 ? 8   TRP B CD1 1 
ATOM   794 C CD2 . TRP B 2 8  ? -2.388  0.942   -5.232  1.00 16.11 ? 8   TRP B CD2 1 
ATOM   795 N NE1 . TRP B 2 8  ? -3.692  1.489   -3.494  1.00 16.82 ? 8   TRP B NE1 1 
ATOM   796 C CE2 . TRP B 2 8  ? -2.530  0.848   -3.833  1.00 17.95 ? 8   TRP B CE2 1 
ATOM   797 C CE3 . TRP B 2 8  ? -1.268  0.359   -5.837  1.00 16.43 ? 8   TRP B CE3 1 
ATOM   798 C CZ2 . TRP B 2 8  ? -1.596  0.195   -3.028  1.00 17.66 ? 8   TRP B CZ2 1 
ATOM   799 C CZ3 . TRP B 2 8  ? -0.338  -0.287  -5.036  1.00 16.71 ? 8   TRP B CZ3 1 
ATOM   800 C CH2 . TRP B 2 8  ? -0.510  -0.363  -3.647  1.00 18.00 ? 8   TRP B CH2 1 
ATOM   801 N N   . ALA B 2 9  ? -6.894  1.521   -8.045  1.00 17.75 ? 9   ALA B N   1 
ATOM   802 C CA  . ALA B 2 9  ? -8.311  1.483   -7.698  1.00 17.71 ? 9   ALA B CA  1 
ATOM   803 C C   . ALA B 2 9  ? -8.880  0.077   -7.896  1.00 18.22 ? 9   ALA B C   1 
ATOM   804 O O   . ALA B 2 9  ? -9.716  -0.372  -7.112  1.00 19.72 ? 9   ALA B O   1 
ATOM   805 C CB  . ALA B 2 9  ? -9.085  2.489   -8.544  1.00 18.19 ? 9   ALA B CB  1 
ATOM   806 N N   . GLN B 2 10 ? -8.426  -0.617  -8.940  1.00 18.91 ? 10  GLN B N   1 
ATOM   807 C CA  . GLN B 2 10 ? -8.829  -2.006  -9.173  1.00 20.91 ? 10  GLN B CA  1 
ATOM   808 C C   . GLN B 2 10 ? -8.354  -2.899  -8.032  1.00 21.69 ? 10  GLN B C   1 
ATOM   809 O O   . GLN B 2 10 ? -9.100  -3.754  -7.543  1.00 19.98 ? 10  GLN B O   1 
ATOM   810 C CB  . GLN B 2 10 ? -8.233  -2.540  -10.481 1.00 22.49 ? 10  GLN B CB  1 
ATOM   811 C CG  . GLN B 2 10 ? -8.849  -1.985  -11.750 1.00 27.73 ? 10  GLN B CG  1 
ATOM   812 C CD  . GLN B 2 10 ? -8.207  -2.562  -13.000 1.00 30.86 ? 10  GLN B CD  1 
ATOM   813 O OE1 . GLN B 2 10 ? -8.662  -2.315  -14.116 1.00 35.04 ? 10  GLN B OE1 1 
ATOM   814 N NE2 . GLN B 2 10 ? -7.140  -3.333  -12.816 1.00 33.80 ? 10  GLN B NE2 1 
ATOM   815 N N   . LEU B 2 11 ? -7.106  -2.701  -7.619  1.00 19.78 ? 11  LEU B N   1 
ATOM   816 C CA  . LEU B 2 11 ? -6.533  -3.481  -6.530  1.00 20.39 ? 11  LEU B CA  1 
ATOM   817 C C   . LEU B 2 11 ? -7.292  -3.230  -5.231  1.00 20.81 ? 11  LEU B C   1 
ATOM   818 O O   . LEU B 2 11 ? -7.670  -4.174  -4.531  1.00 21.04 ? 11  LEU B O   1 
ATOM   819 C CB  . LEU B 2 11 ? -5.056  -3.126  -6.341  1.00 19.62 ? 11  LEU B CB  1 
ATOM   820 C CG  . LEU B 2 11 ? -4.342  -3.836  -5.189  1.00 18.91 ? 11  LEU B CG  1 
ATOM   821 C CD1 . LEU B 2 11 ? -4.329  -5.342  -5.435  1.00 20.65 ? 11  LEU B CD1 1 
ATOM   822 C CD2 . LEU B 2 11 ? -2.920  -3.301  -5.061  1.00 21.40 ? 11  LEU B CD2 1 
HETATM 823 C C   . MK8 B 2 12 ? -9.565  -2.249  -3.598  1.00 25.94 ? 12  MK8 B C   1 
HETATM 824 N N   . MK8 B 2 12 ? -7.519  -1.957  -4.917  1.00 19.13 ? 12  MK8 B N   1 
HETATM 825 O O   . MK8 B 2 12 ? -9.988  -2.706  -2.535  1.00 25.54 ? 12  MK8 B O   1 
HETATM 826 C CA  . MK8 B 2 12 ? -8.192  -1.586  -3.677  1.00 23.37 ? 12  MK8 B CA  1 
HETATM 827 C CB  . MK8 B 2 12 ? -8.424  -0.079  -3.816  1.00 24.82 ? 12  MK8 B CB  1 
HETATM 828 C CD  . MK8 B 2 12 ? -9.279  2.080   -2.811  1.00 29.20 ? 12  MK8 B CD  1 
HETATM 829 C CE  . MK8 B 2 12 ? -8.027  2.843   -3.153  1.00 30.03 ? 12  MK8 B CE  1 
HETATM 830 C CG  . MK8 B 2 12 ? -8.964  0.598   -2.547  1.00 28.28 ? 12  MK8 B CG  1 
HETATM 831 C CB1 . MK8 B 2 12 ? -7.339  -1.996  -2.477  1.00 22.79 ? 12  MK8 B CB1 1 
ATOM   832 N N   . ALA B 2 13 ? -10.256 -2.298  -4.730  1.00 29.21 ? 13  ALA B N   1 
ATOM   833 C CA  . ALA B 2 13 ? -11.586 -2.888  -4.783  1.00 34.78 ? 13  ALA B CA  1 
ATOM   834 C C   . ALA B 2 13 ? -11.507 -4.394  -4.571  1.00 38.47 ? 13  ALA B C   1 
ATOM   835 O O   . ALA B 2 13 ? -12.390 -4.989  -3.954  1.00 40.14 ? 13  ALA B O   1 
ATOM   836 C CB  . ALA B 2 13 ? -12.241 -2.582  -6.126  1.00 33.24 ? 13  ALA B CB  1 
ATOM   837 N N   . ALA B 2 14 ? -10.440 -5.003  -5.080  1.00 41.90 ? 14  ALA B N   1 
ATOM   838 C CA  . ALA B 2 14 ? -10.266 -6.448  -4.998  1.00 46.39 ? 14  ALA B CA  1 
ATOM   839 C C   . ALA B 2 14 ? -9.907  -6.873  -3.581  1.00 50.38 ? 14  ALA B C   1 
ATOM   840 O O   . ALA B 2 14 ? -10.172 -8.004  -3.179  1.00 51.51 ? 14  ALA B O   1 
ATOM   841 C CB  . ALA B 2 14 ? -9.183  -6.895  -5.968  1.00 44.99 ? 14  ALA B CB  1 
ATOM   842 N N   . ALA B 2 15 ? -9.300  -5.961  -2.829  1.00 54.59 ? 15  ALA B N   1 
ATOM   843 C CA  . ALA B 2 15 ? -8.919  -6.247  -1.453  1.00 59.29 ? 15  ALA B CA  1 
ATOM   844 C C   . ALA B 2 15 ? -10.160 -6.528  -0.615  1.00 62.66 ? 15  ALA B C   1 
ATOM   845 O O   . ALA B 2 15 ? -11.112 -5.746  -0.614  1.00 63.51 ? 15  ALA B O   1 
ATOM   846 C CB  . ALA B 2 15 ? -8.146  -5.071  -0.868  1.00 59.22 ? 15  ALA B CB  1 
ATOM   847 N N   . ALA B 2 16 ? -10.141 -7.653  0.092   1.00 66.16 ? 16  ALA B N   1 
ATOM   848 C CA  . ALA B 2 16 ? -11.261 -8.061  0.932   1.00 69.48 ? 16  ALA B CA  1 
ATOM   849 C C   . ALA B 2 16 ? -10.771 -9.029  2.004   1.00 71.49 ? 16  ALA B C   1 
ATOM   850 O O   . ALA B 2 16 ? -11.414 -9.205  3.041   1.00 71.79 ? 16  ALA B O   1 
ATOM   851 C CB  . ALA B 2 16 ? -12.340 -8.722  0.080   1.00 69.45 ? 16  ALA B CB  1 
ATOM   852 N N   . ALA B 2 17 ? -9.628  -9.655  1.742   1.00 73.77 ? 17  ALA B N   1 
ATOM   853 C CA  . ALA B 2 17 ? -9.015  -10.581 2.686   1.00 75.78 ? 17  ALA B CA  1 
ATOM   854 C C   . ALA B 2 17 ? -7.560  -10.833 2.299   1.00 77.20 ? 17  ALA B C   1 
ATOM   855 O O   . ALA B 2 17 ? -6.740  -9.914  2.310   1.00 77.66 ? 17  ALA B O   1 
ATOM   856 C CB  . ALA B 2 17 ? -9.788  -11.894 2.706   1.00 76.11 ? 17  ALA B CB  1 
HETATM 857 N N   . DAL B 2 18 ? -7.250  -12.080 1.952   1.00 78.55 ? 18  DAL B N   1 
HETATM 858 C CA  . DAL B 2 18 ? -5.901  -12.464 1.543   1.00 79.48 ? 18  DAL B CA  1 
HETATM 859 C CB  . DAL B 2 18 ? -4.885  -12.027 2.598   1.00 79.85 ? 18  DAL B CB  1 
HETATM 860 C C   . DAL B 2 18 ? -5.533  -11.869 0.185   1.00 79.70 ? 18  DAL B C   1 
HETATM 861 O O   . DAL B 2 18 ? -5.188  -12.654 -0.723  1.00 79.93 ? 18  DAL B O   1 
HETATM 862 O OXT . DAL B 2 18 ? -5.591  -10.628 0.047   1.00 79.62 ? 18  DAL B OXT 1 
HETATM 863 O O   . HOH C 3 .  ? -9.945  -4.128  7.431   1.00 35.78 ? 201 HOH A O   1 
HETATM 864 O O   . HOH C 3 .  ? -4.339  12.090  1.296   1.00 42.65 ? 202 HOH A O   1 
HETATM 865 O O   . HOH C 3 .  ? 0.226   -11.749 -6.193  1.00 23.83 ? 203 HOH A O   1 
HETATM 866 O O   . HOH C 3 .  ? 5.088   10.543  8.236   1.00 43.49 ? 204 HOH A O   1 
HETATM 867 O O   . HOH C 3 .  ? -5.819  -9.427  -4.715  1.00 35.55 ? 205 HOH A O   1 
HETATM 868 O O   . HOH C 3 .  ? -2.163  12.511  -1.632  1.00 49.03 ? 206 HOH A O   1 
HETATM 869 O O   . HOH C 3 .  ? 8.366   -3.238  10.061  1.00 31.29 ? 207 HOH A O   1 
HETATM 870 O O   . HOH C 3 .  ? 17.713  -1.102  0.536   1.00 29.74 ? 208 HOH A O   1 
HETATM 871 O O   . HOH C 3 .  ? 6.918   -7.923  1.049   1.00 18.99 ? 209 HOH A O   1 
HETATM 872 O O   . HOH C 3 .  ? -0.769  -8.939  10.727  1.00 31.90 ? 210 HOH A O   1 
HETATM 873 O O   . HOH C 3 .  ? 2.348   -4.029  -20.385 1.00 43.76 ? 211 HOH A O   1 
HETATM 874 O O   . HOH C 3 .  ? 3.423   11.231  -13.612 0.50 20.24 ? 212 HOH A O   1 
HETATM 875 O O   . HOH C 3 .  ? 9.912   9.305   -0.190  1.00 37.03 ? 213 HOH A O   1 
HETATM 876 O O   . HOH C 3 .  ? 4.716   -7.953  -7.934  1.00 14.83 ? 214 HOH A O   1 
HETATM 877 O O   . HOH C 3 .  ? 8.954   4.180   6.936   1.00 22.82 ? 215 HOH A O   1 
HETATM 878 O O   . HOH C 3 .  ? 6.081   10.620  -13.133 1.00 32.09 ? 216 HOH A O   1 
HETATM 879 O O   . HOH C 3 .  ? 9.522   10.696  -5.131  1.00 32.12 ? 217 HOH A O   1 
HETATM 880 O O   . HOH C 3 .  ? -10.257 5.813   -2.065  1.00 46.58 ? 218 HOH A O   1 
HETATM 881 O O   . HOH C 3 .  ? 8.374   -7.953  -6.719  1.00 36.57 ? 219 HOH A O   1 
HETATM 882 O O   . HOH C 3 .  ? -12.903 0.834   4.638   1.00 60.33 ? 220 HOH A O   1 
HETATM 883 O O   . HOH C 3 .  ? 13.582  -0.760  -9.205  1.00 26.25 ? 221 HOH A O   1 
HETATM 884 O O   . HOH C 3 .  ? 2.116   -7.819  12.425  1.00 38.26 ? 222 HOH A O   1 
HETATM 885 O O   . HOH C 3 .  ? 14.204  0.824   -0.829  1.00 26.51 ? 223 HOH A O   1 
HETATM 886 O O   . HOH C 3 .  ? 2.741   2.342   15.268  1.00 32.49 ? 224 HOH A O   1 
HETATM 887 O O   . HOH C 3 .  ? -7.798  11.349  3.620   1.00 52.02 ? 225 HOH A O   1 
HETATM 888 O O   . HOH C 3 .  ? 11.380  8.418   -3.555  1.00 24.77 ? 226 HOH A O   1 
HETATM 889 O O   . HOH C 3 .  ? -4.498  -5.593  -9.148  1.00 27.87 ? 227 HOH A O   1 
HETATM 890 O O   . HOH C 3 .  ? 14.289  -4.192  3.524   1.00 35.82 ? 228 HOH A O   1 
HETATM 891 O O   . HOH C 3 .  ? 1.590   12.559  -9.009  1.00 15.01 ? 229 HOH A O   1 
HETATM 892 O O   . HOH C 3 .  ? 0.618   14.943  3.075   1.00 56.49 ? 230 HOH A O   1 
HETATM 893 O O   . HOH C 3 .  ? 4.665   -2.480  16.512  1.00 42.50 ? 231 HOH A O   1 
HETATM 894 O O   . HOH C 3 .  ? 10.528  2.227   5.764   1.00 23.43 ? 232 HOH A O   1 
HETATM 895 O O   . HOH C 3 .  ? 18.418  3.284   -4.416  1.00 45.58 ? 233 HOH A O   1 
HETATM 896 O O   . HOH C 3 .  ? 0.544   -0.645  -18.214 1.00 22.32 ? 234 HOH A O   1 
HETATM 897 O O   . HOH C 3 .  ? -3.904  -9.796  -11.539 1.00 39.47 ? 235 HOH A O   1 
HETATM 898 O O   . HOH C 3 .  ? 4.106   -11.764 5.734   1.00 34.65 ? 236 HOH A O   1 
HETATM 899 O O   . HOH C 3 .  ? 7.207   -7.091  11.752  1.00 48.55 ? 237 HOH A O   1 
HETATM 900 O O   . HOH C 3 .  ? 3.532   14.885  2.519   1.00 34.39 ? 238 HOH A O   1 
HETATM 901 O O   . HOH C 3 .  ? 9.514   9.639   -11.225 1.00 49.37 ? 239 HOH A O   1 
HETATM 902 O O   . HOH C 3 .  ? -2.172  -8.943  14.963  1.00 41.84 ? 240 HOH A O   1 
HETATM 903 O O   . HOH C 3 .  ? 4.097   9.122   -18.492 1.00 46.49 ? 241 HOH A O   1 
HETATM 904 O O   . HOH C 3 .  ? 6.995   8.315   -12.333 1.00 26.29 ? 242 HOH A O   1 
HETATM 905 O O   . HOH C 3 .  ? 8.783   1.040   -18.930 1.00 52.84 ? 243 HOH A O   1 
HETATM 906 O O   . HOH C 3 .  ? 8.662   -2.096  -17.243 1.00 47.42 ? 244 HOH A O   1 
HETATM 907 O O   . HOH C 3 .  ? 10.981  -4.731  6.026   1.00 29.17 ? 245 HOH A O   1 
HETATM 908 O O   . HOH C 3 .  ? -11.057 -3.020  4.700   1.00 34.83 ? 246 HOH A O   1 
HETATM 909 O O   . HOH C 3 .  ? 3.157   14.367  -7.455  1.00 18.03 ? 247 HOH A O   1 
HETATM 910 O O   . HOH C 3 .  ? 10.504  5.281   -8.961  1.00 27.50 ? 248 HOH A O   1 
HETATM 911 O O   . HOH C 3 .  ? -2.203  10.915  14.590  1.00 63.52 ? 249 HOH A O   1 
HETATM 912 O O   . HOH C 3 .  ? -0.603  13.268  8.118   1.00 46.21 ? 250 HOH A O   1 
HETATM 913 O O   . HOH C 3 .  ? -6.640  11.023  1.007   1.00 37.72 ? 251 HOH A O   1 
HETATM 914 O O   . HOH C 3 .  ? 0.307   -13.602 -0.977  1.00 51.76 ? 252 HOH A O   1 
HETATM 915 O O   . HOH C 3 .  ? 12.299  4.415   -5.565  1.00 26.44 ? 253 HOH A O   1 
HETATM 916 O O   . HOH C 3 .  ? 8.946   13.582  -10.690 1.00 36.62 ? 254 HOH A O   1 
HETATM 917 O O   . HOH C 3 .  ? 8.418   -5.313  6.860   1.00 24.30 ? 255 HOH A O   1 
HETATM 918 O O   . HOH C 3 .  ? 9.339   5.555   -11.468 1.00 24.52 ? 256 HOH A O   1 
HETATM 919 O O   . HOH C 3 .  ? 9.777   -10.446 1.267   1.00 30.31 ? 257 HOH A O   1 
HETATM 920 O O   . HOH C 3 .  ? -11.423 2.943   10.508  1.00 50.10 ? 258 HOH A O   1 
HETATM 921 O O   . HOH C 3 .  ? 7.221   -10.560 1.428   1.00 42.21 ? 259 HOH A O   1 
HETATM 922 O O   . HOH C 3 .  ? 6.766   -12.193 5.704   1.00 38.17 ? 260 HOH A O   1 
HETATM 923 O O   . HOH C 3 .  ? 8.946   10.250  2.297   1.00 48.77 ? 261 HOH A O   1 
HETATM 924 O O   . HOH C 3 .  ? 8.366   8.017   3.610   1.00 35.92 ? 262 HOH A O   1 
HETATM 925 O O   . HOH C 3 .  ? 6.091   -0.427  15.575  1.00 39.72 ? 263 HOH A O   1 
HETATM 926 O O   . HOH C 3 .  ? 9.799   9.699   -8.681  1.00 31.35 ? 264 HOH A O   1 
HETATM 927 O O   . HOH C 3 .  ? 5.327   -9.174  -10.709 1.00 24.06 ? 265 HOH A O   1 
HETATM 928 O O   . HOH C 3 .  ? 9.714   5.371   -15.075 1.00 43.46 ? 266 HOH A O   1 
HETATM 929 O O   . HOH C 3 .  ? 12.487  -6.246  -7.544  1.00 30.74 ? 267 HOH A O   1 
HETATM 930 O O   . HOH C 3 .  ? 14.718  4.992   1.307   1.00 35.07 ? 268 HOH A O   1 
HETATM 931 O O   . HOH C 3 .  ? 4.213   10.356  11.223  1.00 46.47 ? 269 HOH A O   1 
HETATM 932 O O   . HOH C 3 .  ? 0.683   4.534   -19.877 1.00 38.46 ? 270 HOH A O   1 
HETATM 933 O O   . HOH C 3 .  ? -12.801 0.364   -3.630  1.00 41.83 ? 271 HOH A O   1 
HETATM 934 O O   . HOH C 3 .  ? 5.830   -12.051 -2.251  1.00 42.90 ? 272 HOH A O   1 
HETATM 935 O O   . HOH C 3 .  ? 9.420   3.959   12.208  1.00 42.76 ? 273 HOH A O   1 
HETATM 936 O O   . HOH C 3 .  ? -6.054  13.435  3.611   1.00 47.53 ? 274 HOH A O   1 
HETATM 937 O O   . HOH C 3 .  ? 14.095  0.117   -11.752 1.00 40.59 ? 275 HOH A O   1 
HETATM 938 O O   . HOH C 3 .  ? 10.224  8.546   8.239   1.00 49.11 ? 276 HOH A O   1 
HETATM 939 O O   . HOH C 3 .  ? -2.399  -8.732  -17.351 1.00 43.18 ? 277 HOH A O   1 
HETATM 940 O O   . HOH C 3 .  ? 14.445  -5.541  6.217   1.00 47.46 ? 278 HOH A O   1 
HETATM 941 O O   . HOH C 3 .  ? 18.788  1.884   3.792   1.00 48.17 ? 279 HOH A O   1 
HETATM 942 O O   . HOH C 3 .  ? 6.641   -3.469  -23.193 1.00 41.81 ? 280 HOH A O   1 
HETATM 943 O O   . HOH C 3 .  ? 8.100   -5.992  -11.104 1.00 52.40 ? 281 HOH A O   1 
HETATM 944 O O   . HOH C 3 .  ? 12.257  7.063   -5.646  1.00 35.58 ? 282 HOH A O   1 
HETATM 945 O O   . HOH C 3 .  ? 13.547  2.809   -12.339 1.00 48.81 ? 283 HOH A O   1 
HETATM 946 O O   . HOH C 3 .  ? 8.904   13.305  -3.879  1.00 34.71 ? 284 HOH A O   1 
HETATM 947 O O   . HOH C 3 .  ? 8.926   -3.457  -21.811 1.00 44.53 ? 285 HOH A O   1 
HETATM 948 O O   . HOH C 3 .  ? 8.951   -5.835  9.447   1.00 43.50 ? 286 HOH A O   1 
HETATM 949 O O   . HOH C 3 .  ? 10.045  12.960  -13.408 1.00 48.40 ? 287 HOH A O   1 
HETATM 950 O O   . HOH C 3 .  ? 11.324  7.557   -8.131  1.00 37.21 ? 288 HOH A O   1 
HETATM 951 O O   . HOH C 3 .  ? 12.686  4.929   -10.821 1.00 42.50 ? 289 HOH A O   1 
HETATM 952 O O   . HOH C 3 .  ? 15.615  -2.683  -8.211  1.00 43.72 ? 290 HOH A O   1 
HETATM 953 O O   . HOH C 3 .  ? 1.195   -1.678  -20.668 1.00 43.21 ? 291 HOH A O   1 
HETATM 954 O O   . HOH C 3 .  ? 4.967   -11.858 10.174  1.00 49.22 ? 292 HOH A O   1 
HETATM 955 O O   . HOH C 3 .  ? 3.572   -12.668 8.216   1.00 45.48 ? 293 HOH A O   1 
HETATM 956 O O   . HOH C 3 .  ? 10.505  4.530   9.339   1.00 27.52 ? 294 HOH A O   1 
HETATM 957 O O   . HOH C 3 .  ? 4.777   14.749  -1.702  1.00 33.13 ? 295 HOH A O   1 
HETATM 958 O O   . HOH C 3 .  ? 12.125  -3.775  8.396   1.00 44.40 ? 296 HOH A O   1 
HETATM 959 O O   . HOH C 3 .  ? 11.542  0.204   7.423   1.00 40.17 ? 297 HOH A O   1 
HETATM 960 O O   . HOH C 3 .  ? 4.223   5.218   15.527  1.00 53.33 ? 298 HOH A O   1 
HETATM 961 O O   . HOH C 3 .  ? 10.487  -1.847  9.035   1.00 47.68 ? 299 HOH A O   1 
HETATM 962 O O   . HOH C 3 .  ? 9.380   6.695   6.023   1.00 26.78 ? 300 HOH A O   1 
HETATM 963 O O   . HOH C 3 .  ? 1.085   16.881  0.839   1.00 39.57 ? 301 HOH A O   1 
HETATM 964 O O   . HOH D 3 .  ? -3.585  5.448   -19.809 1.00 36.90 ? 101 HOH B O   1 
HETATM 965 O O   . HOH D 3 .  ? -11.218 -4.714  -8.819  1.00 37.45 ? 102 HOH B O   1 
HETATM 966 O O   . HOH D 3 .  ? -11.652 1.098   -5.962  1.00 29.72 ? 103 HOH B O   1 
HETATM 967 O O   . HOH D 3 .  ? -4.150  -2.990  -18.449 1.00 58.54 ? 104 HOH B O   1 
HETATM 968 O O   . HOH D 3 .  ? -6.450  8.422   -13.917 1.00 21.57 ? 105 HOH B O   1 
HETATM 969 O O   . HOH D 3 .  ? -9.915  1.532   -11.984 1.00 25.80 ? 106 HOH B O   1 
HETATM 970 O O   . HOH D 3 .  ? -6.316  5.620   -18.945 1.00 29.85 ? 107 HOH B O   1 
HETATM 971 O O   . HOH D 3 .  ? -4.859  -3.541  -10.953 1.00 21.02 ? 108 HOH B O   1 
HETATM 972 O O   . HOH D 3 .  ? -1.749  3.424   -22.671 1.00 46.51 ? 109 HOH B O   1 
HETATM 973 O O   . HOH D 3 .  ? -8.240  -3.695  -16.554 1.00 45.59 ? 110 HOH B O   1 
HETATM 974 O O   . HOH D 3 .  ? 0.283   2.081   -18.265 1.00 19.19 ? 111 HOH B O   1 
HETATM 975 O O   . HOH D 3 .  ? -12.629 -9.102  -4.120  1.00 43.61 ? 112 HOH B O   1 
HETATM 976 O O   . HOH D 3 .  ? -10.393 2.426   -16.045 1.00 46.89 ? 113 HOH B O   1 
HETATM 977 O O   . HOH D 3 .  ? -9.616  4.485   -19.223 1.00 50.41 ? 114 HOH B O   1 
HETATM 978 O O   . HOH D 3 .  ? -8.842  5.876   -10.138 1.00 40.89 ? 115 HOH B O   1 
HETATM 979 O O   . HOH D 3 .  ? -1.032  6.180   -18.563 1.00 40.59 ? 116 HOH B O   1 
HETATM 980 O O   . HOH D 3 .  ? -11.808 0.104   -10.510 1.00 33.77 ? 117 HOH B O   1 
HETATM 981 O O   . HOH D 3 .  ? -8.823  -7.100  -9.603  1.00 63.34 ? 118 HOH B O   1 
HETATM 982 O O   . HOH D 3 .  ? -10.920 -4.538  -11.612 1.00 45.26 ? 119 HOH B O   1 
HETATM 983 O O   . HOH D 3 .  ? -10.605 -1.525  -17.803 1.00 54.64 ? 120 HOH B O   1 
HETATM 984 O O   . HOH D 3 .  ? -7.024  8.058   -18.948 1.00 37.25 ? 121 HOH B O   1 
HETATM 985 O O   . HOH D 3 .  ? -10.825 4.079   -11.726 1.00 37.82 ? 122 HOH B O   1 
HETATM 986 O O   . HOH D 3 .  ? -11.570 4.007   -5.977  1.00 46.49 ? 123 HOH B O   1 
HETATM 987 O O   . HOH D 3 .  ? -10.949 -9.112  -8.381  1.00 38.39 ? 124 HOH B O   1 
HETATM 988 O O   . HOH D 3 .  ? -12.607 3.992   -9.644  1.00 36.08 ? 125 HOH B O   1 
# 
